data_3U40
#
_entry.id   3U40
#
_cell.length_a   86.277
_cell.length_b   101.202
_cell.length_c   167.264
_cell.angle_alpha   90.000
_cell.angle_beta   90.000
_cell.angle_gamma   90.000
#
_symmetry.space_group_name_H-M   'P 21 21 21'
#
loop_
_entity.id
_entity.type
_entity.pdbx_description
1 polymer 'Purine nucleoside phosphorylase'
2 non-polymer ADENOSINE
3 non-polymer 'NITRATE ION'
4 non-polymer 'PHOSPHATE ION'
5 water water
#
_entity_poly.entity_id   1
_entity_poly.type   'polypeptide(L)'
_entity_poly.pdbx_seq_one_letter_code
;GPGSMAEHCPTPHNGAKYGEIAETVLMAGDPLRVKLLADTYLTDVVQYNSVRGAVGYTGYYKGVKLSVQAHGMGMPSIGI
YAYELFNFYGVKRIIRIGSAGAFDESLKLGDIVIGMGACYDSNFERQYDIPGKYSCIADFQLCREAVDAAEKLGYRYKVG
NIYSANYFYDDGDHSGAWKKMGVLAVEMEAAALYMIAARARKQALCMLTISDLCYGSGEKMTAEERRTKFTQMMEVALSL
AK
;
_entity_poly.pdbx_strand_id   A,B,C,D,E,F
#
loop_
_chem_comp.id
_chem_comp.type
_chem_comp.name
_chem_comp.formula
ADN non-polymer ADENOSINE 'C10 H13 N5 O4'
NO3 non-polymer 'NITRATE ION' 'N O3 -1'
PO4 non-polymer 'PHOSPHATE ION' 'O4 P -3'
#
# COMPACT_ATOMS: atom_id res chain seq x y z
N MET A 5 11.13 -20.14 -28.78
CA MET A 5 10.36 -21.45 -28.72
C MET A 5 9.38 -21.70 -29.88
N ALA A 6 9.87 -22.35 -30.94
CA ALA A 6 9.09 -22.60 -32.17
C ALA A 6 7.73 -23.29 -31.92
N GLU A 7 7.72 -24.19 -30.93
CA GLU A 7 6.50 -24.88 -30.54
C GLU A 7 5.36 -23.96 -30.04
N HIS A 8 5.66 -22.73 -29.59
CA HIS A 8 4.61 -21.81 -29.07
C HIS A 8 4.07 -20.81 -30.06
N CYS A 9 4.49 -20.93 -31.31
CA CYS A 9 4.05 -20.03 -32.38
C CYS A 9 3.32 -20.92 -33.36
N PRO A 10 2.21 -20.43 -33.95
CA PRO A 10 1.61 -19.09 -33.70
C PRO A 10 0.96 -19.00 -32.31
N THR A 11 0.68 -17.79 -31.81
CA THR A 11 0.07 -17.65 -30.48
C THR A 11 -1.41 -17.24 -30.63
N PRO A 12 -2.16 -17.10 -29.51
CA PRO A 12 -3.54 -16.63 -29.71
C PRO A 12 -3.64 -15.18 -30.19
N HIS A 13 -2.54 -14.43 -30.15
CA HIS A 13 -2.55 -13.02 -30.62
C HIS A 13 -1.73 -12.71 -31.82
N ASN A 14 -1.11 -13.72 -32.41
CA ASN A 14 -0.14 -13.49 -33.45
C ASN A 14 -0.08 -14.71 -34.35
N GLY A 15 -0.40 -14.49 -35.62
CA GLY A 15 -0.45 -15.60 -36.58
C GLY A 15 0.89 -16.04 -37.14
N ALA A 16 1.97 -15.31 -36.83
CA ALA A 16 3.30 -15.65 -37.32
C ALA A 16 3.81 -16.98 -36.78
N LYS A 17 4.51 -17.72 -37.63
CA LYS A 17 5.30 -18.86 -37.18
C LYS A 17 6.69 -18.32 -36.74
N TYR A 18 7.42 -19.12 -35.97
CA TYR A 18 8.74 -18.72 -35.52
C TYR A 18 9.67 -18.45 -36.70
N GLY A 19 10.44 -17.37 -36.66
CA GLY A 19 11.31 -17.05 -37.79
C GLY A 19 10.70 -16.08 -38.78
N GLU A 20 9.38 -15.90 -38.72
CA GLU A 20 8.69 -14.93 -39.56
C GLU A 20 8.86 -13.50 -39.01
N ILE A 21 9.28 -13.41 -37.74
CA ILE A 21 9.49 -12.12 -37.10
C ILE A 21 10.98 -11.98 -36.93
N ALA A 22 11.52 -10.81 -37.29
CA ALA A 22 12.96 -10.54 -37.20
C ALA A 22 13.40 -10.37 -35.78
N GLU A 23 14.70 -10.25 -35.60
CA GLU A 23 15.23 -10.12 -34.24
C GLU A 23 15.07 -8.71 -33.67
N THR A 24 14.86 -7.73 -34.55
CA THR A 24 14.51 -6.36 -34.17
C THR A 24 13.05 -6.09 -34.58
N VAL A 25 12.24 -5.62 -33.64
CA VAL A 25 10.85 -5.28 -33.92
C VAL A 25 10.61 -3.82 -33.48
N LEU A 26 10.07 -3.01 -34.38
CA LEU A 26 9.60 -1.68 -34.12
C LEU A 26 8.12 -1.82 -33.88
N MET A 27 7.62 -1.28 -32.78
CA MET A 27 6.20 -1.42 -32.51
C MET A 27 5.58 -0.02 -32.36
N ALA A 28 4.35 0.12 -32.86
CA ALA A 28 3.55 1.33 -32.60
C ALA A 28 2.13 0.92 -32.24
N GLY A 29 1.38 1.81 -31.62
CA GLY A 29 0.03 1.45 -31.15
C GLY A 29 -0.94 1.18 -32.30
N ASP A 30 -0.82 1.98 -33.37
CA ASP A 30 -1.84 2.09 -34.40
C ASP A 30 -1.53 1.27 -35.64
N PRO A 31 -2.37 0.27 -35.96
CA PRO A 31 -2.09 -0.60 -37.15
C PRO A 31 -2.00 0.18 -38.48
N LEU A 32 -2.71 1.30 -38.59
CA LEU A 32 -2.64 2.11 -39.81
C LEU A 32 -1.25 2.78 -39.92
N ARG A 33 -0.70 3.19 -38.78
CA ARG A 33 0.66 3.71 -38.77
C ARG A 33 1.75 2.63 -39.04
N VAL A 34 1.55 1.43 -38.52
CA VAL A 34 2.46 0.32 -38.74
C VAL A 34 2.49 -0.02 -40.23
N LYS A 35 1.32 -0.07 -40.86
CA LYS A 35 1.21 -0.28 -42.28
C LYS A 35 1.96 0.80 -43.07
N LEU A 36 1.73 2.05 -42.72
CA LEU A 36 2.43 3.15 -43.36
C LEU A 36 3.96 3.00 -43.22
N LEU A 37 4.44 2.64 -42.02
CA LEU A 37 5.85 2.44 -41.80
C LEU A 37 6.41 1.35 -42.72
N ALA A 38 5.73 0.20 -42.80
CA ALA A 38 6.19 -0.91 -43.66
C ALA A 38 6.26 -0.47 -45.15
N ASP A 39 5.18 0.17 -45.64
CA ASP A 39 5.13 0.67 -47.03
C ASP A 39 6.15 1.75 -47.35
N THR A 40 6.39 2.65 -46.42
CA THR A 40 7.30 3.75 -46.68
C THR A 40 8.77 3.34 -46.61
N TYR A 41 9.13 2.45 -45.68
CA TYR A 41 10.53 2.26 -45.35
C TYR A 41 11.11 0.90 -45.64
N LEU A 42 10.26 -0.11 -45.73
CA LEU A 42 10.76 -1.47 -45.82
C LEU A 42 10.68 -2.01 -47.25
N THR A 43 11.59 -2.92 -47.58
CA THR A 43 11.49 -3.60 -48.88
C THR A 43 11.23 -5.06 -48.65
N ASP A 44 10.71 -5.72 -49.68
CA ASP A 44 10.46 -7.14 -49.62
C ASP A 44 9.50 -7.50 -48.47
N VAL A 45 8.41 -6.73 -48.33
CA VAL A 45 7.52 -6.79 -47.16
C VAL A 45 6.62 -8.01 -47.22
N VAL A 46 6.59 -8.75 -46.12
CA VAL A 46 5.61 -9.82 -45.94
C VAL A 46 4.79 -9.51 -44.70
N GLN A 47 3.47 -9.67 -44.78
CA GLN A 47 2.62 -9.51 -43.61
C GLN A 47 2.59 -10.82 -42.85
N TYR A 48 2.95 -10.85 -41.56
CA TYR A 48 2.86 -12.14 -40.81
C TYR A 48 1.67 -12.23 -39.84
N ASN A 49 1.02 -11.10 -39.58
CA ASN A 49 -0.07 -11.11 -38.63
C ASN A 49 -1.20 -10.19 -39.04
N SER A 50 -2.42 -10.70 -38.85
CA SER A 50 -3.64 -9.88 -38.95
C SER A 50 -4.59 -10.22 -37.80
N VAL A 51 -4.17 -11.13 -36.92
CA VAL A 51 -4.94 -11.45 -35.70
C VAL A 51 -5.35 -10.19 -34.90
N ARG A 52 -6.67 -10.06 -34.64
CA ARG A 52 -7.24 -8.88 -33.94
C ARG A 52 -6.95 -7.54 -34.62
N GLY A 53 -6.61 -7.59 -35.91
CA GLY A 53 -6.25 -6.40 -36.67
C GLY A 53 -4.93 -5.79 -36.23
N ALA A 54 -4.16 -6.52 -35.41
CA ALA A 54 -2.87 -6.00 -34.91
C ALA A 54 -1.76 -6.38 -35.91
N VAL A 55 -1.73 -5.64 -37.01
CA VAL A 55 -0.94 -6.07 -38.14
C VAL A 55 0.54 -6.05 -37.79
N GLY A 56 1.26 -7.04 -38.33
CA GLY A 56 2.70 -7.10 -38.28
C GLY A 56 3.30 -7.43 -39.65
N TYR A 57 4.39 -6.76 -39.98
CA TYR A 57 5.10 -6.98 -41.25
C TYR A 57 6.59 -7.19 -41.00
N THR A 58 7.23 -7.95 -41.88
CA THR A 58 8.66 -8.15 -41.86
C THR A 58 9.23 -7.80 -43.25
N GLY A 59 10.31 -7.05 -43.26
CA GLY A 59 10.91 -6.60 -44.51
C GLY A 59 12.29 -6.06 -44.20
N TYR A 60 12.87 -5.32 -45.13
CA TYR A 60 14.26 -4.95 -44.99
C TYR A 60 14.44 -3.48 -45.05
N TYR A 61 15.37 -3.01 -44.22
CA TYR A 61 15.76 -1.62 -44.26
C TYR A 61 17.26 -1.55 -44.41
N LYS A 62 17.69 -0.99 -45.55
CA LYS A 62 19.11 -0.86 -45.89
C LYS A 62 19.81 -2.20 -45.71
N GLY A 63 19.21 -3.26 -46.20
CA GLY A 63 19.80 -4.60 -46.08
C GLY A 63 19.58 -5.35 -44.78
N VAL A 64 18.96 -4.72 -43.81
CA VAL A 64 18.81 -5.34 -42.47
C VAL A 64 17.36 -5.77 -42.25
N LYS A 65 17.15 -7.02 -41.90
CA LYS A 65 15.79 -7.52 -41.73
C LYS A 65 15.15 -6.94 -40.46
N LEU A 66 13.91 -6.48 -40.53
CA LEU A 66 13.23 -5.98 -39.34
C LEU A 66 11.74 -6.16 -39.44
N SER A 67 11.10 -6.16 -38.28
CA SER A 67 9.67 -6.29 -38.23
C SER A 67 9.04 -5.04 -37.66
N VAL A 68 7.81 -4.76 -38.07
CA VAL A 68 7.00 -3.73 -37.44
CA VAL A 68 6.97 -3.69 -37.53
C VAL A 68 5.62 -4.27 -37.10
N GLN A 69 5.18 -3.99 -35.88
CA GLN A 69 4.00 -4.60 -35.34
C GLN A 69 3.18 -3.60 -34.49
N ALA A 70 1.86 -3.65 -34.63
CA ALA A 70 0.91 -2.85 -33.84
C ALA A 70 0.83 -3.46 -32.45
N HIS A 71 0.77 -2.64 -31.40
CA HIS A 71 0.58 -3.20 -30.05
C HIS A 71 -0.67 -2.78 -29.34
N GLY A 72 -1.55 -2.03 -30.01
CA GLY A 72 -2.79 -1.54 -29.37
C GLY A 72 -2.46 -0.51 -28.28
N MET A 73 -3.41 -0.26 -27.38
CA MET A 73 -3.25 0.80 -26.39
C MET A 73 -3.19 0.24 -24.97
N GLY A 74 -2.25 0.73 -24.17
CA GLY A 74 -2.19 0.44 -22.73
C GLY A 74 -1.18 -0.67 -22.41
N MET A 75 -0.72 -0.68 -21.18
CA MET A 75 0.31 -1.65 -20.74
C MET A 75 -0.09 -3.14 -20.87
N PRO A 76 -1.35 -3.52 -20.53
CA PRO A 76 -1.69 -4.93 -20.65
C PRO A 76 -1.69 -5.40 -22.10
N SER A 77 -2.04 -4.51 -23.02
CA SER A 77 -2.01 -4.84 -24.43
C SER A 77 -0.56 -5.01 -24.93
N ILE A 78 0.29 -4.01 -24.68
CA ILE A 78 1.66 -4.14 -25.17
C ILE A 78 2.36 -5.32 -24.47
N GLY A 79 1.93 -5.57 -23.23
CA GLY A 79 2.48 -6.64 -22.40
C GLY A 79 2.28 -8.00 -23.07
N ILE A 80 1.05 -8.26 -23.53
CA ILE A 80 0.78 -9.48 -24.32
C ILE A 80 1.74 -9.66 -25.53
N TYR A 81 1.81 -8.64 -26.38
CA TYR A 81 2.64 -8.70 -27.60
C TYR A 81 4.13 -8.86 -27.30
N ALA A 82 4.64 -8.00 -26.40
CA ALA A 82 6.05 -8.00 -26.06
C ALA A 82 6.48 -9.33 -25.38
N TYR A 83 5.65 -9.83 -24.46
CA TYR A 83 5.93 -11.12 -23.81
C TYR A 83 6.14 -12.23 -24.88
N GLU A 84 5.19 -12.32 -25.81
CA GLU A 84 5.23 -13.28 -26.90
C GLU A 84 6.48 -13.12 -27.78
N LEU A 85 6.75 -11.89 -28.17
CA LEU A 85 7.91 -11.60 -29.02
C LEU A 85 9.24 -12.01 -28.39
N PHE A 86 9.46 -11.58 -27.13
CA PHE A 86 10.69 -11.89 -26.42
C PHE A 86 10.80 -13.37 -26.03
N ASN A 87 9.68 -13.98 -25.65
CA ASN A 87 9.76 -15.33 -25.09
C ASN A 87 9.44 -16.46 -26.06
N PHE A 88 8.72 -16.17 -27.14
CA PHE A 88 8.34 -17.22 -28.10
C PHE A 88 9.00 -17.00 -29.47
N TYR A 89 9.22 -15.75 -29.86
CA TYR A 89 9.65 -15.49 -31.23
C TYR A 89 11.14 -15.23 -31.38
N GLY A 90 11.87 -15.25 -30.27
CA GLY A 90 13.33 -15.10 -30.33
C GLY A 90 13.76 -13.65 -30.59
N VAL A 91 12.85 -12.69 -30.41
CA VAL A 91 13.18 -11.29 -30.67
C VAL A 91 14.20 -10.80 -29.64
N LYS A 92 15.20 -10.06 -30.13
CA LYS A 92 16.27 -9.54 -29.24
C LYS A 92 16.06 -8.10 -28.77
N ARG A 93 15.50 -7.27 -29.64
CA ARG A 93 15.22 -5.86 -29.30
CA ARG A 93 15.25 -5.85 -29.33
C ARG A 93 13.90 -5.37 -29.85
N ILE A 94 13.19 -4.60 -29.01
CA ILE A 94 11.93 -3.99 -29.40
C ILE A 94 12.04 -2.51 -29.12
N ILE A 95 11.80 -1.72 -30.15
CA ILE A 95 11.78 -0.28 -30.00
C ILE A 95 10.33 0.12 -30.22
N ARG A 96 9.74 0.69 -29.18
CA ARG A 96 8.44 1.29 -29.29
C ARG A 96 8.56 2.75 -29.77
N ILE A 97 7.75 3.11 -30.75
CA ILE A 97 7.65 4.49 -31.21
C ILE A 97 6.21 4.96 -31.08
N GLY A 98 6.04 6.22 -30.71
CA GLY A 98 4.71 6.75 -30.45
C GLY A 98 4.70 8.26 -30.35
N SER A 99 3.50 8.80 -30.14
CA SER A 99 3.32 10.20 -29.78
C SER A 99 3.14 10.26 -28.26
N ALA A 100 3.32 11.47 -27.70
CA ALA A 100 3.31 11.68 -26.25
C ALA A 100 2.93 13.12 -25.95
N GLY A 101 2.39 13.34 -24.76
CA GLY A 101 2.16 14.71 -24.29
C GLY A 101 3.37 15.15 -23.48
N ALA A 102 3.80 16.40 -23.66
CA ALA A 102 4.97 16.91 -22.95
C ALA A 102 4.60 17.41 -21.57
N PHE A 103 5.37 17.00 -20.56
CA PHE A 103 5.30 17.58 -19.21
C PHE A 103 6.40 18.63 -18.99
N ASP A 104 7.55 18.38 -19.61
CA ASP A 104 8.68 19.28 -19.50
C ASP A 104 8.44 20.52 -20.37
N GLU A 105 8.47 21.70 -19.75
CA GLU A 105 8.14 22.93 -20.44
C GLU A 105 9.19 23.41 -21.44
N SER A 106 10.39 22.84 -21.47
CA SER A 106 11.34 23.13 -22.55
C SER A 106 11.03 22.34 -23.85
N LEU A 107 10.11 21.37 -23.80
CA LEU A 107 9.79 20.59 -25.00
C LEU A 107 8.82 21.28 -25.99
N LYS A 108 9.20 21.26 -27.26
CA LYS A 108 8.33 21.76 -28.34
C LYS A 108 7.62 20.63 -29.08
N LEU A 109 6.51 20.93 -29.74
CA LEU A 109 5.90 19.99 -30.66
C LEU A 109 6.94 19.43 -31.61
N GLY A 110 6.92 18.10 -31.80
CA GLY A 110 7.87 17.43 -32.66
C GLY A 110 9.22 17.12 -32.04
N ASP A 111 9.47 17.56 -30.80
CA ASP A 111 10.71 17.11 -30.13
C ASP A 111 10.61 15.58 -29.91
N ILE A 112 11.77 14.94 -29.92
CA ILE A 112 11.86 13.50 -29.70
C ILE A 112 12.19 13.24 -28.23
N VAL A 113 11.44 12.36 -27.56
CA VAL A 113 11.80 12.01 -26.17
C VAL A 113 12.30 10.57 -26.17
N ILE A 114 13.49 10.33 -25.61
CA ILE A 114 14.04 8.99 -25.42
C ILE A 114 13.86 8.56 -23.96
N GLY A 115 13.06 7.52 -23.74
CA GLY A 115 12.67 7.09 -22.40
C GLY A 115 13.74 6.23 -21.77
N MET A 116 14.68 6.85 -21.07
CA MET A 116 15.71 6.12 -20.32
C MET A 116 15.02 5.32 -19.20
N GLY A 117 14.00 5.92 -18.60
CA GLY A 117 13.21 5.23 -17.60
C GLY A 117 11.74 5.50 -17.83
N ALA A 118 10.91 4.69 -17.19
CA ALA A 118 9.45 4.85 -17.24
C ALA A 118 8.85 4.72 -15.86
N CYS A 119 8.24 5.79 -15.37
CA CYS A 119 7.36 5.76 -14.21
C CYS A 119 6.04 5.10 -14.65
N TYR A 120 5.24 4.64 -13.70
CA TYR A 120 4.05 3.94 -14.08
C TYR A 120 3.00 3.90 -12.99
N ASP A 121 1.78 3.74 -13.47
CA ASP A 121 0.63 3.28 -12.72
C ASP A 121 0.75 1.78 -12.74
N SER A 122 0.06 1.10 -11.83
CA SER A 122 0.28 -0.36 -11.74
C SER A 122 -0.07 -1.06 -13.04
N ASN A 123 0.81 -1.95 -13.44
CA ASN A 123 0.59 -2.82 -14.59
C ASN A 123 0.60 -4.30 -14.13
N PHE A 124 1.77 -4.92 -14.13
CA PHE A 124 1.88 -6.27 -13.62
C PHE A 124 3.19 -6.47 -12.89
N GLU A 125 3.65 -5.44 -12.17
CA GLU A 125 4.74 -5.61 -11.21
C GLU A 125 4.31 -6.59 -10.11
N ARG A 126 3.02 -6.63 -9.79
CA ARG A 126 2.47 -7.50 -8.72
C ARG A 126 2.68 -8.95 -9.09
N GLN A 127 2.47 -9.23 -10.36
CA GLN A 127 2.69 -10.55 -10.92
C GLN A 127 4.16 -11.05 -10.84
N TYR A 128 5.12 -10.13 -10.70
CA TYR A 128 6.52 -10.48 -10.48
C TYR A 128 6.93 -10.62 -8.98
N ASP A 129 6.01 -10.43 -8.04
CA ASP A 129 6.29 -10.56 -6.57
C ASP A 129 7.51 -9.73 -6.04
N ILE A 130 7.61 -8.47 -6.42
CA ILE A 130 8.78 -7.65 -6.11
C ILE A 130 8.57 -7.00 -4.75
N PRO A 131 9.51 -7.18 -3.79
CA PRO A 131 9.29 -6.65 -2.45
C PRO A 131 9.82 -5.23 -2.28
N GLY A 132 9.44 -4.31 -3.15
CA GLY A 132 9.81 -2.91 -2.97
C GLY A 132 9.38 -2.26 -4.24
N LYS A 133 10.08 -1.20 -4.68
CA LYS A 133 9.69 -0.42 -5.85
C LYS A 133 10.68 -0.73 -6.94
N TYR A 134 10.17 -1.16 -8.09
CA TYR A 134 11.01 -1.57 -9.19
C TYR A 134 11.10 -0.39 -10.18
N SER A 135 12.32 0.05 -10.49
CA SER A 135 12.47 1.15 -11.47
C SER A 135 12.56 0.58 -12.89
N CYS A 136 11.66 1.02 -13.77
CA CYS A 136 11.62 0.47 -15.14
C CYS A 136 12.57 1.29 -15.99
N ILE A 137 13.53 0.62 -16.62
CA ILE A 137 14.55 1.34 -17.38
C ILE A 137 14.69 0.71 -18.73
N ALA A 138 15.17 1.50 -19.68
CA ALA A 138 15.45 0.98 -21.01
C ALA A 138 16.78 0.26 -20.95
N ASP A 139 17.06 -0.48 -22.02
CA ASP A 139 18.40 -0.99 -22.27
C ASP A 139 19.40 0.16 -22.54
N PHE A 140 20.56 0.14 -21.88
CA PHE A 140 21.46 1.28 -21.97
C PHE A 140 21.99 1.41 -23.40
N GLN A 141 22.37 0.28 -23.97
CA GLN A 141 22.97 0.28 -25.32
C GLN A 141 21.98 0.86 -26.37
N LEU A 142 20.71 0.45 -26.35
CA LEU A 142 19.72 1.08 -27.29
C LEU A 142 19.59 2.56 -27.05
N CYS A 143 19.60 2.91 -25.78
CA CYS A 143 19.48 4.26 -25.37
C CYS A 143 20.63 5.09 -25.92
N ARG A 144 21.87 4.61 -25.75
CA ARG A 144 23.05 5.28 -26.29
C ARG A 144 23.00 5.40 -27.83
N GLU A 145 22.64 4.29 -28.50
CA GLU A 145 22.51 4.31 -29.95
C GLU A 145 21.49 5.32 -30.45
N ALA A 146 20.39 5.48 -29.70
CA ALA A 146 19.31 6.37 -30.12
C ALA A 146 19.75 7.80 -30.03
N VAL A 147 20.41 8.12 -28.92
CA VAL A 147 20.96 9.46 -28.71
C VAL A 147 22.01 9.77 -29.79
N ASP A 148 22.96 8.84 -30.03
CA ASP A 148 23.96 9.03 -31.09
C ASP A 148 23.33 9.30 -32.45
N ALA A 149 22.28 8.54 -32.80
CA ALA A 149 21.59 8.70 -34.10
C ALA A 149 20.97 10.08 -34.19
N ALA A 150 20.32 10.48 -33.11
CA ALA A 150 19.62 11.78 -33.06
C ALA A 150 20.63 12.92 -33.19
N GLU A 151 21.79 12.79 -32.55
CA GLU A 151 22.86 13.77 -32.71
C GLU A 151 23.46 13.85 -34.12
N LYS A 152 23.86 12.70 -34.70
CA LYS A 152 24.35 12.66 -36.08
C LYS A 152 23.34 13.22 -37.08
N LEU A 153 22.06 12.91 -36.91
CA LEU A 153 21.03 13.46 -37.80
C LEU A 153 20.65 14.91 -37.42
N GLY A 154 21.15 15.38 -36.28
CA GLY A 154 20.85 16.73 -35.79
C GLY A 154 19.41 17.00 -35.35
N TYR A 155 18.71 15.99 -34.82
CA TYR A 155 17.33 16.22 -34.37
C TYR A 155 17.25 16.71 -32.91
N ARG A 156 16.24 17.51 -32.60
CA ARG A 156 16.01 17.95 -31.21
C ARG A 156 15.43 16.79 -30.40
N TYR A 157 16.10 16.48 -29.28
CA TYR A 157 15.71 15.32 -28.45
C TYR A 157 16.02 15.61 -26.99
N LYS A 158 15.33 14.92 -26.09
CA LYS A 158 15.66 14.93 -24.67
C LYS A 158 15.61 13.47 -24.21
N VAL A 159 16.50 13.09 -23.28
CA VAL A 159 16.52 11.76 -22.72
C VAL A 159 16.27 11.83 -21.21
N GLY A 160 15.33 11.03 -20.71
CA GLY A 160 14.99 11.07 -19.29
C GLY A 160 13.79 10.17 -19.00
N ASN A 161 13.01 10.57 -18.00
CA ASN A 161 11.93 9.74 -17.52
C ASN A 161 10.66 10.06 -18.30
N ILE A 162 9.90 9.03 -18.63
CA ILE A 162 8.56 9.16 -19.15
C ILE A 162 7.62 8.49 -18.16
N TYR A 163 6.33 8.72 -18.35
CA TYR A 163 5.33 8.15 -17.48
C TYR A 163 4.36 7.37 -18.33
N SER A 164 4.21 6.08 -18.01
CA SER A 164 3.20 5.20 -18.65
C SER A 164 1.93 5.18 -17.79
N ALA A 165 0.93 5.95 -18.20
CA ALA A 165 -0.34 6.08 -17.51
C ALA A 165 -1.30 4.97 -17.90
N ASN A 166 -2.26 4.65 -17.02
CA ASN A 166 -3.32 3.71 -17.35
C ASN A 166 -4.58 4.43 -17.87
N TYR A 167 -4.49 5.75 -17.97
CA TYR A 167 -5.65 6.56 -18.35
C TYR A 167 -5.18 7.58 -19.37
N PHE A 168 -6.10 7.95 -20.22
CA PHE A 168 -5.96 9.03 -21.14
C PHE A 168 -6.85 10.17 -20.64
N TYR A 169 -8.02 9.83 -20.10
CA TYR A 169 -8.90 10.85 -19.51
C TYR A 169 -8.69 10.81 -18.01
N ASP A 170 -8.30 11.96 -17.47
CA ASP A 170 -7.98 12.08 -16.05
C ASP A 170 -9.25 12.55 -15.39
N ASP A 171 -9.74 11.78 -14.43
CA ASP A 171 -10.93 12.23 -13.74
C ASP A 171 -10.67 13.45 -12.85
N GLY A 172 -9.41 13.80 -12.61
CA GLY A 172 -9.06 15.06 -11.98
C GLY A 172 -7.86 15.67 -12.67
N ASP A 173 -6.83 15.99 -11.88
CA ASP A 173 -5.55 16.37 -12.44
C ASP A 173 -4.45 15.81 -11.56
N HIS A 174 -3.85 14.73 -12.04
CA HIS A 174 -2.80 14.04 -11.32
C HIS A 174 -1.44 14.30 -11.89
N SER A 175 -1.29 15.32 -12.75
CA SER A 175 -0.02 15.52 -13.45
C SER A 175 1.08 16.28 -12.67
N GLY A 176 0.69 17.02 -11.63
CA GLY A 176 1.56 17.99 -10.95
C GLY A 176 2.80 17.34 -10.35
N ALA A 177 2.61 16.22 -9.70
CA ALA A 177 3.72 15.56 -9.05
C ALA A 177 4.70 14.98 -10.06
N TRP A 178 4.23 14.46 -11.20
CA TRP A 178 5.17 13.95 -12.24
C TRP A 178 6.00 15.07 -12.82
N LYS A 179 5.33 16.19 -13.13
CA LYS A 179 6.02 17.38 -13.66
C LYS A 179 7.09 17.84 -12.68
N LYS A 180 6.73 17.88 -11.40
CA LYS A 180 7.63 18.29 -10.33
C LYS A 180 8.86 17.40 -10.24
N MET A 181 8.65 16.10 -10.44
CA MET A 181 9.78 15.14 -10.43
C MET A 181 10.64 15.20 -11.69
N GLY A 182 10.25 16.01 -12.68
CA GLY A 182 11.04 16.14 -13.93
C GLY A 182 10.75 15.11 -15.00
N VAL A 183 9.64 14.39 -14.87
CA VAL A 183 9.18 13.50 -15.93
C VAL A 183 8.96 14.31 -17.23
N LEU A 184 9.40 13.77 -18.36
CA LEU A 184 9.42 14.49 -19.60
C LEU A 184 8.07 14.48 -20.33
N ALA A 185 7.45 13.31 -20.42
CA ALA A 185 6.29 13.13 -21.26
C ALA A 185 5.44 11.97 -20.74
N VAL A 186 4.18 11.92 -21.16
CA VAL A 186 3.25 10.89 -20.78
C VAL A 186 2.82 10.08 -22.01
N GLU A 187 2.80 8.76 -21.85
CA GLU A 187 2.18 7.83 -22.78
C GLU A 187 1.56 6.68 -21.94
N MET A 188 1.34 5.52 -22.53
CA MET A 188 0.56 4.45 -21.86
C MET A 188 1.14 3.06 -21.91
N GLU A 189 2.38 2.91 -22.39
CA GLU A 189 2.90 1.56 -22.71
C GLU A 189 4.30 1.21 -22.22
N ALA A 190 5.21 2.16 -22.23
CA ALA A 190 6.65 1.87 -22.02
C ALA A 190 7.00 1.05 -20.77
N ALA A 191 6.48 1.39 -19.59
CA ALA A 191 6.96 0.65 -18.40
C ALA A 191 6.78 -0.87 -18.53
N ALA A 192 5.68 -1.30 -19.14
CA ALA A 192 5.41 -2.73 -19.22
C ALA A 192 6.42 -3.42 -20.13
N LEU A 193 6.67 -2.80 -21.27
CA LEU A 193 7.71 -3.26 -22.19
C LEU A 193 9.07 -3.38 -21.50
N TYR A 194 9.43 -2.36 -20.75
CA TYR A 194 10.73 -2.34 -20.06
C TYR A 194 10.86 -3.47 -19.02
N MET A 195 9.79 -3.66 -18.27
CA MET A 195 9.77 -4.69 -17.22
C MET A 195 9.90 -6.11 -17.80
N ILE A 196 9.08 -6.37 -18.83
CA ILE A 196 9.09 -7.67 -19.56
C ILE A 196 10.48 -7.94 -20.19
N ALA A 197 11.05 -6.94 -20.85
CA ALA A 197 12.39 -7.03 -21.44
C ALA A 197 13.44 -7.33 -20.38
N ALA A 198 13.37 -6.63 -19.24
CA ALA A 198 14.32 -6.90 -18.15
C ALA A 198 14.24 -8.36 -17.67
N ARG A 199 13.02 -8.83 -17.43
CA ARG A 199 12.80 -10.17 -16.99
C ARG A 199 13.38 -11.17 -18.00
N ALA A 200 13.22 -10.87 -19.30
CA ALA A 200 13.62 -11.76 -20.40
C ALA A 200 15.12 -11.60 -20.77
N ARG A 201 15.80 -10.62 -20.18
CA ARG A 201 17.20 -10.32 -20.49
C ARG A 201 17.35 -9.88 -21.95
N LYS A 202 16.35 -9.16 -22.45
CA LYS A 202 16.38 -8.66 -23.82
C LYS A 202 16.36 -7.15 -23.83
N GLN A 203 16.42 -6.53 -25.00
CA GLN A 203 16.58 -5.06 -25.05
C GLN A 203 15.32 -4.33 -25.45
N ALA A 204 14.98 -3.26 -24.74
CA ALA A 204 13.84 -2.47 -25.13
C ALA A 204 14.11 -0.96 -24.99
N LEU A 205 13.42 -0.18 -25.81
CA LEU A 205 13.50 1.28 -25.78
C LEU A 205 12.18 1.84 -26.24
N CYS A 206 11.71 2.90 -25.59
CA CYS A 206 10.60 3.64 -26.12
C CYS A 206 11.09 5.04 -26.54
N MET A 207 10.71 5.45 -27.75
CA MET A 207 10.98 6.80 -28.21
C MET A 207 9.67 7.42 -28.63
N LEU A 208 9.55 8.72 -28.42
CA LEU A 208 8.28 9.37 -28.58
C LEU A 208 8.51 10.66 -29.35
N THR A 209 7.50 11.04 -30.13
CA THR A 209 7.44 12.40 -30.69
C THR A 209 6.38 13.19 -29.91
N ILE A 210 6.76 14.37 -29.43
CA ILE A 210 5.79 15.23 -28.72
C ILE A 210 4.71 15.75 -29.69
N SER A 211 3.47 15.31 -29.48
CA SER A 211 2.33 15.75 -30.30
C SER A 211 1.37 16.73 -29.62
N ASP A 212 1.54 16.94 -28.31
CA ASP A 212 0.67 17.81 -27.52
C ASP A 212 1.51 18.33 -26.33
N LEU A 213 1.28 19.57 -25.96
CA LEU A 213 1.97 20.14 -24.82
C LEU A 213 0.97 20.11 -23.69
N CYS A 214 1.28 19.41 -22.61
CA CYS A 214 0.37 19.36 -21.47
C CYS A 214 0.73 20.46 -20.49
N TYR A 215 0.93 21.67 -21.00
CA TYR A 215 1.27 22.83 -20.20
C TYR A 215 1.00 24.06 -21.07
N GLY A 216 1.05 25.23 -20.44
CA GLY A 216 0.88 26.46 -21.18
C GLY A 216 -0.46 26.48 -21.90
N SER A 217 -0.46 27.03 -23.10
CA SER A 217 -1.71 27.20 -23.82
C SER A 217 -2.23 25.88 -24.38
N GLY A 218 -1.41 24.83 -24.36
CA GLY A 218 -1.89 23.51 -24.71
C GLY A 218 -1.80 23.30 -26.21
N GLU A 219 -0.70 23.74 -26.84
CA GLU A 219 -0.60 23.60 -28.31
C GLU A 219 -0.61 22.09 -28.64
N LYS A 220 -1.35 21.73 -29.70
CA LYS A 220 -1.52 20.35 -30.16
C LYS A 220 -1.04 20.35 -31.62
N MET A 221 -0.51 19.22 -32.09
CA MET A 221 -0.14 19.08 -33.50
C MET A 221 -1.39 19.08 -34.36
N THR A 222 -1.28 19.65 -35.56
CA THR A 222 -2.37 19.55 -36.55
C THR A 222 -2.55 18.08 -36.99
N ALA A 223 -3.75 17.75 -37.49
CA ALA A 223 -3.97 16.42 -38.09
C ALA A 223 -2.92 16.11 -39.19
N GLU A 224 -2.52 17.14 -39.96
CA GLU A 224 -1.46 16.98 -40.98
C GLU A 224 -0.10 16.67 -40.33
N GLU A 225 0.24 17.44 -39.28
CA GLU A 225 1.47 17.19 -38.50
C GLU A 225 1.51 15.78 -37.87
N ARG A 226 0.40 15.33 -37.30
CA ARG A 226 0.33 13.97 -36.73
C ARG A 226 0.57 12.90 -37.79
N ARG A 227 -0.04 13.08 -38.96
CA ARG A 227 0.17 12.20 -40.11
C ARG A 227 1.63 12.16 -40.61
N THR A 228 2.32 13.30 -40.62
CA THR A 228 3.57 13.46 -41.37
C THR A 228 4.84 13.80 -40.55
N LYS A 229 4.65 14.38 -39.37
CA LYS A 229 5.79 14.89 -38.59
C LYS A 229 6.43 13.85 -37.62
N PHE A 230 6.27 12.57 -37.94
CA PHE A 230 6.90 11.47 -37.17
C PHE A 230 8.09 10.81 -37.90
N THR A 231 8.47 11.32 -39.06
CA THR A 231 9.53 10.67 -39.85
C THR A 231 10.90 10.75 -39.18
N GLN A 232 11.19 11.88 -38.50
CA GLN A 232 12.48 12.03 -37.81
C GLN A 232 12.68 10.95 -36.75
N MET A 233 11.64 10.70 -35.95
CA MET A 233 11.68 9.65 -34.94
C MET A 233 11.87 8.29 -35.63
N MET A 234 11.15 8.07 -36.73
CA MET A 234 11.20 6.78 -37.41
C MET A 234 12.59 6.50 -37.94
N GLU A 235 13.26 7.53 -38.47
CA GLU A 235 14.64 7.37 -38.93
C GLU A 235 15.64 7.02 -37.81
N VAL A 236 15.52 7.66 -36.65
CA VAL A 236 16.29 7.26 -35.50
C VAL A 236 16.00 5.80 -35.15
N ALA A 237 14.70 5.45 -35.04
CA ALA A 237 14.33 4.08 -34.64
C ALA A 237 14.88 3.01 -35.59
N LEU A 238 14.78 3.25 -36.90
CA LEU A 238 15.23 2.32 -37.92
C LEU A 238 16.74 2.09 -37.86
N SER A 239 17.50 3.13 -37.52
CA SER A 239 18.93 2.98 -37.40
C SER A 239 19.34 2.05 -36.24
N LEU A 240 18.38 1.69 -35.37
CA LEU A 240 18.66 0.75 -34.30
C LEU A 240 18.49 -0.71 -34.72
N ALA A 241 17.88 -0.96 -35.88
CA ALA A 241 17.78 -2.37 -36.34
C ALA A 241 19.14 -3.01 -36.61
N LYS A 242 19.30 -4.20 -36.05
CA LYS A 242 20.48 -5.02 -36.28
C LYS A 242 19.94 -6.41 -36.63
N MET B 5 21.21 29.32 -3.05
CA MET B 5 20.69 30.07 -1.87
C MET B 5 21.75 30.25 -0.77
N ALA B 6 22.54 31.31 -0.91
CA ALA B 6 23.65 31.59 0.02
C ALA B 6 23.16 31.73 1.47
N GLU B 7 21.94 32.22 1.65
CA GLU B 7 21.37 32.43 2.97
C GLU B 7 21.20 31.12 3.79
N HIS B 8 21.18 29.98 3.10
CA HIS B 8 21.06 28.69 3.78
C HIS B 8 22.35 28.01 4.08
N CYS B 9 23.47 28.66 3.78
CA CYS B 9 24.81 28.10 4.05
C CYS B 9 25.53 28.95 5.08
N PRO B 10 26.19 28.34 6.09
CA PRO B 10 26.27 26.90 6.38
C PRO B 10 24.94 26.31 6.85
N THR B 11 24.80 25.00 6.75
CA THR B 11 23.59 24.28 7.13
C THR B 11 23.89 23.54 8.43
N PRO B 12 22.87 22.90 9.04
CA PRO B 12 23.17 22.13 10.24
C PRO B 12 24.16 20.97 10.02
N HIS B 13 24.40 20.59 8.77
CA HIS B 13 25.17 19.38 8.46
C HIS B 13 26.43 19.69 7.71
N ASN B 14 26.61 20.96 7.37
CA ASN B 14 27.68 21.36 6.51
C ASN B 14 28.18 22.75 6.84
N GLY B 15 29.44 22.83 7.28
CA GLY B 15 30.02 24.11 7.71
C GLY B 15 30.43 24.99 6.54
N ALA B 16 30.33 24.53 5.30
CA ALA B 16 30.75 25.37 4.16
C ALA B 16 29.86 26.61 3.97
N LYS B 17 30.47 27.73 3.57
CA LYS B 17 29.74 28.91 3.11
C LYS B 17 29.55 28.71 1.62
N TYR B 18 28.59 29.41 1.05
CA TYR B 18 28.24 29.22 -0.35
C TYR B 18 29.46 29.56 -1.17
N GLY B 19 29.79 28.73 -2.15
CA GLY B 19 30.97 28.97 -2.99
C GLY B 19 32.18 28.15 -2.59
N GLU B 20 32.19 27.61 -1.37
CA GLU B 20 33.30 26.76 -0.95
C GLU B 20 33.23 25.32 -1.49
N ILE B 21 32.07 24.96 -2.04
CA ILE B 21 31.88 23.64 -2.65
C ILE B 21 31.84 23.83 -4.16
N ALA B 22 32.60 23.03 -4.89
CA ALA B 22 32.63 23.05 -6.37
C ALA B 22 31.32 22.61 -7.02
N GLU B 23 31.17 22.90 -8.31
CA GLU B 23 29.95 22.50 -9.02
C GLU B 23 29.81 20.97 -9.24
N THR B 24 30.95 20.26 -9.17
CA THR B 24 31.00 18.78 -9.24
C THR B 24 31.45 18.25 -7.91
N VAL B 25 30.67 17.33 -7.32
CA VAL B 25 31.04 16.74 -6.05
C VAL B 25 31.10 15.21 -6.23
N LEU B 26 32.23 14.63 -5.86
CA LEU B 26 32.35 13.16 -5.71
C LEU B 26 32.00 12.79 -4.28
N MET B 27 31.10 11.82 -4.13
CA MET B 27 30.70 11.39 -2.79
C MET B 27 30.96 9.90 -2.53
N ALA B 28 31.38 9.59 -1.31
CA ALA B 28 31.51 8.21 -0.84
C ALA B 28 30.98 8.18 0.59
N GLY B 29 30.65 7.00 1.07
CA GLY B 29 30.07 6.89 2.40
C GLY B 29 31.07 7.11 3.52
N ASP B 30 32.28 6.58 3.35
CA ASP B 30 33.29 6.53 4.42
C ASP B 30 34.18 7.79 4.44
N PRO B 31 34.13 8.55 5.54
CA PRO B 31 34.99 9.74 5.64
C PRO B 31 36.51 9.47 5.50
N LEU B 32 36.96 8.29 5.93
CA LEU B 32 38.35 7.89 5.82
C LEU B 32 38.75 7.74 4.36
N ARG B 33 37.84 7.18 3.57
CA ARG B 33 38.03 7.06 2.15
C ARG B 33 37.95 8.43 1.46
N VAL B 34 37.07 9.31 1.92
CA VAL B 34 36.99 10.66 1.31
C VAL B 34 38.32 11.43 1.49
N LYS B 35 38.88 11.34 2.70
CA LYS B 35 40.14 12.00 3.03
C LYS B 35 41.26 11.47 2.12
N LEU B 36 41.34 10.16 2.03
CA LEU B 36 42.28 9.50 1.16
C LEU B 36 42.13 9.98 -0.29
N LEU B 37 40.89 10.10 -0.81
CA LEU B 37 40.71 10.55 -2.20
C LEU B 37 41.24 11.94 -2.42
N ALA B 38 40.94 12.84 -1.48
CA ALA B 38 41.39 14.22 -1.53
C ALA B 38 42.93 14.31 -1.55
N ASP B 39 43.58 13.63 -0.60
CA ASP B 39 45.04 13.59 -0.48
C ASP B 39 45.69 13.00 -1.73
N THR B 40 45.04 12.01 -2.33
CA THR B 40 45.61 11.30 -3.48
C THR B 40 45.41 12.06 -4.80
N TYR B 41 44.22 12.61 -5.01
CA TYR B 41 43.88 13.10 -6.32
C TYR B 41 43.77 14.60 -6.47
N LEU B 42 43.68 15.32 -5.36
CA LEU B 42 43.46 16.77 -5.47
C LEU B 42 44.69 17.59 -5.08
N THR B 43 44.84 18.74 -5.73
CA THR B 43 45.82 19.73 -5.30
C THR B 43 45.10 20.94 -4.72
N ASP B 44 45.84 21.78 -3.99
CA ASP B 44 45.29 23.01 -3.38
C ASP B 44 44.08 22.70 -2.47
N VAL B 45 44.15 21.66 -1.66
CA VAL B 45 43.01 21.17 -0.89
C VAL B 45 42.65 22.05 0.31
N VAL B 46 41.38 22.41 0.41
CA VAL B 46 40.84 23.08 1.59
C VAL B 46 39.70 22.21 2.17
N GLN B 47 39.71 21.97 3.46
CA GLN B 47 38.61 21.24 4.07
C GLN B 47 37.51 22.25 4.37
N TYR B 48 36.32 22.06 3.81
CA TYR B 48 35.20 23.00 4.09
C TYR B 48 34.21 22.44 5.11
N ASN B 49 34.27 21.13 5.35
CA ASN B 49 33.36 20.56 6.33
C ASN B 49 33.98 19.54 7.27
N SER B 50 33.64 19.65 8.55
CA SER B 50 33.92 18.57 9.49
C SER B 50 32.74 18.30 10.42
N VAL B 51 31.60 18.94 10.16
CA VAL B 51 30.38 18.73 10.97
C VAL B 51 30.02 17.23 10.96
N ARG B 52 29.75 16.65 12.12
CA ARG B 52 29.40 15.23 12.25
C ARG B 52 30.44 14.27 11.66
N GLY B 53 31.64 14.77 11.42
CA GLY B 53 32.73 13.93 10.88
C GLY B 53 32.53 13.62 9.42
N ALA B 54 31.53 14.25 8.78
CA ALA B 54 31.26 14.03 7.36
C ALA B 54 32.12 14.96 6.55
N VAL B 55 33.43 14.68 6.57
CA VAL B 55 34.44 15.55 5.95
C VAL B 55 34.12 15.89 4.48
N GLY B 56 34.45 17.11 4.09
CA GLY B 56 34.28 17.60 2.74
C GLY B 56 35.49 18.44 2.40
N TYR B 57 36.04 18.25 1.20
CA TYR B 57 37.21 19.00 0.75
C TYR B 57 36.98 19.49 -0.66
N THR B 58 37.58 20.63 -0.95
CA THR B 58 37.58 21.19 -2.29
C THR B 58 39.05 21.38 -2.71
N GLY B 59 39.32 21.04 -3.96
CA GLY B 59 40.63 21.23 -4.55
C GLY B 59 40.49 21.17 -6.04
N TYR B 60 41.61 20.87 -6.69
CA TYR B 60 41.69 20.81 -8.15
C TYR B 60 42.10 19.45 -8.62
N TYR B 61 41.41 19.00 -9.66
CA TYR B 61 41.80 17.79 -10.30
C TYR B 61 41.98 18.12 -11.78
N LYS B 62 43.21 17.97 -12.26
CA LYS B 62 43.55 18.29 -13.66
C LYS B 62 43.03 19.67 -14.07
N GLY B 63 43.24 20.66 -13.20
CA GLY B 63 42.88 22.05 -13.47
C GLY B 63 41.43 22.46 -13.22
N VAL B 64 40.58 21.52 -12.75
CA VAL B 64 39.16 21.83 -12.54
C VAL B 64 38.80 21.68 -11.05
N LYS B 65 38.16 22.69 -10.46
CA LYS B 65 37.74 22.63 -9.07
C LYS B 65 36.77 21.45 -8.88
N LEU B 66 37.01 20.69 -7.83
CA LEU B 66 36.29 19.47 -7.54
C LEU B 66 36.20 19.37 -6.02
N SER B 67 35.04 18.90 -5.52
CA SER B 67 34.86 18.63 -4.10
C SER B 67 34.57 17.16 -3.90
N VAL B 68 35.04 16.67 -2.77
CA VAL B 68 34.77 15.29 -2.36
CA VAL B 68 34.78 15.28 -2.34
C VAL B 68 34.18 15.34 -0.95
N GLN B 69 33.14 14.55 -0.71
CA GLN B 69 32.37 14.68 0.52
C GLN B 69 31.78 13.35 1.01
N ALA B 70 31.90 13.06 2.30
CA ALA B 70 31.34 11.85 2.91
C ALA B 70 29.83 11.93 3.07
N HIS B 71 29.12 10.81 2.86
CA HIS B 71 27.65 10.85 2.97
C HIS B 71 27.02 9.90 3.94
N GLY B 72 27.85 9.15 4.69
CA GLY B 72 27.31 8.17 5.64
C GLY B 72 26.62 7.01 4.94
N MET B 73 25.80 6.25 5.67
CA MET B 73 25.18 5.07 5.10
C MET B 73 23.68 5.23 5.07
N GLY B 74 23.07 4.84 3.96
CA GLY B 74 21.61 4.78 3.89
C GLY B 74 21.04 5.96 3.13
N MET B 75 19.86 5.76 2.56
CA MET B 75 19.19 6.76 1.77
C MET B 75 18.84 8.05 2.54
N PRO B 76 18.42 7.95 3.83
CA PRO B 76 18.14 9.21 4.55
C PRO B 76 19.38 10.08 4.77
N SER B 77 20.54 9.44 4.99
CA SER B 77 21.78 10.17 5.20
C SER B 77 22.21 10.89 3.94
N ILE B 78 22.30 10.14 2.84
CA ILE B 78 22.73 10.74 1.57
C ILE B 78 21.73 11.79 1.11
N GLY B 79 20.45 11.53 1.37
CA GLY B 79 19.40 12.52 1.10
C GLY B 79 19.60 13.91 1.69
N ILE B 80 19.89 13.96 2.99
CA ILE B 80 20.29 15.20 3.66
C ILE B 80 21.44 15.90 2.93
N TYR B 81 22.55 15.19 2.70
CA TYR B 81 23.74 15.83 2.08
C TYR B 81 23.48 16.26 0.64
N ALA B 82 22.87 15.39 -0.18
CA ALA B 82 22.56 15.72 -1.54
C ALA B 82 21.54 16.85 -1.66
N TYR B 83 20.49 16.82 -0.84
CA TYR B 83 19.51 17.90 -0.86
C TYR B 83 20.21 19.27 -0.67
N GLU B 84 21.04 19.37 0.34
CA GLU B 84 21.77 20.60 0.63
C GLU B 84 22.67 21.03 -0.53
N LEU B 85 23.45 20.09 -1.04
CA LEU B 85 24.38 20.37 -2.11
C LEU B 85 23.67 20.93 -3.36
N PHE B 86 22.60 20.27 -3.81
CA PHE B 86 21.92 20.69 -5.03
C PHE B 86 21.08 21.94 -4.84
N ASN B 87 20.48 22.11 -3.65
CA ASN B 87 19.51 23.18 -3.44
C ASN B 87 20.08 24.43 -2.78
N PHE B 88 21.12 24.28 -1.98
CA PHE B 88 21.71 25.44 -1.31
C PHE B 88 23.08 25.84 -1.87
N TYR B 89 23.90 24.85 -2.26
CA TYR B 89 25.31 25.11 -2.62
C TYR B 89 25.57 25.30 -4.13
N GLY B 90 24.52 25.18 -4.94
CA GLY B 90 24.64 25.38 -6.37
C GLY B 90 25.38 24.25 -7.07
N VAL B 91 25.50 23.08 -6.42
CA VAL B 91 26.12 21.91 -7.08
C VAL B 91 25.34 21.47 -8.34
N LYS B 92 26.05 21.14 -9.40
CA LYS B 92 25.43 20.69 -10.66
C LYS B 92 25.46 19.19 -10.94
N ARG B 93 26.40 18.50 -10.30
CA ARG B 93 26.84 17.16 -10.67
C ARG B 93 27.23 16.47 -9.37
N ILE B 94 26.58 15.37 -9.02
CA ILE B 94 27.12 14.48 -7.98
C ILE B 94 27.35 13.06 -8.50
N ILE B 95 28.54 12.54 -8.28
CA ILE B 95 28.85 11.18 -8.62
C ILE B 95 29.12 10.49 -7.31
N ARG B 96 28.35 9.44 -7.03
CA ARG B 96 28.61 8.62 -5.87
C ARG B 96 29.39 7.38 -6.27
N ILE B 97 30.40 7.05 -5.47
CA ILE B 97 31.17 5.85 -5.65
C ILE B 97 31.07 5.05 -4.37
N GLY B 98 31.24 3.75 -4.48
CA GLY B 98 31.13 2.87 -3.33
C GLY B 98 31.23 1.40 -3.70
N SER B 99 31.01 0.55 -2.71
CA SER B 99 31.02 -0.89 -2.95
C SER B 99 29.57 -1.43 -2.99
N ALA B 100 29.40 -2.66 -3.47
CA ALA B 100 28.07 -3.25 -3.63
C ALA B 100 28.19 -4.77 -3.64
N GLY B 101 27.10 -5.46 -3.34
CA GLY B 101 27.04 -6.91 -3.50
C GLY B 101 26.47 -7.25 -4.86
N ALA B 102 27.04 -8.25 -5.55
CA ALA B 102 26.52 -8.68 -6.87
C ALA B 102 25.26 -9.53 -6.73
N PHE B 103 24.24 -9.20 -7.51
CA PHE B 103 23.08 -10.09 -7.66
C PHE B 103 23.24 -10.87 -8.96
N ASP B 104 23.75 -10.22 -9.99
CA ASP B 104 23.95 -10.82 -11.31
C ASP B 104 25.17 -11.75 -11.26
N GLU B 105 24.93 -13.01 -11.60
CA GLU B 105 25.93 -14.08 -11.44
C GLU B 105 27.11 -13.96 -12.41
N SER B 106 27.03 -13.08 -13.40
CA SER B 106 28.16 -12.88 -14.30
C SER B 106 29.10 -11.76 -13.83
N LEU B 107 28.75 -11.10 -12.71
CA LEU B 107 29.66 -10.14 -12.11
C LEU B 107 30.72 -10.83 -11.22
N LYS B 108 31.97 -10.42 -11.34
CA LYS B 108 33.01 -10.91 -10.42
C LYS B 108 33.45 -9.83 -9.43
N LEU B 109 34.12 -10.24 -8.35
CA LEU B 109 34.68 -9.29 -7.39
C LEU B 109 35.52 -8.28 -8.15
N GLY B 110 35.33 -6.98 -7.89
CA GLY B 110 36.10 -5.96 -8.60
C GLY B 110 35.48 -5.41 -9.88
N ASP B 111 34.45 -6.04 -10.42
CA ASP B 111 33.73 -5.45 -11.57
C ASP B 111 33.06 -4.12 -11.14
N ILE B 112 32.99 -3.18 -12.10
CA ILE B 112 32.31 -1.91 -11.91
C ILE B 112 30.84 -2.02 -12.35
N VAL B 113 29.94 -1.52 -11.51
CA VAL B 113 28.54 -1.48 -11.93
C VAL B 113 28.15 -0.01 -12.00
N ILE B 114 27.60 0.38 -13.15
CA ILE B 114 27.11 1.73 -13.38
C ILE B 114 25.57 1.71 -13.24
N GLY B 115 25.07 2.47 -12.25
CA GLY B 115 23.64 2.46 -11.95
C GLY B 115 22.79 3.36 -12.82
N MET B 116 22.37 2.87 -13.97
CA MET B 116 21.49 3.58 -14.88
C MET B 116 20.12 3.80 -14.17
N GLY B 117 19.69 2.83 -13.37
CA GLY B 117 18.43 2.94 -12.66
C GLY B 117 18.64 2.41 -11.26
N ALA B 118 17.80 2.83 -10.32
CA ALA B 118 17.87 2.29 -8.94
C ALA B 118 16.49 1.89 -8.47
N CYS B 119 16.33 0.61 -8.17
CA CYS B 119 15.18 0.10 -7.43
C CYS B 119 15.37 0.46 -5.96
N TYR B 120 14.32 0.39 -5.15
CA TYR B 120 14.42 0.88 -3.77
C TYR B 120 13.30 0.37 -2.85
N ASP B 121 13.62 0.24 -1.57
CA ASP B 121 12.64 0.11 -0.48
C ASP B 121 12.20 1.54 -0.24
N SER B 122 10.96 1.74 0.16
CA SER B 122 10.52 3.11 0.46
C SER B 122 11.51 3.72 1.45
N ASN B 123 12.09 4.85 1.06
CA ASN B 123 12.68 5.74 2.05
C ASN B 123 11.83 7.01 2.18
N PHE B 124 11.92 7.91 1.20
CA PHE B 124 11.17 9.17 1.28
C PHE B 124 10.56 9.64 -0.05
N GLU B 125 10.13 8.72 -0.91
CA GLU B 125 9.30 9.12 -2.05
C GLU B 125 7.93 9.69 -1.62
N ARG B 126 7.38 9.22 -0.49
CA ARG B 126 6.05 9.66 0.03
C ARG B 126 5.97 11.17 0.17
N GLN B 127 7.09 11.75 0.54
CA GLN B 127 7.21 13.19 0.74
C GLN B 127 6.98 13.97 -0.57
N TYR B 128 7.14 13.30 -1.71
CA TYR B 128 6.85 13.94 -3.00
C TYR B 128 5.42 13.81 -3.52
N ASP B 129 4.58 13.02 -2.86
CA ASP B 129 3.15 12.94 -3.19
C ASP B 129 2.94 12.44 -4.64
N ILE B 130 3.72 11.43 -5.01
CA ILE B 130 3.65 10.88 -6.37
C ILE B 130 2.53 9.87 -6.44
N PRO B 131 1.61 10.03 -7.39
CA PRO B 131 0.47 9.10 -7.43
C PRO B 131 0.68 7.88 -8.32
N GLY B 132 1.83 7.24 -8.19
CA GLY B 132 2.07 5.96 -8.85
C GLY B 132 3.46 5.53 -8.46
N LYS B 133 4.10 4.75 -9.33
CA LYS B 133 5.44 4.28 -9.08
C LYS B 133 6.45 5.18 -9.81
N TYR B 134 7.38 5.75 -9.05
CA TYR B 134 8.45 6.59 -9.62
C TYR B 134 9.71 5.75 -9.90
N SER B 135 10.22 5.78 -11.14
CA SER B 135 11.40 5.01 -11.49
C SER B 135 12.61 5.93 -11.34
N CYS B 136 13.56 5.54 -10.48
CA CYS B 136 14.73 6.41 -10.20
C CYS B 136 15.79 6.12 -11.21
N ILE B 137 16.23 7.15 -11.89
CA ILE B 137 17.26 7.02 -12.92
C ILE B 137 18.42 7.99 -12.74
N ALA B 138 19.57 7.62 -13.24
CA ALA B 138 20.72 8.50 -13.30
C ALA B 138 20.57 9.53 -14.42
N ASP B 139 21.45 10.51 -14.44
CA ASP B 139 21.52 11.40 -15.59
C ASP B 139 22.12 10.62 -16.78
N PHE B 140 21.45 10.65 -17.93
CA PHE B 140 21.96 9.87 -19.06
C PHE B 140 23.36 10.30 -19.49
N GLN B 141 23.61 11.60 -19.50
CA GLN B 141 24.90 12.10 -19.98
C GLN B 141 26.05 11.58 -19.10
N LEU B 142 25.87 11.57 -17.79
CA LEU B 142 26.91 11.08 -16.89
C LEU B 142 27.09 9.58 -17.11
N CYS B 143 25.97 8.88 -17.19
CA CYS B 143 25.95 7.45 -17.45
C CYS B 143 26.73 7.12 -18.72
N ARG B 144 26.48 7.86 -19.79
CA ARG B 144 27.12 7.66 -21.08
C ARG B 144 28.64 7.92 -20.97
N GLU B 145 29.01 8.99 -20.29
CA GLU B 145 30.44 9.31 -20.09
C GLU B 145 31.11 8.25 -19.23
N ALA B 146 30.43 7.73 -18.19
CA ALA B 146 31.02 6.63 -17.40
C ALA B 146 31.27 5.34 -18.21
N VAL B 147 30.30 4.94 -19.00
CA VAL B 147 30.40 3.76 -19.84
C VAL B 147 31.55 3.92 -20.85
N ASP B 148 31.59 5.08 -21.51
CA ASP B 148 32.69 5.39 -22.44
C ASP B 148 34.05 5.31 -21.81
N ALA B 149 34.22 5.92 -20.63
CA ALA B 149 35.48 5.88 -19.92
C ALA B 149 35.87 4.45 -19.51
N ALA B 150 34.92 3.67 -19.00
CA ALA B 150 35.15 2.25 -18.69
C ALA B 150 35.59 1.44 -19.92
N GLU B 151 34.92 1.64 -21.06
CA GLU B 151 35.36 0.99 -22.30
C GLU B 151 36.76 1.45 -22.77
N LYS B 152 37.00 2.77 -22.78
CA LYS B 152 38.26 3.33 -23.26
C LYS B 152 39.46 2.81 -22.48
N LEU B 153 39.26 2.60 -21.18
CA LEU B 153 40.30 2.09 -20.28
C LEU B 153 40.26 0.57 -20.11
N GLY B 154 39.32 -0.12 -20.76
CA GLY B 154 39.26 -1.59 -20.74
C GLY B 154 38.86 -2.25 -19.42
N TYR B 155 38.02 -1.59 -18.63
CA TYR B 155 37.59 -2.18 -17.36
C TYR B 155 36.37 -3.06 -17.56
N ARG B 156 36.26 -4.10 -16.75
CA ARG B 156 35.07 -4.92 -16.72
C ARG B 156 33.93 -4.15 -16.00
N TYR B 157 32.78 -4.03 -16.65
CA TYR B 157 31.67 -3.25 -16.11
C TYR B 157 30.33 -3.79 -16.61
N LYS B 158 29.25 -3.46 -15.91
CA LYS B 158 27.94 -3.65 -16.48
C LYS B 158 27.15 -2.41 -16.16
N VAL B 159 26.19 -2.08 -17.03
CA VAL B 159 25.38 -0.90 -16.78
C VAL B 159 23.93 -1.38 -16.71
N GLY B 160 23.19 -0.97 -15.68
CA GLY B 160 21.76 -1.36 -15.61
C GLY B 160 21.19 -0.95 -14.27
N ASN B 161 20.33 -1.81 -13.72
CA ASN B 161 19.55 -1.47 -12.53
C ASN B 161 20.34 -1.91 -11.32
N ILE B 162 20.35 -1.06 -10.29
CA ILE B 162 20.83 -1.46 -8.98
C ILE B 162 19.67 -1.42 -7.98
N TYR B 163 19.91 -1.92 -6.78
CA TYR B 163 18.89 -1.90 -5.71
C TYR B 163 19.42 -1.18 -4.48
N SER B 164 18.70 -0.14 -4.08
CA SER B 164 19.03 0.59 -2.85
C SER B 164 18.20 0.05 -1.71
N ALA B 165 18.81 -0.78 -0.88
CA ALA B 165 18.13 -1.41 0.24
C ALA B 165 18.17 -0.52 1.47
N ASN B 166 17.27 -0.79 2.40
CA ASN B 166 17.27 -0.12 3.71
C ASN B 166 18.03 -0.93 4.77
N TYR B 167 18.50 -2.09 4.36
CA TYR B 167 19.10 -3.02 5.32
C TYR B 167 20.42 -3.51 4.77
N PHE B 168 21.39 -3.68 5.66
CA PHE B 168 22.60 -4.42 5.35
C PHE B 168 22.38 -5.90 5.76
N TYR B 169 21.70 -6.11 6.89
CA TYR B 169 21.42 -7.45 7.42
C TYR B 169 19.98 -7.83 7.11
N ASP B 170 19.81 -8.86 6.29
CA ASP B 170 18.47 -9.33 5.91
C ASP B 170 17.94 -10.34 6.96
N ASP B 171 16.82 -10.01 7.63
CA ASP B 171 16.16 -10.93 8.59
C ASP B 171 15.64 -12.22 7.91
N GLY B 172 15.27 -12.10 6.62
CA GLY B 172 14.87 -13.25 5.78
C GLY B 172 15.82 -13.44 4.59
N ASP B 173 15.27 -13.76 3.41
CA ASP B 173 16.04 -13.64 2.15
C ASP B 173 15.13 -13.05 1.11
N HIS B 174 15.34 -11.78 0.83
CA HIS B 174 14.47 -11.03 -0.07
C HIS B 174 15.11 -10.71 -1.40
N SER B 175 16.21 -11.38 -1.72
CA SER B 175 17.00 -11.03 -2.91
C SER B 175 16.45 -11.65 -4.20
N GLY B 176 15.67 -12.72 -4.04
CA GLY B 176 15.22 -13.54 -5.17
C GLY B 176 14.47 -12.83 -6.29
N ALA B 177 13.48 -12.04 -5.91
CA ALA B 177 12.70 -11.33 -6.89
C ALA B 177 13.53 -10.29 -7.68
N TRP B 178 14.45 -9.58 -7.02
CA TRP B 178 15.33 -8.61 -7.69
C TRP B 178 16.21 -9.30 -8.70
N LYS B 179 16.79 -10.41 -8.30
CA LYS B 179 17.61 -11.23 -9.19
C LYS B 179 16.81 -11.64 -10.45
N LYS B 180 15.59 -12.12 -10.25
CA LYS B 180 14.72 -12.49 -11.36
C LYS B 180 14.49 -11.31 -12.32
N MET B 181 14.44 -10.10 -11.78
CA MET B 181 14.20 -8.91 -12.61
C MET B 181 15.45 -8.40 -13.33
N GLY B 182 16.60 -9.04 -13.15
CA GLY B 182 17.84 -8.55 -13.73
C GLY B 182 18.58 -7.44 -12.98
N VAL B 183 18.22 -7.18 -11.73
CA VAL B 183 18.92 -6.17 -10.96
C VAL B 183 20.39 -6.64 -10.77
N LEU B 184 21.36 -5.75 -10.98
CA LEU B 184 22.77 -6.12 -10.99
C LEU B 184 23.43 -6.26 -9.59
N ALA B 185 23.12 -5.34 -8.69
CA ALA B 185 23.89 -5.21 -7.44
C ALA B 185 23.04 -4.45 -6.41
N VAL B 186 23.40 -4.66 -5.14
CA VAL B 186 22.69 -4.04 -4.03
C VAL B 186 23.63 -3.07 -3.31
N GLU B 187 23.14 -1.86 -3.05
CA GLU B 187 23.81 -0.92 -2.15
C GLU B 187 22.71 -0.28 -1.31
N MET B 188 22.93 0.91 -0.77
CA MET B 188 21.93 1.47 0.16
C MET B 188 21.61 2.95 0.00
N GLU B 189 21.99 3.54 -1.13
CA GLU B 189 22.02 5.02 -1.22
C GLU B 189 21.46 5.57 -2.54
N ALA B 190 21.69 4.86 -3.64
CA ALA B 190 21.56 5.51 -4.96
C ALA B 190 20.16 6.08 -5.27
N ALA B 191 19.10 5.38 -4.89
CA ALA B 191 17.75 5.84 -5.31
C ALA B 191 17.41 7.23 -4.77
N ALA B 192 17.82 7.48 -3.53
CA ALA B 192 17.52 8.77 -2.90
C ALA B 192 18.28 9.87 -3.63
N LEU B 193 19.56 9.64 -3.90
CA LEU B 193 20.37 10.62 -4.67
C LEU B 193 19.67 10.95 -6.02
N TYR B 194 19.24 9.91 -6.71
CA TYR B 194 18.61 10.08 -8.02
C TYR B 194 17.30 10.87 -7.97
N MET B 195 16.44 10.56 -7.00
CA MET B 195 15.18 11.25 -6.82
C MET B 195 15.41 12.74 -6.53
N ILE B 196 16.37 13.00 -5.66
CA ILE B 196 16.65 14.38 -5.25
C ILE B 196 17.23 15.18 -6.43
N ALA B 197 18.13 14.54 -7.18
CA ALA B 197 18.70 15.15 -8.38
C ALA B 197 17.61 15.45 -9.43
N ALA B 198 16.70 14.50 -9.64
CA ALA B 198 15.62 14.73 -10.62
C ALA B 198 14.73 15.91 -10.17
N ARG B 199 14.38 15.97 -8.89
CA ARG B 199 13.55 17.04 -8.38
C ARG B 199 14.21 18.42 -8.59
N ALA B 200 15.53 18.46 -8.42
CA ALA B 200 16.34 19.67 -8.53
C ALA B 200 16.76 20.01 -9.95
N ARG B 201 16.45 19.12 -10.90
CA ARG B 201 16.89 19.25 -12.29
C ARG B 201 18.41 19.30 -12.42
N LYS B 202 19.12 18.48 -11.62
CA LYS B 202 20.57 18.36 -11.67
C LYS B 202 20.99 16.90 -12.01
N GLN B 203 22.28 16.67 -12.03
CA GLN B 203 22.81 15.43 -12.54
C GLN B 203 23.43 14.59 -11.43
N ALA B 204 23.10 13.31 -11.44
CA ALA B 204 23.67 12.37 -10.47
C ALA B 204 23.91 11.01 -11.15
N LEU B 205 24.90 10.30 -10.63
CA LEU B 205 25.22 8.96 -11.09
C LEU B 205 25.87 8.22 -9.93
N CYS B 206 25.54 6.95 -9.80
CA CYS B 206 26.21 6.11 -8.83
C CYS B 206 26.99 5.02 -9.61
N MET B 207 28.24 4.85 -9.23
CA MET B 207 29.09 3.77 -9.74
C MET B 207 29.56 2.96 -8.55
N LEU B 208 29.74 1.67 -8.77
CA LEU B 208 29.97 0.73 -7.68
C LEU B 208 31.03 -0.26 -8.06
N THR B 209 31.84 -0.65 -7.08
CA THR B 209 32.73 -1.78 -7.30
C THR B 209 32.16 -2.96 -6.53
N ILE B 210 32.05 -4.10 -7.20
CA ILE B 210 31.54 -5.30 -6.56
C ILE B 210 32.57 -5.77 -5.49
N SER B 211 32.18 -5.74 -4.22
CA SER B 211 33.09 -6.18 -3.14
C SER B 211 32.64 -7.51 -2.54
N ASP B 212 31.39 -7.92 -2.78
CA ASP B 212 30.88 -9.23 -2.35
C ASP B 212 29.94 -9.82 -3.37
N LEU B 213 29.90 -11.15 -3.45
CA LEU B 213 28.98 -11.85 -4.34
C LEU B 213 27.76 -12.33 -3.53
N CYS B 214 26.58 -11.79 -3.84
CA CYS B 214 25.35 -12.21 -3.13
C CYS B 214 24.63 -13.35 -3.86
N TYR B 215 25.41 -14.26 -4.43
CA TYR B 215 24.89 -15.47 -5.06
C TYR B 215 25.87 -16.62 -4.74
N GLY B 216 25.59 -17.82 -5.24
CA GLY B 216 26.49 -18.98 -5.07
C GLY B 216 27.06 -19.13 -3.68
N SER B 217 28.39 -19.13 -3.57
CA SER B 217 29.06 -19.41 -2.28
C SER B 217 29.37 -18.16 -1.44
N GLY B 218 28.93 -17.00 -1.92
CA GLY B 218 29.06 -15.78 -1.12
C GLY B 218 30.48 -15.26 -0.90
N GLU B 219 31.34 -15.45 -1.90
CA GLU B 219 32.70 -14.92 -1.86
C GLU B 219 32.73 -13.39 -1.53
N LYS B 220 33.72 -13.01 -0.75
CA LYS B 220 33.89 -11.62 -0.33
C LYS B 220 35.28 -11.14 -0.75
N MET B 221 35.42 -9.84 -0.93
CA MET B 221 36.75 -9.26 -1.05
C MET B 221 37.48 -9.42 0.28
N THR B 222 38.80 -9.62 0.22
CA THR B 222 39.61 -9.57 1.44
C THR B 222 39.70 -8.12 1.90
N ALA B 223 40.12 -7.91 3.14
CA ALA B 223 40.42 -6.57 3.62
C ALA B 223 41.42 -5.87 2.68
N GLU B 224 42.38 -6.63 2.14
CA GLU B 224 43.39 -6.04 1.26
C GLU B 224 42.79 -5.62 -0.10
N GLU B 225 42.00 -6.48 -0.70
CA GLU B 225 41.31 -6.11 -1.95
C GLU B 225 40.35 -4.91 -1.76
N ARG B 226 39.65 -4.84 -0.62
CA ARG B 226 38.81 -3.67 -0.31
C ARG B 226 39.63 -2.37 -0.26
N ARG B 227 40.78 -2.46 0.40
CA ARG B 227 41.69 -1.32 0.52
C ARG B 227 42.23 -0.87 -0.85
N THR B 228 42.39 -1.82 -1.77
CA THR B 228 43.14 -1.63 -3.01
C THR B 228 42.30 -1.44 -4.31
N LYS B 229 41.26 -2.24 -4.47
CA LYS B 229 40.66 -2.44 -5.78
C LYS B 229 39.51 -1.46 -6.13
N PHE B 230 39.52 -0.27 -5.53
CA PHE B 230 38.54 0.78 -5.83
C PHE B 230 39.13 1.90 -6.73
N THR B 231 40.43 1.75 -7.02
CA THR B 231 41.16 2.63 -7.92
C THR B 231 40.60 2.72 -9.34
N GLN B 232 40.25 1.59 -9.94
CA GLN B 232 39.68 1.60 -11.29
C GLN B 232 38.41 2.47 -11.37
N MET B 233 37.54 2.31 -10.38
CA MET B 233 36.27 3.01 -10.32
C MET B 233 36.57 4.50 -10.22
N MET B 234 37.60 4.85 -9.45
CA MET B 234 38.05 6.22 -9.31
C MET B 234 38.37 6.91 -10.60
N GLU B 235 39.14 6.24 -11.46
CA GLU B 235 39.50 6.81 -12.74
C GLU B 235 38.25 7.03 -13.61
N VAL B 236 37.26 6.14 -13.49
CA VAL B 236 36.01 6.34 -14.21
C VAL B 236 35.29 7.58 -13.65
N ALA B 237 35.12 7.65 -12.33
CA ALA B 237 34.42 8.77 -11.70
C ALA B 237 35.10 10.10 -12.04
N LEU B 238 36.43 10.10 -11.96
CA LEU B 238 37.23 11.30 -12.21
C LEU B 238 37.13 11.81 -13.64
N SER B 239 36.96 10.91 -14.61
CA SER B 239 36.60 11.28 -15.99
C SER B 239 35.40 12.20 -16.10
N LEU B 240 34.58 12.26 -15.05
CA LEU B 240 33.31 12.98 -15.15
C LEU B 240 33.40 14.37 -14.55
N ALA B 241 34.55 14.68 -13.95
CA ALA B 241 34.77 15.98 -13.33
C ALA B 241 34.64 17.12 -14.35
N LYS B 242 33.76 18.08 -14.06
CA LYS B 242 33.50 19.23 -14.94
C LYS B 242 33.41 20.57 -14.18
N MET C 5 27.72 -13.47 19.46
CA MET C 5 28.63 -14.33 18.65
C MET C 5 29.96 -13.64 18.40
N ALA C 6 30.98 -14.08 19.15
CA ALA C 6 32.34 -13.54 19.02
C ALA C 6 32.86 -13.71 17.60
N GLU C 7 32.44 -14.78 16.93
CA GLU C 7 32.82 -15.10 15.55
C GLU C 7 32.53 -13.97 14.57
N HIS C 8 31.64 -13.06 14.95
CA HIS C 8 31.23 -11.99 14.05
C HIS C 8 31.84 -10.66 14.37
N CYS C 9 32.73 -10.61 15.36
CA CYS C 9 33.39 -9.37 15.76
C CYS C 9 34.87 -9.50 15.46
N PRO C 10 35.51 -8.45 14.91
CA PRO C 10 34.97 -7.16 14.45
C PRO C 10 34.07 -7.31 13.24
N THR C 11 33.24 -6.29 12.98
CA THR C 11 32.30 -6.29 11.85
C THR C 11 32.81 -5.34 10.77
N PRO C 12 32.15 -5.30 9.59
CA PRO C 12 32.55 -4.30 8.62
C PRO C 12 32.36 -2.85 9.11
N HIS C 13 31.60 -2.65 10.19
CA HIS C 13 31.30 -1.28 10.66
C HIS C 13 31.86 -0.95 12.02
N ASN C 14 32.47 -1.94 12.65
CA ASN C 14 32.90 -1.83 14.04
C ASN C 14 34.19 -2.62 14.25
N GLY C 15 35.25 -1.90 14.64
CA GLY C 15 36.57 -2.49 14.89
C GLY C 15 36.68 -3.24 16.20
N ALA C 16 35.67 -3.15 17.06
CA ALA C 16 35.73 -3.81 18.37
C ALA C 16 35.77 -5.32 18.26
N LYS C 17 36.59 -5.94 19.12
CA LYS C 17 36.50 -7.37 19.39
C LYS C 17 35.38 -7.61 20.42
N TYR C 18 34.83 -8.83 20.46
CA TYR C 18 33.81 -9.16 21.46
C TYR C 18 34.32 -8.85 22.85
N GLY C 19 33.53 -8.12 23.63
CA GLY C 19 33.87 -7.84 25.03
C GLY C 19 34.44 -6.45 25.24
N GLU C 20 34.76 -5.77 24.16
CA GLU C 20 35.31 -4.40 24.25
C GLU C 20 34.23 -3.36 24.45
N ILE C 21 33.01 -3.77 24.15
CA ILE C 21 31.84 -2.91 24.28
C ILE C 21 31.07 -3.37 25.50
N ALA C 22 30.63 -2.43 26.32
CA ALA C 22 29.96 -2.79 27.58
C ALA C 22 28.51 -3.19 27.32
N GLU C 23 27.85 -3.72 28.36
CA GLU C 23 26.46 -4.17 28.27
C GLU C 23 25.45 -3.04 28.07
N THR C 24 25.80 -1.83 28.50
CA THR C 24 25.03 -0.60 28.24
C THR C 24 25.81 0.28 27.29
N VAL C 25 25.13 0.69 26.21
CA VAL C 25 25.68 1.66 25.27
C VAL C 25 24.79 2.89 25.18
N LEU C 26 25.42 4.06 25.28
CA LEU C 26 24.76 5.31 24.90
C LEU C 26 25.14 5.66 23.46
N MET C 27 24.15 5.97 22.65
CA MET C 27 24.37 6.30 21.23
C MET C 27 23.88 7.69 20.89
N ALA C 28 24.63 8.39 20.04
CA ALA C 28 24.19 9.66 19.46
C ALA C 28 24.61 9.66 17.98
N GLY C 29 24.00 10.52 17.17
CA GLY C 29 24.24 10.58 15.74
C GLY C 29 25.64 11.09 15.45
N ASP C 30 26.06 12.09 16.23
CA ASP C 30 27.24 12.88 15.90
C ASP C 30 28.47 12.35 16.65
N PRO C 31 29.50 11.89 15.91
CA PRO C 31 30.77 11.40 16.49
C PRO C 31 31.47 12.42 17.37
N LEU C 32 31.40 13.69 16.97
CA LEU C 32 31.91 14.80 17.80
C LEU C 32 31.21 14.90 19.17
N ARG C 33 29.89 14.72 19.21
CA ARG C 33 29.17 14.70 20.46
C ARG C 33 29.51 13.44 21.27
N VAL C 34 29.70 12.31 20.59
CA VAL C 34 30.11 11.07 21.26
C VAL C 34 31.49 11.23 21.94
N LYS C 35 32.46 11.80 21.21
CA LYS C 35 33.80 12.07 21.78
C LYS C 35 33.72 13.01 22.98
N LEU C 36 33.01 14.13 22.82
CA LEU C 36 32.72 15.02 23.95
C LEU C 36 32.10 14.30 25.15
N LEU C 37 31.11 13.42 24.94
CA LEU C 37 30.54 12.62 26.04
C LEU C 37 31.61 11.79 26.79
N ALA C 38 32.44 11.07 26.04
CA ALA C 38 33.49 10.20 26.61
C ALA C 38 34.47 11.06 27.38
N ASP C 39 34.93 12.14 26.77
CA ASP C 39 35.87 13.09 27.38
C ASP C 39 35.30 13.73 28.62
N THR C 40 34.00 13.96 28.63
CA THR C 40 33.42 14.70 29.74
C THR C 40 33.08 13.80 30.93
N TYR C 41 32.50 12.64 30.65
CA TYR C 41 31.86 11.84 31.68
C TYR C 41 32.55 10.53 32.02
N LEU C 42 33.38 10.01 31.14
CA LEU C 42 33.96 8.67 31.33
C LEU C 42 35.41 8.73 31.85
N THR C 43 35.79 7.82 32.73
CA THR C 43 37.21 7.71 33.11
C THR C 43 37.78 6.44 32.49
N ASP C 44 39.11 6.37 32.37
CA ASP C 44 39.80 5.17 31.85
C ASP C 44 39.25 4.76 30.47
N VAL C 45 39.12 5.76 29.61
CA VAL C 45 38.51 5.58 28.30
C VAL C 45 39.42 4.83 27.33
N VAL C 46 38.87 3.82 26.67
CA VAL C 46 39.49 3.16 25.53
C VAL C 46 38.59 3.36 24.31
N GLN C 47 39.18 3.77 23.19
CA GLN C 47 38.47 3.85 21.93
C GLN C 47 38.48 2.49 21.26
N TYR C 48 37.31 1.89 21.05
CA TYR C 48 37.24 0.58 20.42
C TYR C 48 36.85 0.61 18.95
N ASN C 49 36.35 1.74 18.46
CA ASN C 49 36.04 1.87 17.05
C ASN C 49 36.39 3.22 16.43
N SER C 50 36.91 3.18 15.21
CA SER C 50 37.11 4.37 14.40
C SER C 50 36.67 4.13 12.97
N VAL C 51 36.12 2.94 12.69
CA VAL C 51 35.68 2.61 11.33
C VAL C 51 34.60 3.60 10.88
N ARG C 52 34.78 4.17 9.68
CA ARG C 52 33.90 5.22 9.11
C ARG C 52 33.75 6.44 9.99
N GLY C 53 34.71 6.69 10.87
CA GLY C 53 34.60 7.81 11.79
C GLY C 53 33.49 7.66 12.86
N ALA C 54 32.82 6.51 12.90
CA ALA C 54 31.75 6.25 13.89
C ALA C 54 32.32 5.84 15.24
N VAL C 55 32.95 6.81 15.91
CA VAL C 55 33.75 6.52 17.10
C VAL C 55 32.95 5.80 18.19
N GLY C 56 33.60 4.84 18.83
CA GLY C 56 33.01 4.16 19.98
C GLY C 56 34.05 4.11 21.08
N TYR C 57 33.63 4.41 22.31
CA TYR C 57 34.53 4.40 23.48
C TYR C 57 33.92 3.61 24.61
N THR C 58 34.76 3.04 25.45
CA THR C 58 34.32 2.35 26.64
C THR C 58 35.10 2.88 27.83
N GLY C 59 34.40 3.16 28.93
CA GLY C 59 35.00 3.76 30.10
C GLY C 59 34.08 3.55 31.29
N TYR C 60 34.39 4.19 32.41
CA TYR C 60 33.56 4.08 33.59
C TYR C 60 32.88 5.40 33.86
N TYR C 61 31.61 5.32 34.23
CA TYR C 61 30.88 6.48 34.72
C TYR C 61 30.43 6.15 36.15
N LYS C 62 30.95 6.89 37.12
CA LYS C 62 30.69 6.62 38.56
C LYS C 62 30.90 5.15 38.93
N GLY C 63 32.04 4.61 38.54
CA GLY C 63 32.35 3.21 38.81
C GLY C 63 31.70 2.15 37.94
N VAL C 64 30.74 2.52 37.08
CA VAL C 64 30.03 1.53 36.23
C VAL C 64 30.58 1.57 34.78
N LYS C 65 31.00 0.42 34.25
CA LYS C 65 31.49 0.36 32.86
C LYS C 65 30.38 0.70 31.86
N LEU C 66 30.68 1.52 30.86
CA LEU C 66 29.71 2.08 29.93
C LEU C 66 30.39 2.32 28.58
N SER C 67 29.62 2.15 27.51
CA SER C 67 30.11 2.48 26.16
C SER C 67 29.27 3.57 25.51
N VAL C 68 29.90 4.35 24.66
CA VAL C 68 29.17 5.37 23.92
C VAL C 68 29.65 5.28 22.49
N GLN C 69 28.73 5.44 21.56
CA GLN C 69 29.05 5.14 20.19
C GLN C 69 28.25 6.01 19.19
N ALA C 70 28.92 6.49 18.14
CA ALA C 70 28.22 7.20 17.05
C ALA C 70 27.33 6.29 16.15
N HIS C 71 26.14 6.76 15.76
CA HIS C 71 25.27 5.96 14.85
C HIS C 71 24.93 6.61 13.54
N GLY C 72 25.42 7.82 13.33
CA GLY C 72 25.12 8.51 12.07
C GLY C 72 23.65 8.91 11.97
N MET C 73 23.17 9.16 10.75
CA MET C 73 21.82 9.73 10.58
C MET C 73 20.94 8.77 9.81
N GLY C 74 19.72 8.56 10.32
CA GLY C 74 18.70 7.83 9.58
C GLY C 74 18.59 6.40 10.10
N MET C 75 17.41 5.83 9.89
CA MET C 75 17.10 4.49 10.34
C MET C 75 18.01 3.41 9.76
N PRO C 76 18.39 3.48 8.46
CA PRO C 76 19.29 2.43 7.92
C PRO C 76 20.65 2.45 8.61
N SER C 77 21.13 3.66 8.93
CA SER C 77 22.38 3.80 9.64
C SER C 77 22.34 3.25 11.08
N ILE C 78 21.39 3.71 11.90
CA ILE C 78 21.30 3.19 13.28
C ILE C 78 21.00 1.70 13.29
N GLY C 79 20.24 1.23 12.31
CA GLY C 79 19.87 -0.18 12.21
C GLY C 79 21.10 -1.11 12.10
N ILE C 80 22.05 -0.75 11.22
CA ILE C 80 23.33 -1.44 11.11
C ILE C 80 24.06 -1.50 12.45
N TYR C 81 24.25 -0.35 13.11
CA TYR C 81 24.98 -0.35 14.37
C TYR C 81 24.23 -1.11 15.47
N ALA C 82 22.94 -0.85 15.61
CA ALA C 82 22.15 -1.49 16.67
C ALA C 82 22.04 -2.99 16.46
N TYR C 83 21.85 -3.41 15.21
CA TYR C 83 21.83 -4.82 14.89
C TYR C 83 23.13 -5.51 15.38
N GLU C 84 24.26 -4.92 15.06
CA GLU C 84 25.56 -5.52 15.43
C GLU C 84 25.74 -5.57 16.95
N LEU C 85 25.39 -4.46 17.62
CA LEU C 85 25.58 -4.37 19.06
C LEU C 85 24.73 -5.41 19.81
N PHE C 86 23.45 -5.50 19.48
CA PHE C 86 22.57 -6.48 20.13
C PHE C 86 22.85 -7.93 19.73
N ASN C 87 23.18 -8.17 18.45
CA ASN C 87 23.27 -9.56 18.00
C ASN C 87 24.68 -10.12 18.00
N PHE C 88 25.71 -9.26 17.98
CA PHE C 88 27.10 -9.71 17.96
C PHE C 88 27.89 -9.39 19.24
N TYR C 89 27.61 -8.25 19.85
CA TYR C 89 28.49 -7.76 20.93
C TYR C 89 27.97 -8.03 22.33
N GLY C 90 26.80 -8.65 22.43
CA GLY C 90 26.24 -8.99 23.74
C GLY C 90 25.67 -7.78 24.46
N VAL C 91 25.44 -6.69 23.74
CA VAL C 91 24.82 -5.50 24.37
C VAL C 91 23.39 -5.77 24.88
N LYS C 92 23.09 -5.29 26.09
CA LYS C 92 21.80 -5.55 26.71
C LYS C 92 20.85 -4.35 26.59
N ARG C 93 21.42 -3.14 26.61
CA ARG C 93 20.67 -1.86 26.63
C ARG C 93 21.32 -0.86 25.72
N ILE C 94 20.49 -0.18 24.93
CA ILE C 94 20.95 0.95 24.14
C ILE C 94 20.05 2.15 24.48
N ILE C 95 20.67 3.25 24.91
CA ILE C 95 19.95 4.50 25.07
C ILE C 95 20.45 5.46 24.03
N ARG C 96 19.56 5.88 23.15
CA ARG C 96 19.94 6.86 22.13
C ARG C 96 19.54 8.24 22.61
N ILE C 97 20.43 9.20 22.39
CA ILE C 97 20.18 10.57 22.76
C ILE C 97 20.41 11.44 21.52
N GLY C 98 19.59 12.48 21.36
CA GLY C 98 19.78 13.32 20.20
C GLY C 98 18.92 14.54 20.26
N SER C 99 18.93 15.28 19.14
CA SER C 99 18.11 16.45 19.00
C SER C 99 16.85 16.08 18.20
N ALA C 100 15.85 16.93 18.29
CA ALA C 100 14.58 16.67 17.59
C ALA C 100 13.88 17.97 17.28
N GLY C 101 12.97 17.94 16.29
CA GLY C 101 12.07 19.08 16.06
C GLY C 101 10.76 18.87 16.80
N ALA C 102 10.22 19.94 17.38
CA ALA C 102 8.99 19.80 18.13
C ALA C 102 7.80 19.82 17.18
N PHE C 103 6.85 18.93 17.44
CA PHE C 103 5.54 19.00 16.80
C PHE C 103 4.48 19.56 17.77
N ASP C 104 4.59 19.19 19.04
CA ASP C 104 3.68 19.61 20.06
C ASP C 104 4.01 21.08 20.42
N GLU C 105 3.03 21.97 20.26
CA GLU C 105 3.20 23.44 20.42
C GLU C 105 3.60 23.93 21.83
N SER C 106 3.37 23.12 22.85
CA SER C 106 3.75 23.50 24.22
C SER C 106 5.22 23.18 24.53
N LEU C 107 5.93 22.53 23.60
CA LEU C 107 7.35 22.28 23.79
C LEU C 107 8.23 23.50 23.48
N LYS C 108 9.13 23.81 24.41
CA LYS C 108 10.10 24.91 24.26
C LYS C 108 11.47 24.34 23.87
N LEU C 109 12.35 25.17 23.32
CA LEU C 109 13.72 24.71 23.04
C LEU C 109 14.33 24.16 24.32
N GLY C 110 15.06 23.03 24.22
CA GLY C 110 15.64 22.42 25.41
C GLY C 110 14.73 21.50 26.23
N ASP C 111 13.44 21.40 25.87
CA ASP C 111 12.60 20.39 26.54
C ASP C 111 13.11 18.99 26.16
N ILE C 112 12.90 18.04 27.06
CA ILE C 112 13.33 16.67 26.84
C ILE C 112 12.10 15.88 26.39
N VAL C 113 12.22 15.13 25.30
CA VAL C 113 11.13 14.21 24.94
C VAL C 113 11.62 12.76 25.14
N ILE C 114 10.85 11.98 25.90
CA ILE C 114 11.12 10.55 26.08
C ILE C 114 10.21 9.76 25.12
N GLY C 115 10.79 9.02 24.19
CA GLY C 115 9.98 8.33 23.14
C GLY C 115 9.46 6.97 23.60
N MET C 116 8.30 6.97 24.24
CA MET C 116 7.65 5.75 24.65
C MET C 116 7.32 4.92 23.40
N GLY C 117 6.99 5.61 22.32
CA GLY C 117 6.58 4.99 21.06
C GLY C 117 7.23 5.74 19.93
N ALA C 118 7.42 5.08 18.80
CA ALA C 118 7.95 5.82 17.64
C ALA C 118 7.13 5.46 16.38
N CYS C 119 6.50 6.48 15.81
CA CYS C 119 5.91 6.38 14.49
C CYS C 119 7.06 6.40 13.47
N TYR C 120 6.77 6.01 12.22
CA TYR C 120 7.83 5.90 11.22
C TYR C 120 7.31 5.88 9.78
N ASP C 121 8.19 6.25 8.88
CA ASP C 121 8.09 6.04 7.45
C ASP C 121 8.75 4.65 7.31
N SER C 122 8.58 3.99 6.18
CA SER C 122 9.19 2.66 6.07
C SER C 122 10.71 2.68 6.24
N ASN C 123 11.19 1.72 7.01
CA ASN C 123 12.60 1.45 7.12
C ASN C 123 12.81 -0.05 7.09
N PHE C 124 12.56 -0.67 8.24
CA PHE C 124 12.99 -2.02 8.45
C PHE C 124 11.91 -3.03 8.38
N GLU C 125 10.66 -2.59 8.45
CA GLU C 125 9.58 -3.50 8.76
C GLU C 125 9.45 -4.60 7.71
N ARG C 126 9.59 -4.23 6.44
CA ARG C 126 9.18 -5.10 5.33
C ARG C 126 10.06 -6.33 5.31
N GLN C 127 11.29 -6.13 5.74
CA GLN C 127 12.27 -7.17 5.84
C GLN C 127 11.90 -8.21 6.94
N TYR C 128 11.02 -7.83 7.90
CA TYR C 128 10.55 -8.77 8.91
C TYR C 128 9.27 -9.53 8.51
N ASP C 129 8.70 -9.21 7.35
CA ASP C 129 7.49 -9.88 6.84
C ASP C 129 6.29 -9.81 7.83
N ILE C 130 6.05 -8.62 8.35
CA ILE C 130 4.98 -8.42 9.29
C ILE C 130 3.68 -8.17 8.53
N PRO C 131 2.63 -8.97 8.77
CA PRO C 131 1.35 -8.82 8.04
C PRO C 131 0.35 -7.86 8.71
N GLY C 132 0.82 -6.70 9.14
CA GLY C 132 -0.05 -5.66 9.64
C GLY C 132 0.83 -4.50 10.03
N LYS C 133 0.32 -3.63 10.90
CA LYS C 133 1.07 -2.45 11.29
C LYS C 133 1.79 -2.77 12.61
N TYR C 134 3.11 -2.68 12.61
CA TYR C 134 3.90 -2.92 13.81
C TYR C 134 4.06 -1.60 14.60
N SER C 135 3.70 -1.59 15.89
CA SER C 135 3.89 -0.40 16.71
C SER C 135 5.25 -0.46 17.42
N CYS C 136 6.11 0.51 17.15
CA CYS C 136 7.51 0.52 17.70
C CYS C 136 7.47 1.16 19.07
N ILE C 137 7.88 0.40 20.09
CA ILE C 137 7.85 0.86 21.46
C ILE C 137 9.19 0.72 22.16
N ALA C 138 9.43 1.62 23.09
CA ALA C 138 10.61 1.53 23.94
C ALA C 138 10.44 0.40 24.97
N ASP C 139 11.56 -0.02 25.54
CA ASP C 139 11.54 -0.86 26.73
C ASP C 139 10.83 -0.12 27.88
N PHE C 140 9.84 -0.77 28.48
CA PHE C 140 9.10 -0.08 29.55
C PHE C 140 9.99 0.34 30.74
N GLN C 141 10.89 -0.54 31.16
CA GLN C 141 11.70 -0.25 32.35
C GLN C 141 12.58 0.98 32.13
N LEU C 142 13.24 1.04 30.98
CA LEU C 142 14.07 2.21 30.68
C LEU C 142 13.23 3.48 30.63
N CYS C 143 12.04 3.36 30.03
CA CYS C 143 11.20 4.54 29.83
C CYS C 143 10.80 5.08 31.20
N ARG C 144 10.36 4.17 32.07
CA ARG C 144 10.03 4.51 33.44
C ARG C 144 11.18 5.17 34.24
N GLU C 145 12.38 4.61 34.11
CA GLU C 145 13.56 5.16 34.80
C GLU C 145 13.88 6.57 34.29
N ALA C 146 13.72 6.79 32.99
CA ALA C 146 14.02 8.11 32.42
C ALA C 146 13.05 9.16 32.94
N VAL C 147 11.77 8.76 33.02
CA VAL C 147 10.74 9.64 33.48
C VAL C 147 10.99 9.99 34.94
N ASP C 148 11.35 9.00 35.76
CA ASP C 148 11.66 9.26 37.18
C ASP C 148 12.85 10.21 37.32
N ALA C 149 13.92 9.95 36.56
CA ALA C 149 15.13 10.81 36.58
C ALA C 149 14.82 12.25 36.18
N ALA C 150 13.99 12.44 35.14
CA ALA C 150 13.66 13.80 34.67
C ALA C 150 12.80 14.50 35.72
N GLU C 151 11.90 13.73 36.31
CA GLU C 151 10.99 14.22 37.34
C GLU C 151 11.76 14.65 38.58
N LYS C 152 12.71 13.81 39.02
CA LYS C 152 13.53 14.08 40.19
C LYS C 152 14.39 15.33 40.00
N LEU C 153 15.02 15.47 38.84
CA LEU C 153 15.85 16.67 38.50
C LEU C 153 14.98 17.90 38.22
N GLY C 154 13.68 17.67 38.12
CA GLY C 154 12.71 18.73 37.87
C GLY C 154 12.79 19.40 36.51
N TYR C 155 13.24 18.65 35.50
CA TYR C 155 13.29 19.13 34.12
C TYR C 155 11.93 19.08 33.44
N ARG C 156 11.73 20.03 32.53
CA ARG C 156 10.61 20.05 31.60
C ARG C 156 10.78 18.88 30.59
N TYR C 157 9.80 17.99 30.58
CA TYR C 157 9.83 16.84 29.68
C TYR C 157 8.42 16.49 29.31
N LYS C 158 8.28 15.73 28.23
CA LYS C 158 7.07 14.99 27.97
C LYS C 158 7.49 13.57 27.56
N VAL C 159 6.63 12.61 27.87
CA VAL C 159 6.85 11.24 27.44
C VAL C 159 5.66 10.88 26.52
N GLY C 160 5.93 10.29 25.37
CA GLY C 160 4.86 9.86 24.45
C GLY C 160 5.41 9.46 23.08
N ASN C 161 4.67 9.79 22.02
CA ASN C 161 5.00 9.30 20.68
C ASN C 161 5.96 10.28 19.99
N ILE C 162 6.95 9.73 19.32
CA ILE C 162 7.81 10.54 18.44
C ILE C 162 7.67 9.99 17.05
N TYR C 163 8.26 10.67 16.10
CA TYR C 163 8.18 10.24 14.71
C TYR C 163 9.59 10.13 14.12
N SER C 164 9.95 8.93 13.65
CA SER C 164 11.21 8.72 12.94
C SER C 164 11.00 8.91 11.44
N ALA C 165 11.35 10.09 10.93
CA ALA C 165 11.22 10.42 9.52
C ALA C 165 12.41 9.90 8.72
N ASN C 166 12.20 9.73 7.41
CA ASN C 166 13.30 9.47 6.49
C ASN C 166 13.88 10.77 5.86
N TYR C 167 13.34 11.91 6.23
CA TYR C 167 13.71 13.20 5.62
C TYR C 167 13.95 14.24 6.73
N PHE C 168 14.90 15.14 6.49
CA PHE C 168 15.06 16.36 7.28
C PHE C 168 14.36 17.54 6.56
N TYR C 169 14.51 17.62 5.25
CA TYR C 169 13.86 18.66 4.45
C TYR C 169 12.58 18.13 3.87
N ASP C 170 11.48 18.81 4.17
CA ASP C 170 10.13 18.42 3.66
C ASP C 170 9.86 19.19 2.38
N ASP C 171 9.59 18.46 1.29
CA ASP C 171 9.22 19.02 -0.02
C ASP C 171 7.87 19.81 0.06
N GLY C 172 6.96 19.37 0.91
CA GLY C 172 5.74 20.12 1.17
C GLY C 172 5.61 20.38 2.67
N ASP C 173 4.44 20.03 3.20
CA ASP C 173 4.23 20.02 4.64
C ASP C 173 3.38 18.80 5.01
N HIS C 174 4.08 17.79 5.54
CA HIS C 174 3.50 16.53 5.94
C HIS C 174 3.46 16.38 7.45
N SER C 175 3.55 17.48 8.18
CA SER C 175 3.58 17.36 9.64
C SER C 175 2.17 17.33 10.27
N GLY C 176 1.16 17.73 9.51
CA GLY C 176 -0.16 18.07 10.04
C GLY C 176 -0.88 16.91 10.70
N ALA C 177 -0.94 15.76 10.02
CA ALA C 177 -1.59 14.61 10.61
C ALA C 177 -0.85 14.06 11.85
N TRP C 178 0.50 14.07 11.86
CA TRP C 178 1.27 13.69 13.04
C TRP C 178 0.94 14.59 14.25
N LYS C 179 0.87 15.89 13.99
CA LYS C 179 0.51 16.84 15.05
C LYS C 179 -0.88 16.60 15.59
N LYS C 180 -1.85 16.39 14.70
CA LYS C 180 -3.23 16.10 15.10
C LYS C 180 -3.31 14.86 16.01
N MET C 181 -2.46 13.88 15.74
CA MET C 181 -2.45 12.65 16.49
C MET C 181 -1.69 12.76 17.81
N GLY C 182 -1.15 13.94 18.12
CA GLY C 182 -0.41 14.14 19.37
C GLY C 182 1.05 13.69 19.38
N VAL C 183 1.63 13.48 18.22
CA VAL C 183 3.03 13.06 18.14
C VAL C 183 3.85 14.26 18.66
N LEU C 184 4.88 14.01 19.46
CA LEU C 184 5.52 15.09 20.19
C LEU C 184 6.63 15.83 19.43
N ALA C 185 7.43 15.06 18.68
CA ALA C 185 8.66 15.53 18.05
C ALA C 185 9.10 14.59 16.90
N VAL C 186 9.93 15.12 16.00
CA VAL C 186 10.47 14.37 14.86
C VAL C 186 12.00 14.21 14.97
N GLU C 187 12.48 12.99 14.78
CA GLU C 187 13.88 12.72 14.56
C GLU C 187 13.93 11.73 13.41
N MET C 188 14.99 10.93 13.31
CA MET C 188 15.15 10.05 12.15
C MET C 188 15.60 8.60 12.44
N GLU C 189 15.55 8.14 13.68
CA GLU C 189 16.26 6.89 14.03
C GLU C 189 15.51 5.92 14.94
N ALA C 190 14.72 6.45 15.87
CA ALA C 190 14.23 5.66 17.00
C ALA C 190 13.50 4.38 16.59
N ALA C 191 12.62 4.46 15.60
CA ALA C 191 11.75 3.31 15.34
C ALA C 191 12.59 2.13 14.92
N ALA C 192 13.68 2.37 14.15
CA ALA C 192 14.53 1.25 13.72
C ALA C 192 15.21 0.58 14.92
N LEU C 193 15.73 1.41 15.83
CA LEU C 193 16.30 0.94 17.09
C LEU C 193 15.29 0.09 17.89
N TYR C 194 14.06 0.58 18.00
CA TYR C 194 13.03 -0.10 18.78
C TYR C 194 12.72 -1.45 18.19
N MET C 195 12.60 -1.49 16.87
CA MET C 195 12.25 -2.73 16.16
C MET C 195 13.36 -3.75 16.32
N ILE C 196 14.59 -3.31 16.14
CA ILE C 196 15.71 -4.22 16.23
C ILE C 196 15.89 -4.74 17.67
N ALA C 197 15.73 -3.84 18.64
CA ALA C 197 15.72 -4.27 20.05
C ALA C 197 14.58 -5.26 20.37
N ALA C 198 13.39 -5.03 19.85
CA ALA C 198 12.26 -5.95 20.12
C ALA C 198 12.54 -7.35 19.53
N ARG C 199 13.01 -7.40 18.29
CA ARG C 199 13.37 -8.64 17.66
C ARG C 199 14.42 -9.42 18.47
N ALA C 200 15.40 -8.71 19.03
CA ALA C 200 16.50 -9.31 19.81
C ALA C 200 16.12 -9.61 21.25
N ARG C 201 14.95 -9.16 21.70
CA ARG C 201 14.57 -9.25 23.14
C ARG C 201 15.52 -8.46 24.02
N LYS C 202 15.95 -7.27 23.57
CA LYS C 202 16.85 -6.48 24.35
C LYS C 202 16.18 -5.14 24.63
N GLN C 203 16.87 -4.26 25.34
CA GLN C 203 16.25 -3.05 25.83
C GLN C 203 16.71 -1.81 25.06
N ALA C 204 15.77 -0.96 24.65
CA ALA C 204 16.16 0.30 24.01
C ALA C 204 15.25 1.46 24.45
N LEU C 205 15.83 2.66 24.46
CA LEU C 205 15.05 3.86 24.71
C LEU C 205 15.70 5.03 23.93
N CYS C 206 14.88 5.89 23.36
CA CYS C 206 15.34 7.12 22.75
CA CYS C 206 15.34 7.13 22.76
C CYS C 206 14.83 8.32 23.55
N MET C 207 15.75 9.22 23.90
CA MET C 207 15.43 10.50 24.51
C MET C 207 16.01 11.61 23.63
N LEU C 208 15.39 12.77 23.67
CA LEU C 208 15.67 13.84 22.73
C LEU C 208 15.58 15.16 23.45
N THR C 209 16.37 16.13 22.99
CA THR C 209 16.22 17.53 23.37
C THR C 209 15.71 18.30 22.17
N ILE C 210 14.67 19.10 22.40
CA ILE C 210 14.09 19.93 21.36
C ILE C 210 15.08 21.03 20.97
N SER C 211 15.52 21.00 19.71
CA SER C 211 16.53 21.94 19.18
C SER C 211 15.91 22.85 18.12
N ASP C 212 14.74 22.47 17.64
CA ASP C 212 14.01 23.28 16.69
C ASP C 212 12.50 23.06 16.81
N LEU C 213 11.74 24.07 16.36
CA LEU C 213 10.29 24.01 16.45
C LEU C 213 9.72 23.82 15.04
N CYS C 214 9.10 22.66 14.80
CA CYS C 214 8.49 22.35 13.50
C CYS C 214 7.03 22.80 13.42
N TYR C 215 6.76 23.99 13.94
CA TYR C 215 5.43 24.61 13.94
C TYR C 215 5.68 26.10 14.09
N GLU C 225 24.45 27.62 25.06
CA GLU C 225 23.24 27.10 25.70
C GLU C 225 22.65 25.87 24.97
N ARG C 226 22.97 25.71 23.69
CA ARG C 226 22.75 24.46 22.94
C ARG C 226 23.43 23.27 23.64
N ARG C 227 24.73 23.39 23.93
CA ARG C 227 25.49 22.35 24.63
C ARG C 227 24.93 22.06 26.03
N THR C 228 24.54 23.12 26.73
CA THR C 228 23.96 23.01 28.06
C THR C 228 22.60 22.33 27.98
N LYS C 229 21.82 22.65 26.93
CA LYS C 229 20.54 21.96 26.75
C LYS C 229 20.85 20.48 26.60
N PHE C 230 21.77 20.09 25.72
CA PHE C 230 22.04 18.65 25.56
C PHE C 230 22.54 17.97 26.86
N THR C 231 23.19 18.72 27.74
CA THR C 231 23.76 18.17 28.98
C THR C 231 22.73 17.59 29.95
N GLN C 232 21.60 18.28 30.11
CA GLN C 232 20.53 17.76 30.96
C GLN C 232 20.08 16.39 30.52
N MET C 233 19.88 16.23 29.21
CA MET C 233 19.50 14.96 28.65
C MET C 233 20.56 13.89 28.91
N MET C 234 21.83 14.24 28.69
CA MET C 234 22.95 13.33 28.94
C MET C 234 22.94 12.83 30.38
N GLU C 235 22.65 13.72 31.32
CA GLU C 235 22.56 13.40 32.75
C GLU C 235 21.44 12.42 33.01
N VAL C 236 20.29 12.62 32.35
CA VAL C 236 19.21 11.65 32.49
C VAL C 236 19.65 10.30 31.91
N ALA C 237 20.21 10.34 30.70
CA ALA C 237 20.75 9.13 30.04
C ALA C 237 21.76 8.37 30.91
N LEU C 238 22.73 9.09 31.49
CA LEU C 238 23.77 8.48 32.31
C LEU C 238 23.23 7.81 33.57
N SER C 239 22.15 8.35 34.14
CA SER C 239 21.39 7.74 35.26
C SER C 239 20.93 6.31 34.98
N LEU C 240 20.71 6.01 33.71
CA LEU C 240 20.14 4.71 33.38
C LEU C 240 21.19 3.62 33.21
N ALA C 241 22.45 4.01 33.03
CA ALA C 241 23.53 3.03 32.88
C ALA C 241 23.69 2.08 34.06
N LYS C 242 23.54 0.78 33.78
CA LYS C 242 23.79 -0.30 34.74
C LYS C 242 24.90 -1.23 34.22
N PRO D 2 -13.40 21.13 25.98
CA PRO D 2 -13.05 20.06 25.03
C PRO D 2 -13.29 18.68 25.65
N GLY D 3 -13.95 17.79 24.91
CA GLY D 3 -14.21 16.45 25.41
C GLY D 3 -15.63 16.30 25.92
N SER D 4 -16.27 17.42 26.22
CA SER D 4 -17.64 17.44 26.73
C SER D 4 -18.57 18.09 25.70
N MET D 5 -19.57 17.35 25.24
CA MET D 5 -20.59 17.91 24.35
C MET D 5 -21.93 17.39 24.79
N ALA D 6 -22.51 18.02 25.80
CA ALA D 6 -23.80 17.59 26.39
C ALA D 6 -24.92 17.40 25.36
N GLU D 7 -24.95 18.26 24.35
CA GLU D 7 -25.98 18.19 23.31
C GLU D 7 -25.87 16.94 22.43
N HIS D 8 -24.70 16.29 22.39
CA HIS D 8 -24.60 15.01 21.70
C HIS D 8 -24.93 13.78 22.55
N CYS D 9 -25.36 13.98 23.81
CA CYS D 9 -25.79 12.86 24.69
C CYS D 9 -27.32 12.92 24.97
N PRO D 10 -28.03 11.77 24.89
CA PRO D 10 -27.64 10.39 24.54
C PRO D 10 -27.22 10.28 23.09
N THR D 11 -26.43 9.26 22.76
CA THR D 11 -26.01 9.03 21.37
C THR D 11 -26.81 7.86 20.78
N PRO D 12 -26.63 7.56 19.50
CA PRO D 12 -27.25 6.32 18.95
C PRO D 12 -26.80 5.00 19.62
N HIS D 13 -25.66 5.02 20.30
CA HIS D 13 -25.14 3.78 20.89
C HIS D 13 -25.12 3.79 22.40
N ASN D 14 -25.51 4.89 23.01
CA ASN D 14 -25.42 5.03 24.48
C ASN D 14 -26.59 5.86 25.01
N GLY D 15 -27.40 5.27 25.87
CA GLY D 15 -28.55 5.97 26.43
C GLY D 15 -28.23 6.97 27.54
N ALA D 16 -26.96 7.03 27.95
CA ALA D 16 -26.56 7.93 29.01
C ALA D 16 -26.76 9.39 28.63
N LYS D 17 -27.23 10.15 29.62
CA LYS D 17 -27.25 11.58 29.52
C LYS D 17 -25.86 12.05 29.93
N TYR D 18 -25.54 13.25 29.51
CA TYR D 18 -24.30 13.85 29.95
C TYR D 18 -24.18 13.86 31.47
N GLY D 19 -23.03 13.48 31.98
CA GLY D 19 -22.80 13.50 33.44
C GLY D 19 -23.15 12.17 34.11
N GLU D 20 -23.83 11.29 33.39
CA GLU D 20 -24.19 10.00 34.00
C GLU D 20 -23.01 9.00 33.91
N ILE D 21 -21.98 9.35 33.15
CA ILE D 21 -20.78 8.52 33.01
C ILE D 21 -19.65 9.27 33.70
N ALA D 22 -18.87 8.55 34.50
CA ALA D 22 -17.81 9.17 35.34
C ALA D 22 -16.57 9.48 34.49
N GLU D 23 -15.57 10.16 35.07
CA GLU D 23 -14.36 10.52 34.34
C GLU D 23 -13.43 9.34 34.01
N THR D 24 -13.60 8.22 34.71
CA THR D 24 -12.84 6.97 34.45
C THR D 24 -13.84 5.91 34.04
N VAL D 25 -13.62 5.27 32.90
CA VAL D 25 -14.49 4.20 32.49
C VAL D 25 -13.59 2.96 32.33
N LEU D 26 -14.00 1.85 32.94
CA LEU D 26 -13.36 0.56 32.64
C LEU D 26 -14.23 -0.08 31.57
N MET D 27 -13.63 -0.68 30.56
CA MET D 27 -14.43 -1.31 29.49
C MET D 27 -14.04 -2.76 29.32
N ALA D 28 -15.02 -3.63 29.04
CA ALA D 28 -14.76 -5.01 28.66
C ALA D 28 -15.66 -5.34 27.47
N GLY D 29 -15.31 -6.38 26.72
CA GLY D 29 -16.07 -6.76 25.56
C GLY D 29 -17.43 -7.34 25.95
N ASP D 30 -17.41 -8.14 27.00
CA ASP D 30 -18.54 -8.94 27.38
C ASP D 30 -19.45 -8.24 28.43
N PRO D 31 -20.70 -7.93 28.05
CA PRO D 31 -21.67 -7.29 28.95
C PRO D 31 -21.91 -8.10 30.21
N LEU D 32 -21.74 -9.41 30.16
CA LEU D 32 -21.91 -10.20 31.40
C LEU D 32 -20.74 -9.98 32.40
N ARG D 33 -19.51 -9.84 31.91
CA ARG D 33 -18.34 -9.45 32.74
C ARG D 33 -18.50 -8.03 33.34
N VAL D 34 -19.03 -7.10 32.54
CA VAL D 34 -19.31 -5.73 32.97
C VAL D 34 -20.31 -5.71 34.14
N LYS D 35 -21.43 -6.39 33.96
CA LYS D 35 -22.41 -6.55 35.03
C LYS D 35 -21.79 -7.19 36.30
N LEU D 36 -21.00 -8.23 36.11
CA LEU D 36 -20.33 -8.90 37.23
C LEU D 36 -19.42 -7.95 37.99
N LEU D 37 -18.65 -7.18 37.24
CA LEU D 37 -17.72 -6.23 37.83
C LEU D 37 -18.48 -5.19 38.65
N ALA D 38 -19.56 -4.64 38.09
CA ALA D 38 -20.32 -3.63 38.81
C ALA D 38 -20.94 -4.25 40.06
N ASP D 39 -21.47 -5.48 39.91
CA ASP D 39 -22.07 -6.23 41.05
C ASP D 39 -21.07 -6.55 42.15
N THR D 40 -19.86 -6.90 41.78
CA THR D 40 -18.87 -7.33 42.73
C THR D 40 -18.19 -6.14 43.45
N TYR D 41 -17.92 -5.05 42.72
CA TYR D 41 -16.98 -4.04 43.20
C TYR D 41 -17.55 -2.69 43.46
N LEU D 42 -18.72 -2.39 42.91
CA LEU D 42 -19.23 -1.02 42.95
C LEU D 42 -20.40 -0.88 43.89
N THR D 43 -20.52 0.29 44.52
CA THR D 43 -21.74 0.62 45.27
C THR D 43 -22.42 1.82 44.66
N ASP D 44 -23.66 2.05 45.08
CA ASP D 44 -24.48 3.15 44.56
C ASP D 44 -24.59 3.08 43.07
N VAL D 45 -24.83 1.87 42.56
CA VAL D 45 -24.72 1.55 41.16
C VAL D 45 -25.94 2.03 40.42
N VAL D 46 -25.73 2.72 39.30
CA VAL D 46 -26.83 3.10 38.43
C VAL D 46 -26.52 2.62 37.01
N GLN D 47 -27.49 1.96 36.38
CA GLN D 47 -27.38 1.61 34.98
C GLN D 47 -27.71 2.78 34.08
N TYR D 48 -26.75 3.23 33.28
CA TYR D 48 -27.01 4.36 32.39
C TYR D 48 -27.17 3.90 30.94
N ASN D 49 -26.84 2.66 30.60
CA ASN D 49 -27.02 2.23 29.20
C ASN D 49 -27.51 0.80 29.12
N SER D 50 -28.51 0.58 28.27
CA SER D 50 -28.80 -0.75 27.76
C SER D 50 -28.92 -0.77 26.24
N VAL D 51 -28.56 0.32 25.57
CA VAL D 51 -28.65 0.37 24.10
C VAL D 51 -27.78 -0.72 23.51
N ARG D 52 -28.33 -1.51 22.58
CA ARG D 52 -27.64 -2.62 21.93
C ARG D 52 -27.07 -3.68 22.89
N GLY D 53 -27.64 -3.73 24.10
CA GLY D 53 -27.15 -4.64 25.12
C GLY D 53 -25.74 -4.30 25.64
N ALA D 54 -25.19 -3.16 25.21
CA ALA D 54 -23.87 -2.75 25.70
C ALA D 54 -24.03 -2.08 27.06
N VAL D 55 -24.32 -2.90 28.07
CA VAL D 55 -24.66 -2.36 29.37
C VAL D 55 -23.55 -1.48 29.94
N GLY D 56 -23.97 -0.42 30.61
CA GLY D 56 -23.03 0.46 31.26
C GLY D 56 -23.57 0.85 32.62
N TYR D 57 -22.68 0.88 33.60
CA TYR D 57 -23.01 1.24 34.98
C TYR D 57 -22.07 2.28 35.57
N THR D 58 -22.58 3.09 36.46
CA THR D 58 -21.75 4.07 37.15
C THR D 58 -21.93 3.80 38.62
N GLY D 59 -20.82 3.72 39.36
CA GLY D 59 -20.86 3.44 40.80
C GLY D 59 -19.58 3.86 41.46
N TYR D 60 -19.39 3.50 42.74
CA TYR D 60 -18.21 3.92 43.47
C TYR D 60 -17.40 2.75 43.93
N TYR D 61 -16.07 2.93 43.90
CA TYR D 61 -15.14 1.99 44.46
C TYR D 61 -14.19 2.74 45.37
N LYS D 62 -14.13 2.32 46.62
CA LYS D 62 -13.36 3.04 47.66
C LYS D 62 -13.53 4.54 47.60
N GLY D 63 -14.77 5.00 47.52
CA GLY D 63 -15.03 6.44 47.47
C GLY D 63 -14.82 7.11 46.12
N VAL D 64 -14.38 6.37 45.11
CA VAL D 64 -14.13 7.00 43.81
C VAL D 64 -15.21 6.60 42.82
N LYS D 65 -15.84 7.58 42.16
CA LYS D 65 -16.88 7.28 41.16
C LYS D 65 -16.24 6.78 39.86
N LEU D 66 -16.78 5.71 39.28
CA LEU D 66 -16.27 5.23 38.00
C LEU D 66 -17.37 4.56 37.23
N SER D 67 -17.14 4.33 35.95
CA SER D 67 -18.14 3.66 35.12
C SER D 67 -17.54 2.39 34.55
N VAL D 68 -18.40 1.43 34.23
CA VAL D 68 -17.96 0.22 33.62
C VAL D 68 -18.94 -0.04 32.47
N GLN D 69 -18.38 -0.38 31.32
CA GLN D 69 -19.14 -0.37 30.08
C GLN D 69 -18.69 -1.48 29.11
N ALA D 70 -19.65 -2.17 28.50
CA ALA D 70 -19.36 -3.15 27.47
C ALA D 70 -19.01 -2.42 26.14
N HIS D 71 -18.06 -2.95 25.38
CA HIS D 71 -17.69 -2.32 24.10
C HIS D 71 -17.79 -3.22 22.91
N GLY D 72 -18.35 -4.42 23.08
CA GLY D 72 -18.48 -5.38 21.96
C GLY D 72 -17.13 -5.86 21.39
N MET D 73 -17.11 -6.42 20.18
CA MET D 73 -15.89 -7.05 19.71
C MET D 73 -15.36 -6.31 18.48
N GLY D 74 -14.04 -6.13 18.42
CA GLY D 74 -13.38 -5.55 17.26
C GLY D 74 -13.16 -4.04 17.37
N MET D 75 -12.19 -3.54 16.62
CA MET D 75 -11.79 -2.14 16.65
C MET D 75 -12.88 -1.13 16.26
N PRO D 76 -13.69 -1.43 15.22
CA PRO D 76 -14.76 -0.46 14.87
C PRO D 76 -15.80 -0.30 16.00
N SER D 77 -16.07 -1.38 16.72
CA SER D 77 -17.05 -1.37 17.77
C SER D 77 -16.52 -0.56 18.96
N ILE D 78 -15.29 -0.87 19.44
CA ILE D 78 -14.76 -0.13 20.58
C ILE D 78 -14.53 1.33 20.16
N GLY D 79 -14.18 1.52 18.89
CA GLY D 79 -13.95 2.85 18.32
C GLY D 79 -15.18 3.75 18.45
N ILE D 80 -16.36 3.24 18.12
CA ILE D 80 -17.59 3.99 18.37
C ILE D 80 -17.75 4.44 19.84
N TYR D 81 -17.66 3.49 20.77
CA TYR D 81 -17.90 3.77 22.19
C TYR D 81 -16.85 4.73 22.75
N ALA D 82 -15.58 4.45 22.46
CA ALA D 82 -14.48 5.29 22.97
C ALA D 82 -14.52 6.70 22.38
N TYR D 83 -14.83 6.81 21.09
CA TYR D 83 -14.96 8.15 20.51
C TYR D 83 -16.03 8.98 21.29
N GLU D 84 -17.20 8.40 21.49
CA GLU D 84 -18.30 9.06 22.18
C GLU D 84 -17.91 9.41 23.61
N LEU D 85 -17.31 8.46 24.33
CA LEU D 85 -16.93 8.69 25.71
C LEU D 85 -15.95 9.83 25.85
N PHE D 86 -14.89 9.83 25.02
CA PHE D 86 -13.88 10.91 25.10
C PHE D 86 -14.34 12.25 24.54
N ASN D 87 -15.15 12.24 23.47
CA ASN D 87 -15.54 13.50 22.82
C ASN D 87 -16.86 14.15 23.24
N PHE D 88 -17.79 13.32 23.72
CA PHE D 88 -19.09 13.81 24.11
C PHE D 88 -19.36 13.77 25.63
N TYR D 89 -18.87 12.71 26.29
CA TYR D 89 -19.19 12.48 27.72
C TYR D 89 -18.16 13.04 28.71
N GLY D 90 -17.10 13.66 28.19
CA GLY D 90 -16.07 14.29 29.07
C GLY D 90 -15.19 13.24 29.78
N VAL D 91 -15.12 12.01 29.26
CA VAL D 91 -14.31 10.97 29.95
C VAL D 91 -12.83 11.31 29.83
N LYS D 92 -12.09 11.17 30.93
CA LYS D 92 -10.64 11.43 30.93
C LYS D 92 -9.77 10.20 30.71
N ARG D 93 -10.25 9.04 31.16
CA ARG D 93 -9.47 7.80 31.24
C ARG D 93 -10.31 6.62 30.85
N ILE D 94 -9.81 5.75 29.97
CA ILE D 94 -10.52 4.51 29.67
C ILE D 94 -9.52 3.40 29.87
N ILE D 95 -9.88 2.42 30.69
CA ILE D 95 -9.05 1.24 30.87
C ILE D 95 -9.86 0.07 30.35
N ARG D 96 -9.33 -0.56 29.33
CA ARG D 96 -9.91 -1.76 28.78
C ARG D 96 -9.33 -2.96 29.56
N ILE D 97 -10.21 -3.86 29.96
CA ILE D 97 -9.82 -5.11 30.59
C ILE D 97 -10.37 -6.24 29.76
N GLY D 98 -9.51 -7.13 29.31
CA GLY D 98 -10.10 -8.21 28.54
C GLY D 98 -9.36 -9.48 28.67
N SER D 99 -9.71 -10.41 27.80
CA SER D 99 -9.06 -11.68 27.70
C SER D 99 -8.18 -11.61 26.44
N ALA D 100 -7.20 -12.50 26.36
CA ALA D 100 -6.24 -12.47 25.23
C ALA D 100 -5.62 -13.84 25.06
N GLY D 101 -5.10 -14.09 23.85
CA GLY D 101 -4.34 -15.31 23.56
C GLY D 101 -2.83 -15.03 23.69
N ALA D 102 -2.09 -15.91 24.37
CA ALA D 102 -0.65 -15.68 24.61
C ALA D 102 0.15 -16.10 23.39
N PHE D 103 1.01 -15.19 22.90
CA PHE D 103 2.02 -15.44 21.88
C PHE D 103 3.38 -15.77 22.53
N ASP D 104 3.73 -15.02 23.58
CA ASP D 104 4.98 -15.23 24.31
C ASP D 104 4.88 -16.54 25.11
N GLU D 105 5.74 -17.51 24.80
CA GLU D 105 5.69 -18.82 25.49
C GLU D 105 5.98 -18.82 27.01
N SER D 106 6.49 -17.71 27.55
CA SER D 106 6.65 -17.64 29.01
C SER D 106 5.34 -17.24 29.71
N LEU D 107 4.28 -16.91 28.95
CA LEU D 107 3.00 -16.59 29.60
C LEU D 107 2.14 -17.82 29.93
N LYS D 108 1.59 -17.86 31.14
CA LYS D 108 0.71 -18.97 31.55
C LYS D 108 -0.71 -18.45 31.57
N LEU D 109 -1.68 -19.38 31.55
CA LEU D 109 -3.09 -19.00 31.75
C LEU D 109 -3.20 -18.17 33.01
N GLY D 110 -3.99 -17.10 33.00
CA GLY D 110 -4.10 -16.25 34.20
C GLY D 110 -3.11 -15.11 34.32
N ASP D 111 -1.98 -15.17 33.60
CA ASP D 111 -1.02 -14.07 33.60
C ASP D 111 -1.65 -12.77 33.02
N ILE D 112 -1.16 -11.63 33.52
CA ILE D 112 -1.65 -10.31 33.13
C ILE D 112 -0.71 -9.69 32.10
N VAL D 113 -1.24 -9.17 31.02
CA VAL D 113 -0.41 -8.48 30.05
C VAL D 113 -0.85 -7.01 30.08
N ILE D 114 0.12 -6.11 30.24
CA ILE D 114 -0.12 -4.67 30.18
C ILE D 114 0.34 -4.14 28.81
N GLY D 115 -0.61 -3.63 28.03
CA GLY D 115 -0.32 -3.28 26.64
C GLY D 115 0.31 -1.92 26.55
N MET D 116 1.62 -1.83 26.73
CA MET D 116 2.34 -0.54 26.49
C MET D 116 2.15 -0.01 25.05
N GLY D 117 2.14 -0.94 24.09
CA GLY D 117 1.88 -0.61 22.69
C GLY D 117 0.92 -1.63 22.10
N ALA D 118 0.28 -1.29 20.97
CA ALA D 118 -0.57 -2.24 20.27
C ALA D 118 -0.28 -2.17 18.76
N CYS D 119 0.17 -3.30 18.20
CA CYS D 119 0.22 -3.53 16.75
C CYS D 119 -1.24 -3.78 16.31
N TYR D 120 -1.50 -3.69 15.00
CA TYR D 120 -2.86 -3.79 14.51
C TYR D 120 -2.94 -4.13 13.04
N ASP D 121 -4.09 -4.71 12.70
CA ASP D 121 -4.57 -4.80 11.33
C ASP D 121 -5.32 -3.47 11.12
N SER D 122 -5.60 -3.13 9.87
CA SER D 122 -6.26 -1.82 9.64
C SER D 122 -7.50 -1.47 10.47
N ASN D 123 -7.50 -0.30 11.06
CA ASN D 123 -8.69 0.19 11.75
C ASN D 123 -9.02 1.59 11.31
N PHE D 124 -8.67 2.57 12.12
CA PHE D 124 -9.02 3.97 11.84
C PHE D 124 -7.93 4.73 11.14
N GLU D 125 -6.77 4.11 10.93
CA GLU D 125 -5.64 4.96 10.59
C GLU D 125 -5.87 5.77 9.33
N ARG D 126 -6.58 5.19 8.34
CA ARG D 126 -6.77 5.84 7.03
C ARG D 126 -7.63 7.09 7.19
N GLN D 127 -8.62 6.99 8.05
CA GLN D 127 -9.56 8.06 8.27
C GLN D 127 -8.88 9.27 8.96
N TYR D 128 -7.72 9.05 9.57
CA TYR D 128 -6.90 10.14 10.09
C TYR D 128 -5.90 10.70 9.09
N ASP D 129 -5.80 10.11 7.89
CA ASP D 129 -4.92 10.64 6.84
C ASP D 129 -3.45 10.74 7.29
N ILE D 130 -2.98 9.74 7.99
CA ILE D 130 -1.60 9.71 8.49
C ILE D 130 -0.67 9.20 7.38
N PRO D 131 0.36 10.00 6.99
CA PRO D 131 1.16 9.61 5.83
C PRO D 131 2.34 8.70 6.18
N GLY D 132 2.15 7.69 7.04
CA GLY D 132 3.27 6.81 7.46
C GLY D 132 2.67 5.81 8.40
N LYS D 133 3.49 5.17 9.24
CA LYS D 133 3.02 4.15 10.15
C LYS D 133 2.92 4.79 11.55
N TYR D 134 1.70 4.77 12.08
CA TYR D 134 1.39 5.33 13.37
C TYR D 134 1.55 4.22 14.42
N SER D 135 2.38 4.45 15.44
CA SER D 135 2.55 3.50 16.51
C SER D 135 1.54 3.81 17.60
N CYS D 136 0.71 2.83 17.92
CA CYS D 136 -0.38 3.01 18.92
C CYS D 136 0.21 2.71 20.26
N ILE D 137 0.20 3.68 21.17
CA ILE D 137 0.75 3.45 22.51
C ILE D 137 -0.26 3.83 23.57
N ALA D 138 -0.11 3.24 24.76
CA ALA D 138 -0.89 3.56 25.93
C ALA D 138 -0.42 4.89 26.51
N ASP D 139 -1.25 5.46 27.34
CA ASP D 139 -0.83 6.58 28.20
C ASP D 139 0.26 6.06 29.17
N PHE D 140 1.39 6.78 29.22
CA PHE D 140 2.52 6.33 30.05
C PHE D 140 2.13 6.25 31.51
N GLN D 141 1.46 7.30 32.00
CA GLN D 141 1.09 7.34 33.42
C GLN D 141 0.21 6.14 33.85
N LEU D 142 -0.83 5.83 33.09
CA LEU D 142 -1.65 4.65 33.40
C LEU D 142 -0.83 3.36 33.35
N CYS D 143 0.00 3.25 32.31
CA CYS D 143 0.86 2.08 32.14
C CYS D 143 1.73 1.86 33.39
N ARG D 144 2.31 2.95 33.85
CA ARG D 144 3.22 2.91 34.98
C ARG D 144 2.48 2.55 36.28
N GLU D 145 1.31 3.14 36.48
CA GLU D 145 0.49 2.80 37.63
C GLU D 145 0.07 1.33 37.64
N ALA D 146 -0.26 0.81 36.47
CA ALA D 146 -0.71 -0.59 36.35
C ALA D 146 0.43 -1.56 36.68
N VAL D 147 1.61 -1.28 36.14
CA VAL D 147 2.80 -2.08 36.44
C VAL D 147 3.10 -1.98 37.95
N ASP D 148 3.06 -0.78 38.54
CA ASP D 148 3.35 -0.66 39.97
C ASP D 148 2.35 -1.44 40.83
N ALA D 149 1.07 -1.40 40.47
CA ALA D 149 0.05 -2.13 41.24
C ALA D 149 0.25 -3.65 41.13
N ALA D 150 0.51 -4.17 39.92
CA ALA D 150 0.72 -5.61 39.75
C ALA D 150 1.93 -6.04 40.58
N GLU D 151 2.93 -5.17 40.60
CA GLU D 151 4.17 -5.43 41.28
C GLU D 151 3.93 -5.44 42.79
N LYS D 152 3.19 -4.46 43.31
CA LYS D 152 2.94 -4.40 44.76
C LYS D 152 2.05 -5.56 45.19
N LEU D 153 1.06 -5.93 44.38
CA LEU D 153 0.20 -7.06 44.68
C LEU D 153 0.86 -8.42 44.43
N GLY D 154 2.05 -8.43 43.83
CA GLY D 154 2.79 -9.67 43.54
C GLY D 154 2.21 -10.57 42.46
N TYR D 155 1.51 -9.98 41.48
CA TYR D 155 0.94 -10.73 40.35
C TYR D 155 1.94 -11.02 39.24
N ARG D 156 1.72 -12.12 38.53
CA ARG D 156 2.50 -12.43 37.36
C ARG D 156 1.99 -11.55 36.23
N TYR D 157 2.89 -10.75 35.67
CA TYR D 157 2.49 -9.87 34.57
C TYR D 157 3.64 -9.71 33.61
N LYS D 158 3.36 -9.22 32.41
CA LYS D 158 4.37 -8.70 31.51
C LYS D 158 3.83 -7.42 30.89
N VAL D 159 4.72 -6.49 30.59
CA VAL D 159 4.34 -5.25 29.94
C VAL D 159 5.07 -5.15 28.60
N GLY D 160 4.36 -4.86 27.52
CA GLY D 160 5.02 -4.77 26.21
C GLY D 160 4.01 -4.59 25.09
N ASN D 161 4.32 -5.11 23.90
CA ASN D 161 3.44 -4.99 22.73
C ASN D 161 2.37 -6.08 22.70
N ILE D 162 1.15 -5.72 22.32
CA ILE D 162 0.08 -6.69 22.07
C ILE D 162 -0.33 -6.43 20.64
N TYR D 163 -1.17 -7.32 20.09
CA TYR D 163 -1.61 -7.23 18.70
C TYR D 163 -3.15 -7.19 18.64
N SER D 164 -3.70 -6.13 18.05
CA SER D 164 -5.16 -6.01 17.86
C SER D 164 -5.51 -6.53 16.49
N ALA D 165 -6.05 -7.73 16.46
CA ALA D 165 -6.33 -8.40 15.18
C ALA D 165 -7.74 -8.00 14.72
N ASN D 166 -8.00 -8.03 13.41
CA ASN D 166 -9.37 -7.96 12.89
C ASN D 166 -10.03 -9.32 12.68
N TYR D 167 -9.31 -10.39 12.98
CA TYR D 167 -9.87 -11.72 12.84
C TYR D 167 -9.70 -12.52 14.14
N PHE D 168 -10.60 -13.46 14.29
CA PHE D 168 -10.44 -14.47 15.30
C PHE D 168 -10.01 -15.77 14.62
N TYR D 169 -10.52 -16.02 13.41
CA TYR D 169 -10.23 -17.26 12.67
C TYR D 169 -9.27 -16.98 11.53
N ASP D 170 -8.36 -17.92 11.31
CA ASP D 170 -7.43 -17.85 10.20
C ASP D 170 -7.26 -19.27 9.67
N ASP D 171 -7.56 -19.45 8.39
CA ASP D 171 -7.43 -20.76 7.73
C ASP D 171 -5.96 -21.19 7.70
N GLY D 172 -5.06 -20.21 7.80
CA GLY D 172 -3.62 -20.46 7.80
C GLY D 172 -2.94 -20.00 9.07
N ASP D 173 -1.74 -19.45 8.92
CA ASP D 173 -1.02 -19.03 10.09
C ASP D 173 -0.26 -17.74 9.86
N HIS D 174 -0.86 -16.64 10.28
CA HIS D 174 -0.23 -15.34 10.18
C HIS D 174 0.37 -14.87 11.49
N SER D 175 0.64 -15.78 12.43
CA SER D 175 1.09 -15.41 13.79
C SER D 175 2.62 -15.43 14.03
N GLY D 176 3.36 -16.10 13.14
CA GLY D 176 4.80 -16.31 13.32
C GLY D 176 5.59 -15.02 13.38
N ALA D 177 5.26 -14.08 12.50
CA ALA D 177 6.00 -12.84 12.41
C ALA D 177 5.80 -11.98 13.68
N TRP D 178 4.58 -11.93 14.20
CA TRP D 178 4.31 -11.22 15.47
C TRP D 178 5.08 -11.80 16.64
N LYS D 179 5.10 -13.12 16.74
CA LYS D 179 5.88 -13.81 17.78
C LYS D 179 7.38 -13.49 17.71
N LYS D 180 7.97 -13.60 16.52
CA LYS D 180 9.35 -13.18 16.24
C LYS D 180 9.66 -11.74 16.71
N MET D 181 8.72 -10.83 16.46
CA MET D 181 8.86 -9.45 16.92
C MET D 181 8.68 -9.27 18.43
N GLY D 182 8.37 -10.33 19.17
CA GLY D 182 8.21 -10.23 20.64
C GLY D 182 6.83 -9.72 21.12
N VAL D 183 5.84 -9.70 20.23
CA VAL D 183 4.48 -9.36 20.62
C VAL D 183 4.00 -10.37 21.67
N LEU D 184 3.38 -9.87 22.74
CA LEU D 184 3.07 -10.78 23.87
C LEU D 184 1.78 -11.55 23.69
N ALA D 185 0.77 -10.89 23.11
CA ALA D 185 -0.61 -11.42 23.18
C ALA D 185 -1.48 -10.82 22.09
N VAL D 186 -2.53 -11.54 21.74
CA VAL D 186 -3.47 -11.11 20.74
C VAL D 186 -4.87 -10.88 21.34
N GLU D 187 -5.49 -9.81 20.88
CA GLU D 187 -6.88 -9.50 21.19
C GLU D 187 -7.38 -8.75 19.95
N MET D 188 -8.43 -7.95 20.10
CA MET D 188 -9.00 -7.34 18.90
C MET D 188 -9.38 -5.86 19.01
N GLU D 189 -8.97 -5.14 20.06
CA GLU D 189 -9.53 -3.79 20.29
C GLU D 189 -8.56 -2.69 20.63
N ALA D 190 -7.51 -3.03 21.38
CA ALA D 190 -6.65 -2.03 21.99
C ALA D 190 -6.19 -0.90 21.06
N ALA D 191 -5.74 -1.26 19.86
CA ALA D 191 -5.07 -0.24 19.03
C ALA D 191 -6.02 0.94 18.71
N ALA D 192 -7.30 0.61 18.47
CA ALA D 192 -8.23 1.67 18.08
C ALA D 192 -8.48 2.58 19.28
N LEU D 193 -8.65 1.98 20.45
CA LEU D 193 -8.73 2.75 21.67
C LEU D 193 -7.53 3.73 21.88
N TYR D 194 -6.32 3.21 21.68
CA TYR D 194 -5.12 4.02 21.86
C TYR D 194 -5.09 5.19 20.85
N MET D 195 -5.46 4.92 19.61
CA MET D 195 -5.43 5.95 18.57
C MET D 195 -6.46 7.04 18.87
N ILE D 196 -7.67 6.60 19.23
CA ILE D 196 -8.76 7.52 19.53
C ILE D 196 -8.39 8.39 20.77
N ALA D 197 -7.78 7.79 21.78
CA ALA D 197 -7.35 8.54 22.97
C ALA D 197 -6.26 9.56 22.61
N ALA D 198 -5.31 9.16 21.77
CA ALA D 198 -4.24 10.07 21.33
C ALA D 198 -4.82 11.28 20.62
N ARG D 199 -5.71 11.03 19.66
CA ARG D 199 -6.39 12.11 18.92
C ARG D 199 -7.05 13.06 19.90
N ALA D 200 -7.70 12.52 20.94
CA ALA D 200 -8.49 13.34 21.86
C ALA D 200 -7.66 13.96 22.95
N ARG D 201 -6.36 13.62 23.01
CA ARG D 201 -5.49 14.02 24.12
C ARG D 201 -6.00 13.50 25.47
N LYS D 202 -6.52 12.26 25.49
CA LYS D 202 -6.99 11.65 26.73
CA LYS D 202 -7.00 11.64 26.71
C LYS D 202 -6.19 10.37 27.04
N GLN D 203 -6.47 9.73 28.16
CA GLN D 203 -5.64 8.62 28.60
C GLN D 203 -6.32 7.28 28.33
N ALA D 204 -5.56 6.33 27.79
CA ALA D 204 -6.10 4.99 27.65
C ALA D 204 -5.06 3.94 27.99
N LEU D 205 -5.56 2.79 28.43
CA LEU D 205 -4.69 1.62 28.73
C LEU D 205 -5.51 0.35 28.47
N CYS D 206 -4.88 -0.64 27.87
CA CYS D 206 -5.50 -1.95 27.79
C CYS D 206 -4.73 -2.95 28.68
N MET D 207 -5.46 -3.63 29.54
CA MET D 207 -4.87 -4.74 30.30
C MET D 207 -5.60 -6.03 29.98
N LEU D 208 -4.87 -7.13 30.00
CA LEU D 208 -5.43 -8.39 29.56
C LEU D 208 -5.06 -9.52 30.51
N THR D 209 -5.96 -10.49 30.58
CA THR D 209 -5.64 -11.74 31.23
C THR D 209 -5.57 -12.83 30.18
N ILE D 210 -4.52 -13.62 30.20
CA ILE D 210 -4.35 -14.66 29.25
C ILE D 210 -5.37 -15.77 29.56
N SER D 211 -6.27 -16.01 28.61
CA SER D 211 -7.36 -16.98 28.72
C SER D 211 -7.17 -18.16 27.75
N ASP D 212 -6.25 -18.00 26.78
CA ASP D 212 -5.92 -19.06 25.82
C ASP D 212 -4.45 -18.98 25.40
N LEU D 213 -3.81 -20.12 25.21
CA LEU D 213 -2.41 -20.11 24.80
C LEU D 213 -2.33 -20.34 23.29
N CYS D 214 -1.73 -19.41 22.54
CA CYS D 214 -1.56 -19.62 21.09
C CYS D 214 -0.22 -20.24 20.79
N TYR D 215 0.14 -21.26 21.54
CA TYR D 215 1.36 -21.98 21.32
C TYR D 215 1.19 -23.30 22.07
N GLY D 216 2.09 -24.26 21.85
CA GLY D 216 2.01 -25.50 22.59
C GLY D 216 0.71 -26.22 22.25
N SER D 217 0.19 -26.94 23.22
CA SER D 217 -1.00 -27.71 22.98
C SER D 217 -2.25 -26.82 22.91
N GLY D 218 -2.10 -25.51 23.11
CA GLY D 218 -3.22 -24.58 23.00
C GLY D 218 -4.22 -24.69 24.14
N GLU D 219 -3.72 -24.90 25.35
CA GLU D 219 -4.56 -24.95 26.53
C GLU D 219 -5.40 -23.64 26.68
N LYS D 220 -6.60 -23.78 27.21
CA LYS D 220 -7.55 -22.67 27.38
C LYS D 220 -8.21 -22.76 28.76
N MET D 221 -8.65 -21.63 29.30
CA MET D 221 -9.33 -21.64 30.58
C MET D 221 -10.70 -22.28 30.44
N THR D 222 -11.12 -23.01 31.47
CA THR D 222 -12.52 -23.42 31.58
C THR D 222 -13.39 -22.18 31.89
N ALA D 223 -14.72 -22.36 31.85
CA ALA D 223 -15.67 -21.27 32.19
C ALA D 223 -15.45 -20.80 33.64
N GLU D 224 -15.28 -21.78 34.54
CA GLU D 224 -14.95 -21.52 35.95
C GLU D 224 -13.68 -20.64 36.14
N GLU D 225 -12.61 -20.98 35.42
CA GLU D 225 -11.39 -20.21 35.51
C GLU D 225 -11.59 -18.79 34.97
N ARG D 226 -12.35 -18.64 33.89
CA ARG D 226 -12.75 -17.32 33.40
C ARG D 226 -13.45 -16.48 34.50
N ARG D 227 -14.43 -17.10 35.16
CA ARG D 227 -15.16 -16.47 36.25
C ARG D 227 -14.24 -16.01 37.40
N THR D 228 -13.17 -16.74 37.66
CA THR D 228 -12.43 -16.53 38.87
C THR D 228 -11.02 -15.97 38.66
N LYS D 229 -10.49 -16.07 37.45
CA LYS D 229 -9.10 -15.69 37.23
C LYS D 229 -8.97 -14.33 36.53
N PHE D 230 -10.07 -13.61 36.40
CA PHE D 230 -10.03 -12.23 35.92
C PHE D 230 -10.08 -11.22 37.06
N THR D 231 -10.08 -11.72 38.28
CA THR D 231 -10.17 -10.90 39.51
C THR D 231 -8.96 -10.02 39.69
N GLN D 232 -7.78 -10.62 39.51
CA GLN D 232 -6.51 -9.92 39.70
C GLN D 232 -6.43 -8.66 38.79
N MET D 233 -6.77 -8.86 37.52
CA MET D 233 -6.72 -7.78 36.54
C MET D 233 -7.73 -6.69 36.91
N MET D 234 -8.96 -7.08 37.29
CA MET D 234 -10.01 -6.10 37.59
C MET D 234 -9.57 -5.22 38.73
N GLU D 235 -8.91 -5.83 39.70
CA GLU D 235 -8.45 -5.10 40.85
C GLU D 235 -7.33 -4.11 40.54
N VAL D 236 -6.40 -4.52 39.66
CA VAL D 236 -5.39 -3.60 39.18
C VAL D 236 -6.10 -2.43 38.49
N ALA D 237 -7.00 -2.75 37.57
CA ALA D 237 -7.73 -1.75 36.80
C ALA D 237 -8.47 -0.75 37.71
N LEU D 238 -9.19 -1.28 38.71
CA LEU D 238 -9.95 -0.45 39.65
C LEU D 238 -9.07 0.54 40.44
N SER D 239 -7.85 0.14 40.78
CA SER D 239 -6.96 1.05 41.48
C SER D 239 -6.47 2.20 40.57
N LEU D 240 -6.74 2.15 39.27
CA LEU D 240 -6.35 3.25 38.38
C LEU D 240 -7.43 4.33 38.28
N ALA D 241 -8.63 4.04 38.79
CA ALA D 241 -9.71 5.03 38.74
C ALA D 241 -9.41 6.26 39.59
N LYS D 242 -9.66 7.42 39.00
CA LYS D 242 -9.57 8.69 39.73
C LYS D 242 -10.80 9.56 39.34
N MET E 5 -17.88 -30.33 11.45
CA MET E 5 -18.60 -29.06 11.68
C MET E 5 -19.18 -29.09 13.10
N ALA E 6 -19.98 -30.12 13.39
CA ALA E 6 -20.59 -30.30 14.70
C ALA E 6 -19.61 -30.27 15.91
N GLU E 7 -18.40 -30.77 15.73
CA GLU E 7 -17.36 -30.78 16.79
C GLU E 7 -16.93 -29.36 17.23
N HIS E 8 -17.07 -28.40 16.32
CA HIS E 8 -16.75 -26.99 16.60
C HIS E 8 -17.86 -26.20 17.26
N CYS E 9 -18.95 -26.87 17.60
CA CYS E 9 -20.07 -26.21 18.24
C CYS E 9 -20.23 -26.82 19.63
N PRO E 10 -20.49 -26.00 20.66
CA PRO E 10 -20.58 -24.52 20.68
C PRO E 10 -19.22 -23.84 20.46
N THR E 11 -19.24 -22.54 20.16
CA THR E 11 -18.04 -21.83 19.83
C THR E 11 -17.76 -20.88 20.99
N PRO E 12 -16.60 -20.21 21.02
CA PRO E 12 -16.41 -19.16 22.03
C PRO E 12 -17.43 -18.01 21.99
N HIS E 13 -18.23 -17.87 20.93
CA HIS E 13 -19.16 -16.74 20.77
C HIS E 13 -20.62 -17.14 20.66
N ASN E 14 -20.87 -18.44 20.70
CA ASN E 14 -22.18 -18.98 20.37
C ASN E 14 -22.41 -20.27 21.12
N GLY E 15 -23.42 -20.26 21.97
CA GLY E 15 -23.67 -21.40 22.84
C GLY E 15 -24.50 -22.46 22.16
N ALA E 16 -24.95 -22.23 20.94
CA ALA E 16 -25.73 -23.24 20.23
C ALA E 16 -24.93 -24.50 19.92
N LYS E 17 -25.62 -25.63 20.02
CA LYS E 17 -25.07 -26.89 19.60
C LYS E 17 -25.48 -27.05 18.13
N TYR E 18 -24.75 -27.88 17.39
CA TYR E 18 -25.06 -28.04 15.95
C TYR E 18 -26.50 -28.47 15.74
N GLY E 19 -27.19 -27.81 14.79
CA GLY E 19 -28.58 -28.15 14.50
C GLY E 19 -29.58 -27.25 15.20
N GLU E 20 -29.13 -26.48 16.18
CA GLU E 20 -30.04 -25.58 16.88
C GLU E 20 -30.28 -24.27 16.12
N ILE E 21 -29.51 -24.05 15.05
CA ILE E 21 -29.63 -22.84 14.22
C ILE E 21 -30.14 -23.31 12.85
N ALA E 22 -31.14 -22.60 12.32
CA ALA E 22 -31.78 -22.95 11.05
C ALA E 22 -30.85 -22.67 9.86
N GLU E 23 -31.24 -23.20 8.70
CA GLU E 23 -30.50 -22.99 7.46
C GLU E 23 -30.51 -21.55 6.93
N THR E 24 -31.53 -20.79 7.30
CA THR E 24 -31.58 -19.35 7.01
C THR E 24 -31.49 -18.61 8.33
N VAL E 25 -30.52 -17.70 8.40
CA VAL E 25 -30.39 -16.80 9.53
C VAL E 25 -30.63 -15.35 9.08
N LEU E 26 -31.51 -14.65 9.79
CA LEU E 26 -31.64 -13.22 9.62
C LEU E 26 -30.84 -12.53 10.73
N MET E 27 -30.02 -11.55 10.36
CA MET E 27 -29.12 -10.91 11.31
C MET E 27 -29.32 -9.41 11.36
N ALA E 28 -29.15 -8.86 12.54
CA ALA E 28 -29.17 -7.41 12.71
C ALA E 28 -28.12 -7.11 13.75
N GLY E 29 -27.64 -5.87 13.80
CA GLY E 29 -26.57 -5.56 14.75
C GLY E 29 -27.06 -5.61 16.19
N ASP E 30 -28.30 -5.21 16.40
CA ASP E 30 -28.74 -4.82 17.73
C ASP E 30 -29.56 -5.98 18.34
N PRO E 31 -29.10 -6.52 19.48
CA PRO E 31 -29.81 -7.65 20.11
C PRO E 31 -31.25 -7.31 20.51
N LEU E 32 -31.49 -6.04 20.87
CA LEU E 32 -32.84 -5.56 21.13
C LEU E 32 -33.69 -5.65 19.86
N ARG E 33 -33.09 -5.42 18.68
CA ARG E 33 -33.88 -5.51 17.46
C ARG E 33 -34.14 -6.96 17.11
N VAL E 34 -33.16 -7.81 17.38
CA VAL E 34 -33.28 -9.25 17.12
C VAL E 34 -34.38 -9.83 18.00
N LYS E 35 -34.32 -9.53 19.30
CA LYS E 35 -35.38 -9.92 20.23
C LYS E 35 -36.76 -9.48 19.73
N LEU E 36 -36.87 -8.25 19.21
CA LEU E 36 -38.15 -7.74 18.73
C LEU E 36 -38.66 -8.59 17.57
N LEU E 37 -37.75 -8.87 16.63
CA LEU E 37 -38.08 -9.64 15.45
C LEU E 37 -38.59 -11.03 15.85
N ALA E 38 -37.91 -11.66 16.82
CA ALA E 38 -38.35 -12.93 17.40
C ALA E 38 -39.75 -12.80 18.02
N ASP E 39 -39.92 -11.80 18.88
CA ASP E 39 -41.21 -11.60 19.55
C ASP E 39 -42.33 -11.22 18.58
N THR E 40 -41.99 -10.54 17.49
CA THR E 40 -43.01 -10.06 16.59
C THR E 40 -43.41 -11.10 15.55
N TYR E 41 -42.46 -11.84 15.00
CA TYR E 41 -42.72 -12.63 13.81
C TYR E 41 -42.59 -14.15 13.95
N LEU E 42 -41.95 -14.62 15.01
CA LEU E 42 -41.72 -16.06 15.15
C LEU E 42 -42.55 -16.72 16.25
N THR E 43 -42.92 -17.99 16.04
CA THR E 43 -43.63 -18.76 17.07
C THR E 43 -42.71 -19.89 17.52
N ASP E 44 -43.03 -20.46 18.69
CA ASP E 44 -42.26 -21.57 19.29
C ASP E 44 -40.78 -21.24 19.42
N VAL E 45 -40.51 -20.05 19.97
CA VAL E 45 -39.18 -19.49 19.98
C VAL E 45 -38.32 -20.16 21.04
N VAL E 46 -37.14 -20.61 20.64
CA VAL E 46 -36.11 -21.08 21.55
C VAL E 46 -34.88 -20.16 21.42
N GLN E 47 -34.34 -19.70 22.54
CA GLN E 47 -33.13 -18.92 22.51
C GLN E 47 -31.92 -19.85 22.55
N TYR E 48 -31.14 -19.90 21.46
CA TYR E 48 -29.96 -20.77 21.44
C TYR E 48 -28.65 -20.08 21.90
N ASN E 49 -28.65 -18.75 21.91
CA ASN E 49 -27.44 -18.02 22.30
C ASN E 49 -27.73 -16.84 23.21
N SER E 50 -26.90 -16.70 24.23
CA SER E 50 -26.84 -15.50 25.04
C SER E 50 -25.40 -15.07 25.26
N VAL E 51 -24.44 -15.79 24.67
CA VAL E 51 -23.02 -15.46 24.84
C VAL E 51 -22.76 -14.00 24.41
N ARG E 52 -22.12 -13.24 25.30
CA ARG E 52 -21.81 -11.82 25.08
C ARG E 52 -23.04 -10.97 24.79
N GLY E 53 -24.23 -11.42 25.21
CA GLY E 53 -25.49 -10.71 24.92
C GLY E 53 -25.86 -10.69 23.44
N ALA E 54 -25.12 -11.42 22.59
CA ALA E 54 -25.40 -11.54 21.15
C ALA E 54 -26.51 -12.56 20.90
N VAL E 55 -27.74 -12.16 21.23
CA VAL E 55 -28.83 -13.12 21.31
C VAL E 55 -29.13 -13.77 19.98
N GLY E 56 -29.53 -15.04 20.06
CA GLY E 56 -29.91 -15.83 18.88
C GLY E 56 -31.14 -16.65 19.21
N TYR E 57 -32.11 -16.67 18.31
CA TYR E 57 -33.36 -17.38 18.50
C TYR E 57 -33.66 -18.20 17.26
N THR E 58 -34.32 -19.32 17.46
CA THR E 58 -34.80 -20.16 16.38
C THR E 58 -36.30 -20.35 16.62
N GLY E 59 -37.08 -20.19 15.56
CA GLY E 59 -38.51 -20.32 15.65
C GLY E 59 -39.07 -20.49 14.26
N TYR E 60 -40.39 -20.44 14.15
CA TYR E 60 -41.04 -20.58 12.85
C TYR E 60 -41.70 -19.28 12.45
N TYR E 61 -41.51 -18.95 11.18
CA TYR E 61 -42.22 -17.88 10.57
C TYR E 61 -43.07 -18.49 9.47
N LYS E 62 -44.38 -18.31 9.60
CA LYS E 62 -45.36 -18.94 8.68
C LYS E 62 -45.05 -20.44 8.56
N GLY E 63 -44.87 -21.03 9.75
CA GLY E 63 -44.57 -22.46 9.92
C GLY E 63 -43.25 -23.01 9.38
N VAL E 64 -42.32 -22.11 9.02
CA VAL E 64 -41.03 -22.45 8.40
C VAL E 64 -39.89 -22.01 9.34
N LYS E 65 -38.99 -22.95 9.64
CA LYS E 65 -37.97 -22.78 10.65
C LYS E 65 -36.94 -21.72 10.19
N LEU E 66 -36.58 -20.82 11.11
CA LEU E 66 -35.79 -19.61 10.81
C LEU E 66 -35.05 -19.21 12.07
N SER E 67 -33.82 -18.72 11.91
CA SER E 67 -33.09 -18.18 13.07
C SER E 67 -32.84 -16.70 12.90
N VAL E 68 -32.70 -15.99 14.03
CA VAL E 68 -32.44 -14.56 14.05
C VAL E 68 -31.35 -14.31 15.08
N GLN E 69 -30.35 -13.50 14.71
CA GLN E 69 -29.13 -13.44 15.49
C GLN E 69 -28.45 -12.07 15.43
N ALA E 70 -27.96 -11.59 16.60
CA ALA E 70 -27.31 -10.29 16.69
C ALA E 70 -25.86 -10.44 16.25
N HIS E 71 -25.31 -9.44 15.59
CA HIS E 71 -23.95 -9.56 15.11
C HIS E 71 -23.05 -8.45 15.57
N GLY E 72 -23.58 -7.54 16.41
CA GLY E 72 -22.78 -6.43 16.94
C GLY E 72 -22.43 -5.41 15.86
N MET E 73 -21.43 -4.58 16.09
CA MET E 73 -21.07 -3.55 15.08
C MET E 73 -19.65 -3.74 14.51
N GLY E 74 -19.51 -3.52 13.19
CA GLY E 74 -18.21 -3.50 12.56
C GLY E 74 -17.92 -4.84 11.90
N MET E 75 -17.02 -4.78 10.92
CA MET E 75 -16.67 -5.98 10.15
C MET E 75 -16.02 -7.08 10.96
N PRO E 76 -15.16 -6.75 11.94
CA PRO E 76 -14.59 -7.90 12.69
C PRO E 76 -15.63 -8.69 13.50
N SER E 77 -16.62 -7.97 14.01
CA SER E 77 -17.67 -8.58 14.81
C SER E 77 -18.56 -9.48 13.94
N ILE E 78 -19.09 -8.93 12.85
CA ILE E 78 -19.92 -9.75 11.96
C ILE E 78 -19.14 -10.88 11.30
N GLY E 79 -17.84 -10.66 11.10
CA GLY E 79 -16.98 -11.69 10.55
C GLY E 79 -16.95 -12.95 11.42
N ILE E 80 -16.80 -12.75 12.73
CA ILE E 80 -16.80 -13.85 13.68
C ILE E 80 -18.12 -14.65 13.58
N TYR E 81 -19.27 -13.97 13.72
CA TYR E 81 -20.57 -14.65 13.73
C TYR E 81 -20.85 -15.35 12.40
N ALA E 82 -20.57 -14.70 11.27
CA ALA E 82 -20.89 -15.27 9.96
C ALA E 82 -19.96 -16.44 9.64
N TYR E 83 -18.66 -16.30 9.96
CA TYR E 83 -17.72 -17.40 9.76
C TYR E 83 -18.22 -18.64 10.52
N GLU E 84 -18.57 -18.47 11.79
CA GLU E 84 -19.13 -19.60 12.59
C GLU E 84 -20.41 -20.18 11.98
N LEU E 85 -21.35 -19.31 11.58
CA LEU E 85 -22.65 -19.75 11.06
C LEU E 85 -22.45 -20.55 9.79
N PHE E 86 -21.65 -20.03 8.87
CA PHE E 86 -21.43 -20.71 7.60
C PHE E 86 -20.55 -21.93 7.70
N ASN E 87 -19.54 -21.92 8.58
CA ASN E 87 -18.55 -23.00 8.54
C ASN E 87 -18.74 -24.09 9.60
N PHE E 88 -19.42 -23.75 10.71
CA PHE E 88 -19.60 -24.72 11.79
C PHE E 88 -21.07 -25.16 11.90
N TYR E 89 -22.00 -24.27 11.59
CA TYR E 89 -23.41 -24.53 11.91
C TYR E 89 -24.23 -24.98 10.70
N GLY E 90 -23.61 -25.06 9.53
CA GLY E 90 -24.32 -25.53 8.34
C GLY E 90 -25.36 -24.56 7.79
N VAL E 91 -25.28 -23.29 8.20
CA VAL E 91 -26.18 -22.27 7.67
C VAL E 91 -25.97 -22.08 6.15
N LYS E 92 -27.06 -22.00 5.39
CA LYS E 92 -27.00 -21.82 3.93
C LYS E 92 -27.11 -20.37 3.44
N ARG E 93 -27.83 -19.56 4.19
CA ARG E 93 -28.07 -18.19 3.76
C ARG E 93 -28.20 -17.24 4.94
N ILE E 94 -27.57 -16.08 4.80
CA ILE E 94 -27.68 -15.04 5.82
C ILE E 94 -28.17 -13.77 5.13
N ILE E 95 -29.24 -13.25 5.69
CA ILE E 95 -29.78 -11.97 5.27
C ILE E 95 -29.62 -11.01 6.45
N ARG E 96 -28.83 -9.96 6.22
CA ARG E 96 -28.56 -8.97 7.20
C ARG E 96 -29.42 -7.72 6.92
N ILE E 97 -30.06 -7.23 7.96
CA ILE E 97 -30.83 -6.00 7.90
C ILE E 97 -30.19 -4.98 8.84
N GLY E 98 -30.24 -3.71 8.46
CA GLY E 98 -29.58 -2.71 9.25
C GLY E 98 -29.93 -1.31 8.84
N SER E 99 -29.31 -0.35 9.50
CA SER E 99 -29.53 1.05 9.23
C SER E 99 -28.30 1.54 8.47
N ALA E 100 -28.43 2.67 7.77
CA ALA E 100 -27.33 3.19 6.94
C ALA E 100 -27.45 4.69 6.76
N GLY E 101 -26.32 5.32 6.43
CA GLY E 101 -26.30 6.74 6.06
C GLY E 101 -26.38 6.88 4.55
N ALA E 102 -27.22 7.77 4.04
CA ALA E 102 -27.32 7.94 2.61
C ALA E 102 -26.21 8.82 2.05
N PHE E 103 -25.61 8.34 0.97
CA PHE E 103 -24.65 9.11 0.18
C PHE E 103 -25.34 9.69 -1.03
N ASP E 104 -26.21 8.90 -1.67
CA ASP E 104 -26.93 9.31 -2.88
C ASP E 104 -28.07 10.27 -2.49
N GLU E 105 -28.10 11.44 -3.12
CA GLU E 105 -29.03 12.51 -2.68
C GLU E 105 -30.49 12.26 -2.96
N SER E 106 -30.79 11.25 -3.78
CA SER E 106 -32.16 10.93 -4.05
C SER E 106 -32.76 9.93 -3.03
N LEU E 107 -31.95 9.43 -2.10
CA LEU E 107 -32.44 8.56 -1.04
C LEU E 107 -33.02 9.40 0.13
N LYS E 108 -34.23 9.10 0.58
CA LYS E 108 -34.82 9.83 1.70
C LYS E 108 -34.77 8.95 2.94
N LEU E 109 -34.93 9.56 4.12
CA LEU E 109 -34.99 8.80 5.36
C LEU E 109 -36.06 7.72 5.22
N GLY E 110 -35.73 6.50 5.66
CA GLY E 110 -36.65 5.37 5.50
C GLY E 110 -36.62 4.58 4.21
N ASP E 111 -35.94 5.08 3.17
CA ASP E 111 -35.75 4.31 1.91
C ASP E 111 -34.95 3.02 2.15
N ILE E 112 -35.18 2.00 1.34
CA ILE E 112 -34.45 0.76 1.52
C ILE E 112 -33.32 0.65 0.49
N VAL E 113 -32.13 0.24 0.95
CA VAL E 113 -31.05 0.00 0.00
C VAL E 113 -30.68 -1.46 0.00
N ILE E 114 -30.65 -2.06 -1.21
CA ILE E 114 -30.26 -3.44 -1.40
C ILE E 114 -28.81 -3.47 -1.89
N GLY E 115 -27.94 -4.04 -1.05
CA GLY E 115 -26.50 -4.00 -1.28
C GLY E 115 -26.06 -5.05 -2.27
N MET E 116 -26.12 -4.71 -3.55
CA MET E 116 -25.62 -5.60 -4.61
C MET E 116 -24.11 -5.84 -4.47
N GLY E 117 -23.41 -4.79 -4.08
CA GLY E 117 -21.97 -4.89 -3.84
C GLY E 117 -21.65 -4.02 -2.66
N ALA E 118 -20.47 -4.24 -2.09
CA ALA E 118 -20.03 -3.51 -0.92
C ALA E 118 -18.55 -3.17 -1.09
N CYS E 119 -18.28 -1.87 -1.18
CA CYS E 119 -16.93 -1.31 -1.04
C CYS E 119 -16.54 -1.39 0.42
N TYR E 120 -15.26 -1.22 0.76
CA TYR E 120 -14.82 -1.47 2.13
C TYR E 120 -13.49 -0.90 2.48
N ASP E 121 -13.36 -0.67 3.78
CA ASP E 121 -12.10 -0.28 4.42
C ASP E 121 -11.44 -1.62 4.66
N SER E 122 -10.10 -1.67 4.66
CA SER E 122 -9.42 -2.93 4.91
C SER E 122 -9.85 -3.46 6.27
N ASN E 123 -10.18 -4.76 6.28
CA ASN E 123 -10.62 -5.48 7.47
C ASN E 123 -9.70 -6.67 7.76
N PHE E 124 -10.20 -7.88 7.51
CA PHE E 124 -9.44 -9.13 7.68
C PHE E 124 -9.06 -9.79 6.34
N GLU E 125 -9.25 -9.06 5.23
CA GLU E 125 -9.01 -9.60 3.88
C GLU E 125 -7.56 -10.01 3.63
N ARG E 126 -6.59 -9.37 4.32
CA ARG E 126 -5.17 -9.73 4.21
C ARG E 126 -4.97 -11.20 4.47
N GLN E 127 -5.78 -11.73 5.39
CA GLN E 127 -5.77 -13.16 5.75
C GLN E 127 -6.01 -14.10 4.55
N TYR E 128 -6.64 -13.56 3.49
CA TYR E 128 -6.89 -14.34 2.28
C TYR E 128 -5.80 -14.28 1.20
N ASP E 129 -4.73 -13.50 1.43
CA ASP E 129 -3.57 -13.42 0.51
C ASP E 129 -3.96 -13.14 -0.97
N ILE E 130 -4.88 -12.20 -1.18
CA ILE E 130 -5.39 -11.91 -2.49
C ILE E 130 -4.45 -10.92 -3.18
N PRO E 131 -3.94 -11.25 -4.37
CA PRO E 131 -3.00 -10.40 -5.12
C PRO E 131 -3.64 -9.31 -6.00
N GLY E 132 -4.72 -8.70 -5.56
CA GLY E 132 -5.36 -7.65 -6.34
C GLY E 132 -6.45 -7.10 -5.47
N LYS E 133 -7.46 -6.50 -6.08
CA LYS E 133 -8.57 -5.95 -5.34
C LYS E 133 -9.75 -6.89 -5.55
N TYR E 134 -10.32 -7.34 -4.42
CA TYR E 134 -11.44 -8.25 -4.42
C TYR E 134 -12.72 -7.42 -4.36
N SER E 135 -13.68 -7.69 -5.26
CA SER E 135 -14.94 -6.94 -5.21
C SER E 135 -15.95 -7.79 -4.43
N CYS E 136 -16.48 -7.24 -3.34
CA CYS E 136 -17.48 -7.92 -2.54
C CYS E 136 -18.86 -7.80 -3.14
N ILE E 137 -19.51 -8.94 -3.41
CA ILE E 137 -20.85 -8.97 -4.02
C ILE E 137 -21.80 -9.82 -3.21
N ALA E 138 -23.08 -9.46 -3.25
CA ALA E 138 -24.16 -10.28 -2.65
C ALA E 138 -24.42 -11.48 -3.53
N ASP E 139 -25.19 -12.43 -3.01
CA ASP E 139 -25.72 -13.51 -3.82
C ASP E 139 -26.76 -12.90 -4.77
N PHE E 140 -26.58 -13.12 -6.07
CA PHE E 140 -27.52 -12.60 -7.06
C PHE E 140 -28.98 -13.01 -6.85
N GLN E 141 -29.23 -14.28 -6.60
CA GLN E 141 -30.61 -14.77 -6.37
C GLN E 141 -31.33 -14.05 -5.22
N LEU E 142 -30.66 -13.93 -4.07
CA LEU E 142 -31.18 -13.15 -2.95
C LEU E 142 -31.48 -11.72 -3.36
N CYS E 143 -30.58 -11.16 -4.14
CA CYS E 143 -30.68 -9.80 -4.57
C CYS E 143 -31.97 -9.56 -5.36
N ARG E 144 -32.21 -10.46 -6.31
CA ARG E 144 -33.37 -10.41 -7.16
C ARG E 144 -34.67 -10.58 -6.39
N GLU E 145 -34.72 -11.57 -5.50
CA GLU E 145 -35.89 -11.79 -4.68
C GLU E 145 -36.21 -10.59 -3.78
N ALA E 146 -35.17 -9.94 -3.22
CA ALA E 146 -35.36 -8.79 -2.34
C ALA E 146 -35.98 -7.65 -3.13
N VAL E 147 -35.49 -7.46 -4.36
CA VAL E 147 -36.04 -6.44 -5.27
C VAL E 147 -37.50 -6.73 -5.60
N ASP E 148 -37.79 -7.96 -6.00
CA ASP E 148 -39.17 -8.37 -6.30
C ASP E 148 -40.11 -8.16 -5.09
N ALA E 149 -39.68 -8.58 -3.90
CA ALA E 149 -40.48 -8.42 -2.70
C ALA E 149 -40.76 -6.95 -2.36
N ALA E 150 -39.72 -6.11 -2.47
CA ALA E 150 -39.86 -4.66 -2.24
C ALA E 150 -40.87 -4.03 -3.21
N GLU E 151 -40.77 -4.46 -4.46
CA GLU E 151 -41.68 -4.02 -5.54
C GLU E 151 -43.13 -4.43 -5.24
N LYS E 152 -43.32 -5.69 -4.86
CA LYS E 152 -44.65 -6.19 -4.55
C LYS E 152 -45.22 -5.50 -3.32
N LEU E 153 -44.39 -5.16 -2.35
CA LEU E 153 -44.89 -4.47 -1.16
C LEU E 153 -45.01 -2.93 -1.38
N GLY E 154 -44.58 -2.44 -2.53
CA GLY E 154 -44.67 -1.00 -2.83
C GLY E 154 -43.71 -0.10 -2.05
N TYR E 155 -42.58 -0.65 -1.59
CA TYR E 155 -41.59 0.15 -0.85
C TYR E 155 -40.63 0.91 -1.78
N ARG E 156 -40.19 2.08 -1.34
CA ARG E 156 -39.15 2.82 -2.07
C ARG E 156 -37.81 2.15 -1.79
N TYR E 157 -37.14 1.73 -2.85
CA TYR E 157 -35.83 1.03 -2.70
C TYR E 157 -34.88 1.47 -3.79
N LYS E 158 -33.59 1.27 -3.56
CA LYS E 158 -32.56 1.33 -4.63
C LYS E 158 -31.63 0.13 -4.46
N VAL E 159 -31.19 -0.45 -5.57
CA VAL E 159 -30.21 -1.52 -5.48
C VAL E 159 -28.88 -1.03 -6.10
N GLY E 160 -27.77 -1.20 -5.37
CA GLY E 160 -26.47 -0.83 -5.94
C GLY E 160 -25.34 -1.07 -4.95
N ASN E 161 -24.30 -0.24 -5.06
CA ASN E 161 -23.10 -0.39 -4.26
C ASN E 161 -23.32 0.34 -2.94
N ILE E 162 -22.93 -0.33 -1.84
CA ILE E 162 -22.87 0.32 -0.53
C ILE E 162 -21.41 0.37 -0.06
N TYR E 163 -21.16 0.99 1.09
CA TYR E 163 -19.77 1.08 1.58
C TYR E 163 -19.73 0.62 3.04
N SER E 164 -18.93 -0.41 3.32
CA SER E 164 -18.73 -0.89 4.70
C SER E 164 -17.50 -0.21 5.28
N ALA E 165 -17.75 0.86 6.02
CA ALA E 165 -16.69 1.64 6.69
C ALA E 165 -16.23 1.00 8.02
N ASN E 166 -15.03 1.39 8.47
CA ASN E 166 -14.59 1.02 9.81
C ASN E 166 -14.96 2.04 10.90
N TYR E 167 -15.62 3.12 10.49
CA TYR E 167 -15.90 4.23 11.39
C TYR E 167 -17.34 4.67 11.25
N PHE E 168 -17.88 5.17 12.36
CA PHE E 168 -19.18 5.86 12.35
C PHE E 168 -18.93 7.38 12.35
N TYR E 169 -17.94 7.81 13.13
CA TYR E 169 -17.54 9.21 13.18
C TYR E 169 -16.30 9.39 12.33
N ASP E 170 -16.43 10.21 11.28
CA ASP E 170 -15.36 10.49 10.36
C ASP E 170 -14.50 11.64 10.93
N ASP E 171 -13.21 11.39 11.07
CA ASP E 171 -12.26 12.42 11.52
C ASP E 171 -12.13 13.56 10.48
N GLY E 172 -12.43 13.27 9.21
CA GLY E 172 -12.45 14.32 8.19
C GLY E 172 -13.79 14.36 7.48
N ASP E 173 -13.74 14.50 6.16
CA ASP E 173 -14.85 14.16 5.29
C ASP E 173 -14.33 13.33 4.13
N HIS E 174 -14.54 12.02 4.22
CA HIS E 174 -14.09 11.08 3.22
C HIS E 174 -15.21 10.53 2.38
N SER E 175 -16.37 11.17 2.39
CA SER E 175 -17.50 10.62 1.67
C SER E 175 -17.51 11.01 0.19
N GLY E 176 -16.74 12.06 -0.13
CA GLY E 176 -16.69 12.63 -1.49
C GLY E 176 -16.44 11.65 -2.63
N ALA E 177 -15.36 10.89 -2.51
CA ALA E 177 -14.97 9.99 -3.62
C ALA E 177 -16.01 8.90 -3.77
N TRP E 178 -16.57 8.43 -2.64
CA TRP E 178 -17.58 7.35 -2.71
C TRP E 178 -18.83 7.85 -3.42
N LYS E 179 -19.23 9.05 -3.05
CA LYS E 179 -20.35 9.71 -3.72
C LYS E 179 -20.17 9.86 -5.21
N LYS E 180 -18.98 10.32 -5.65
CA LYS E 180 -18.67 10.46 -7.08
C LYS E 180 -18.83 9.13 -7.82
N MET E 181 -18.45 8.05 -7.12
CA MET E 181 -18.47 6.70 -7.70
C MET E 181 -19.87 6.12 -7.77
N GLY E 182 -20.86 6.83 -7.22
CA GLY E 182 -22.23 6.30 -7.24
C GLY E 182 -22.59 5.39 -6.08
N VAL E 183 -21.76 5.35 -5.05
CA VAL E 183 -22.03 4.44 -3.93
C VAL E 183 -23.31 4.97 -3.21
N LEU E 184 -24.23 4.08 -2.84
CA LEU E 184 -25.53 4.51 -2.37
C LEU E 184 -25.57 4.95 -0.89
N ALA E 185 -24.85 4.23 -0.04
CA ALA E 185 -25.10 4.32 1.40
C ALA E 185 -23.91 3.75 2.15
N VAL E 186 -23.76 4.14 3.41
CA VAL E 186 -22.67 3.67 4.27
C VAL E 186 -23.19 2.89 5.48
N GLU E 187 -22.60 1.74 5.73
CA GLU E 187 -22.85 0.99 6.97
C GLU E 187 -21.48 0.44 7.37
N MET E 188 -21.41 -0.63 8.16
CA MET E 188 -20.10 -1.06 8.72
C MET E 188 -19.83 -2.56 8.66
N GLU E 189 -20.62 -3.32 7.89
CA GLU E 189 -20.64 -4.78 8.03
C GLU E 189 -20.62 -5.62 6.74
N ALA E 190 -21.32 -5.13 5.73
CA ALA E 190 -21.68 -5.95 4.56
C ALA E 190 -20.49 -6.60 3.85
N ALA E 191 -19.44 -5.85 3.58
CA ALA E 191 -18.30 -6.43 2.83
C ALA E 191 -17.75 -7.71 3.53
N ALA E 192 -17.69 -7.70 4.87
CA ALA E 192 -17.16 -8.86 5.61
C ALA E 192 -18.06 -10.09 5.42
N LEU E 193 -19.36 -9.87 5.58
CA LEU E 193 -20.37 -10.91 5.31
C LEU E 193 -20.24 -11.50 3.91
N TYR E 194 -20.08 -10.63 2.91
CA TYR E 194 -20.08 -11.05 1.51
C TYR E 194 -18.82 -11.86 1.22
N MET E 195 -17.69 -11.43 1.77
CA MET E 195 -16.41 -12.14 1.58
C MET E 195 -16.44 -13.53 2.16
N ILE E 196 -16.94 -13.59 3.39
CA ILE E 196 -17.03 -14.84 4.12
C ILE E 196 -18.02 -15.81 3.42
N ALA E 197 -19.19 -15.32 3.04
CA ALA E 197 -20.14 -16.14 2.25
C ALA E 197 -19.55 -16.66 0.92
N ALA E 198 -18.83 -15.80 0.18
CA ALA E 198 -18.22 -16.21 -1.12
C ALA E 198 -17.22 -17.34 -0.89
N ARG E 199 -16.35 -17.20 0.11
CA ARG E 199 -15.36 -18.23 0.46
C ARG E 199 -16.03 -19.55 0.83
N ALA E 200 -17.11 -19.48 1.63
CA ALA E 200 -17.93 -20.63 2.03
C ALA E 200 -18.84 -21.21 0.94
N ARG E 201 -18.96 -20.50 -0.19
CA ARG E 201 -19.91 -20.84 -1.27
C ARG E 201 -21.34 -20.82 -0.73
N LYS E 202 -21.66 -19.85 0.12
CA LYS E 202 -23.01 -19.74 0.66
C LYS E 202 -23.63 -18.40 0.23
N GLN E 203 -24.90 -18.20 0.55
CA GLN E 203 -25.62 -17.01 0.10
C GLN E 203 -25.68 -15.94 1.19
N ALA E 204 -25.49 -14.69 0.82
CA ALA E 204 -25.59 -13.59 1.76
C ALA E 204 -26.15 -12.39 1.03
N LEU E 205 -26.90 -11.58 1.77
CA LEU E 205 -27.40 -10.32 1.25
C LEU E 205 -27.56 -9.36 2.41
N CYS E 206 -27.21 -8.12 2.16
CA CYS E 206 -27.44 -7.04 3.11
CA CYS E 206 -27.45 -7.03 3.09
C CYS E 206 -28.46 -6.05 2.55
N MET E 207 -29.45 -5.75 3.38
CA MET E 207 -30.46 -4.75 3.11
C MET E 207 -30.39 -3.72 4.20
N LEU E 208 -30.68 -2.47 3.87
CA LEU E 208 -30.55 -1.40 4.84
C LEU E 208 -31.69 -0.41 4.74
N THR E 209 -31.99 0.28 5.83
CA THR E 209 -32.93 1.39 5.80
C THR E 209 -32.16 2.64 6.10
N ILE E 210 -32.35 3.69 5.30
CA ILE E 210 -31.64 4.95 5.49
C ILE E 210 -32.17 5.63 6.76
N SER E 211 -31.32 5.78 7.76
CA SER E 211 -31.67 6.38 9.04
C SER E 211 -30.99 7.75 9.29
N ASP E 212 -30.02 8.08 8.45
CA ASP E 212 -29.33 9.37 8.53
C ASP E 212 -28.87 9.81 7.13
N LEU E 213 -28.91 11.12 6.87
CA LEU E 213 -28.46 11.66 5.60
C LEU E 213 -27.02 12.19 5.74
N CYS E 214 -26.14 11.68 4.87
CA CYS E 214 -24.74 12.08 4.83
C CYS E 214 -24.49 13.06 3.69
N TYR E 215 -25.47 13.92 3.48
CA TYR E 215 -25.42 15.02 2.53
C TYR E 215 -26.39 16.08 3.11
N GLY E 216 -26.47 17.23 2.45
CA GLY E 216 -27.44 18.29 2.75
C GLY E 216 -27.59 18.65 4.21
N SER E 217 -28.86 18.71 4.66
CA SER E 217 -29.21 18.99 6.07
C SER E 217 -28.67 17.98 7.08
N GLY E 218 -28.30 16.78 6.62
CA GLY E 218 -27.83 15.73 7.53
C GLY E 218 -28.89 15.27 8.51
N GLU E 219 -30.17 15.45 8.14
CA GLU E 219 -31.29 14.99 8.96
C GLU E 219 -31.15 13.51 9.35
N LYS E 220 -31.55 13.19 10.58
CA LYS E 220 -31.47 11.82 11.08
C LYS E 220 -32.83 11.38 11.60
N MET E 221 -33.07 10.06 11.63
CA MET E 221 -34.24 9.48 12.32
C MET E 221 -34.18 9.62 13.84
N THR E 222 -35.36 9.61 14.48
CA THR E 222 -35.46 9.56 15.95
C THR E 222 -34.97 8.20 16.46
N LYS E 229 -39.88 2.10 12.57
CA LYS E 229 -39.91 2.41 11.14
C LYS E 229 -39.01 1.48 10.29
N PHE E 230 -38.62 0.34 10.88
CA PHE E 230 -37.77 -0.70 10.25
C PHE E 230 -38.54 -1.97 9.88
N THR E 231 -39.83 -1.99 10.17
CA THR E 231 -40.61 -3.20 9.93
C THR E 231 -40.74 -3.50 8.43
N GLN E 232 -40.74 -2.49 7.57
CA GLN E 232 -40.86 -2.77 6.12
C GLN E 232 -39.67 -3.58 5.62
N MET E 233 -38.48 -3.23 6.09
CA MET E 233 -37.27 -3.96 5.72
C MET E 233 -37.33 -5.40 6.22
N MET E 234 -37.76 -5.57 7.47
CA MET E 234 -37.95 -6.90 8.05
C MET E 234 -38.87 -7.74 7.15
N GLU E 235 -39.90 -7.10 6.61
CA GLU E 235 -40.87 -7.79 5.75
C GLU E 235 -40.24 -8.25 4.40
N VAL E 236 -39.37 -7.44 3.81
CA VAL E 236 -38.56 -7.89 2.65
C VAL E 236 -37.67 -9.08 3.04
N ALA E 237 -36.92 -8.93 4.13
CA ALA E 237 -36.03 -9.98 4.64
C ALA E 237 -36.76 -11.30 4.88
N LEU E 238 -37.93 -11.20 5.52
CA LEU E 238 -38.69 -12.39 5.90
C LEU E 238 -39.18 -13.09 4.67
N SER E 239 -39.39 -12.36 3.59
CA SER E 239 -39.88 -12.99 2.38
C SER E 239 -38.76 -13.81 1.71
N LEU E 240 -37.51 -13.68 2.19
CA LEU E 240 -36.41 -14.50 1.66
C LEU E 240 -36.15 -15.79 2.45
N ALA E 241 -36.86 -16.00 3.55
CA ALA E 241 -36.56 -17.15 4.39
C ALA E 241 -37.04 -18.45 3.73
N LYS E 242 -36.20 -19.48 3.81
CA LYS E 242 -36.45 -20.82 3.26
C LYS E 242 -35.93 -21.88 4.25
N MET F 5 -21.88 15.26 -25.06
CA MET F 5 -20.98 16.40 -25.36
C MET F 5 -20.60 16.32 -26.86
N ALA F 6 -21.49 16.83 -27.71
CA ALA F 6 -21.26 16.82 -29.16
C ALA F 6 -19.94 17.48 -29.58
N GLU F 7 -19.49 18.48 -28.83
CA GLU F 7 -18.22 19.18 -29.13
C GLU F 7 -16.99 18.27 -29.02
N HIS F 8 -17.12 17.16 -28.27
CA HIS F 8 -16.00 16.22 -28.11
C HIS F 8 -15.98 15.05 -29.07
N CYS F 9 -16.86 15.07 -30.08
CA CYS F 9 -16.96 14.02 -31.12
C CYS F 9 -16.70 14.66 -32.47
N PRO F 10 -15.90 14.01 -33.37
CA PRO F 10 -15.13 12.75 -33.14
C PRO F 10 -14.02 12.88 -32.09
N THR F 11 -13.49 11.76 -31.60
CA THR F 11 -12.45 11.82 -30.59
C THR F 11 -11.16 11.35 -31.23
N PRO F 12 -10.02 11.45 -30.52
CA PRO F 12 -8.81 10.85 -31.11
C PRO F 12 -8.92 9.32 -31.37
N HIS F 13 -9.91 8.63 -30.79
CA HIS F 13 -9.97 7.16 -30.94
C HIS F 13 -11.18 6.69 -31.67
N ASN F 14 -12.04 7.62 -32.04
CA ASN F 14 -13.35 7.30 -32.62
C ASN F 14 -13.76 8.36 -33.62
N GLY F 15 -13.88 7.97 -34.88
CA GLY F 15 -14.23 8.89 -35.97
C GLY F 15 -15.71 9.26 -36.03
N ALA F 16 -16.55 8.61 -35.22
CA ALA F 16 -17.99 8.93 -35.19
C ALA F 16 -18.30 10.36 -34.77
N LYS F 17 -19.30 10.92 -35.42
CA LYS F 17 -19.88 12.18 -34.97
C LYS F 17 -20.97 11.82 -33.97
N TYR F 18 -21.36 12.79 -33.17
CA TYR F 18 -22.40 12.58 -32.18
C TYR F 18 -23.68 12.10 -32.87
N GLY F 19 -24.33 11.10 -32.32
CA GLY F 19 -25.57 10.59 -32.92
C GLY F 19 -25.34 9.42 -33.84
N GLU F 20 -24.09 9.17 -34.25
CA GLU F 20 -23.80 8.03 -35.15
C GLU F 20 -23.71 6.69 -34.40
N ILE F 21 -23.62 6.78 -33.07
CA ILE F 21 -23.57 5.59 -32.20
C ILE F 21 -24.89 5.49 -31.41
N ALA F 22 -25.47 4.29 -31.37
CA ALA F 22 -26.75 4.05 -30.68
C ALA F 22 -26.64 4.13 -29.15
N GLU F 23 -27.80 4.18 -28.48
CA GLU F 23 -27.85 4.20 -27.02
C GLU F 23 -27.41 2.88 -26.36
N THR F 24 -27.42 1.78 -27.13
CA THR F 24 -26.91 0.46 -26.70
C THR F 24 -25.75 0.11 -27.57
N VAL F 25 -24.61 -0.18 -26.95
CA VAL F 25 -23.45 -0.64 -27.65
C VAL F 25 -23.05 -2.03 -27.12
N LEU F 26 -22.87 -2.98 -28.05
CA LEU F 26 -22.25 -4.25 -27.77
C LEU F 26 -20.77 -4.11 -28.04
N MET F 27 -19.93 -4.50 -27.09
CA MET F 27 -18.47 -4.45 -27.33
C MET F 27 -17.80 -5.80 -27.20
N ALA F 28 -16.77 -6.00 -28.02
CA ALA F 28 -15.97 -7.24 -27.96
C ALA F 28 -14.55 -6.81 -28.22
N GLY F 29 -13.55 -7.62 -27.81
CA GLY F 29 -12.15 -7.24 -28.00
C GLY F 29 -11.67 -7.22 -29.46
N ASP F 30 -12.04 -8.25 -30.20
CA ASP F 30 -11.47 -8.51 -31.51
C ASP F 30 -12.31 -7.85 -32.60
N PRO F 31 -11.68 -6.95 -33.40
CA PRO F 31 -12.38 -6.29 -34.50
C PRO F 31 -12.96 -7.27 -35.53
N LEU F 32 -12.29 -8.39 -35.76
CA LEU F 32 -12.83 -9.43 -36.65
C LEU F 32 -14.14 -10.02 -36.10
N ARG F 33 -14.21 -10.17 -34.79
CA ARG F 33 -15.43 -10.65 -34.18
C ARG F 33 -16.55 -9.61 -34.23
N VAL F 34 -16.22 -8.35 -33.99
CA VAL F 34 -17.18 -7.23 -34.05
C VAL F 34 -17.80 -7.20 -35.46
N LYS F 35 -16.96 -7.32 -36.48
CA LYS F 35 -17.44 -7.35 -37.87
C LYS F 35 -18.38 -8.56 -38.13
N LEU F 36 -17.96 -9.77 -37.74
CA LEU F 36 -18.85 -10.92 -37.79
C LEU F 36 -20.19 -10.67 -37.07
N LEU F 37 -20.19 -9.94 -35.96
CA LEU F 37 -21.45 -9.70 -35.25
C LEU F 37 -22.37 -8.81 -36.06
N ALA F 38 -21.78 -7.75 -36.61
CA ALA F 38 -22.49 -6.82 -37.45
C ALA F 38 -23.10 -7.53 -38.69
N ASP F 39 -22.27 -8.34 -39.37
CA ASP F 39 -22.71 -9.10 -40.56
C ASP F 39 -23.78 -10.14 -40.21
N THR F 40 -23.66 -10.77 -39.05
CA THR F 40 -24.60 -11.84 -38.69
C THR F 40 -25.96 -11.34 -38.19
N TYR F 41 -25.99 -10.26 -37.44
CA TYR F 41 -27.18 -9.93 -36.68
C TYR F 41 -27.83 -8.61 -37.05
N LEU F 42 -27.10 -7.73 -37.69
CA LEU F 42 -27.60 -6.37 -37.93
C LEU F 42 -28.00 -6.16 -39.39
N THR F 43 -28.99 -5.30 -39.62
CA THR F 43 -29.36 -4.86 -40.97
C THR F 43 -28.95 -3.40 -41.11
N ASP F 44 -28.85 -2.91 -42.34
CA ASP F 44 -28.55 -1.50 -42.65
C ASP F 44 -27.29 -0.99 -41.95
N VAL F 45 -26.22 -1.75 -42.07
CA VAL F 45 -25.02 -1.49 -41.28
C VAL F 45 -24.25 -0.32 -41.88
N VAL F 46 -23.90 0.65 -41.05
CA VAL F 46 -22.93 1.66 -41.39
C VAL F 46 -21.73 1.62 -40.43
N GLN F 47 -20.53 1.72 -40.97
CA GLN F 47 -19.34 1.80 -40.14
C GLN F 47 -19.14 3.25 -39.76
N TYR F 48 -19.03 3.51 -38.45
CA TYR F 48 -18.75 4.87 -37.99
C TYR F 48 -17.30 5.09 -37.53
N ASN F 49 -16.55 4.00 -37.40
CA ASN F 49 -15.19 4.08 -36.92
C ASN F 49 -14.23 3.11 -37.56
N SER F 50 -13.06 3.59 -37.93
CA SER F 50 -11.98 2.70 -38.28
C SER F 50 -10.66 3.14 -37.66
N VAL F 51 -10.71 4.13 -36.78
CA VAL F 51 -9.50 4.63 -36.10
C VAL F 51 -8.85 3.48 -35.35
N ARG F 52 -7.54 3.31 -35.59
CA ARG F 52 -6.73 2.27 -34.95
C ARG F 52 -7.24 0.85 -35.21
N GLY F 53 -8.04 0.70 -36.25
CA GLY F 53 -8.65 -0.58 -36.58
C GLY F 53 -9.71 -1.03 -35.57
N ALA F 54 -10.08 -0.15 -34.64
CA ALA F 54 -11.12 -0.51 -33.65
C ALA F 54 -12.48 -0.25 -34.28
N VAL F 55 -12.82 -1.08 -35.26
CA VAL F 55 -14.05 -0.91 -36.01
C VAL F 55 -15.31 -0.76 -35.12
N GLY F 56 -16.17 0.17 -35.50
CA GLY F 56 -17.46 0.39 -34.90
C GLY F 56 -18.52 0.47 -35.99
N TYR F 57 -19.66 -0.17 -35.75
CA TYR F 57 -20.80 -0.21 -36.69
C TYR F 57 -22.11 0.09 -35.99
N THR F 58 -23.03 0.68 -36.76
CA THR F 58 -24.36 0.94 -36.24
C THR F 58 -25.35 0.33 -37.23
N GLY F 59 -26.35 -0.36 -36.71
CA GLY F 59 -27.35 -0.99 -37.57
C GLY F 59 -28.58 -1.25 -36.77
N TYR F 60 -29.45 -2.10 -37.31
CA TYR F 60 -30.67 -2.49 -36.63
C TYR F 60 -30.69 -3.97 -36.29
N TYR F 61 -31.21 -4.23 -35.09
CA TYR F 61 -31.47 -5.57 -34.64
C TYR F 61 -32.94 -5.65 -34.20
N LYS F 62 -33.73 -6.45 -34.94
CA LYS F 62 -35.18 -6.56 -34.72
C LYS F 62 -35.81 -5.19 -34.59
N GLY F 63 -35.45 -4.27 -35.48
CA GLY F 63 -36.07 -2.96 -35.51
C GLY F 63 -35.54 -1.90 -34.55
N VAL F 64 -34.58 -2.24 -33.69
CA VAL F 64 -33.98 -1.22 -32.82
C VAL F 64 -32.50 -0.99 -33.16
N LYS F 65 -32.13 0.28 -33.16
CA LYS F 65 -30.81 0.71 -33.51
C LYS F 65 -29.85 0.21 -32.41
N LEU F 66 -28.70 -0.29 -32.86
CA LEU F 66 -27.76 -0.95 -32.00
C LEU F 66 -26.37 -0.71 -32.60
N SER F 67 -25.36 -0.50 -31.74
CA SER F 67 -24.01 -0.36 -32.22
C SER F 67 -23.12 -1.47 -31.66
N VAL F 68 -22.12 -1.86 -32.44
CA VAL F 68 -21.12 -2.86 -32.04
C VAL F 68 -19.72 -2.26 -32.27
N GLN F 69 -18.84 -2.40 -31.28
CA GLN F 69 -17.58 -1.69 -31.25
C GLN F 69 -16.45 -2.55 -30.65
N ALA F 70 -15.28 -2.52 -31.29
CA ALA F 70 -14.08 -3.22 -30.79
C ALA F 70 -13.46 -2.43 -29.66
N HIS F 71 -12.99 -3.10 -28.62
CA HIS F 71 -12.35 -2.38 -27.49
C HIS F 71 -10.91 -2.73 -27.22
N GLY F 72 -10.31 -3.62 -28.04
CA GLY F 72 -8.90 -4.04 -27.88
C GLY F 72 -8.74 -4.85 -26.61
N MET F 73 -7.54 -4.93 -26.06
CA MET F 73 -7.30 -5.82 -24.93
C MET F 73 -6.81 -5.03 -23.73
N GLY F 74 -7.32 -5.34 -22.54
CA GLY F 74 -6.80 -4.76 -21.29
C GLY F 74 -7.68 -3.60 -20.82
N MET F 75 -7.69 -3.39 -19.51
CA MET F 75 -8.54 -2.34 -18.90
C MET F 75 -8.28 -0.91 -19.39
N PRO F 76 -7.00 -0.52 -19.62
CA PRO F 76 -6.77 0.85 -20.15
C PRO F 76 -7.37 1.06 -21.53
N SER F 77 -7.38 0.03 -22.36
CA SER F 77 -7.91 0.16 -23.71
C SER F 77 -9.44 0.29 -23.69
N ILE F 78 -10.14 -0.63 -23.01
CA ILE F 78 -11.60 -0.50 -22.95
C ILE F 78 -12.01 0.77 -22.19
N GLY F 79 -11.14 1.21 -21.26
CA GLY F 79 -11.37 2.42 -20.48
C GLY F 79 -11.51 3.65 -21.35
N ILE F 80 -10.58 3.78 -22.30
CA ILE F 80 -10.64 4.86 -23.27
C ILE F 80 -11.95 4.81 -24.06
N TYR F 81 -12.28 3.64 -24.62
CA TYR F 81 -13.48 3.53 -25.45
C TYR F 81 -14.78 3.78 -24.65
N ALA F 82 -14.92 3.15 -23.48
CA ALA F 82 -16.12 3.26 -22.67
C ALA F 82 -16.26 4.67 -22.13
N TYR F 83 -15.15 5.29 -21.74
CA TYR F 83 -15.23 6.66 -21.25
C TYR F 83 -15.88 7.57 -22.34
N GLU F 84 -15.36 7.43 -23.55
CA GLU F 84 -15.86 8.24 -24.67
C GLU F 84 -17.32 7.92 -24.97
N LEU F 85 -17.69 6.65 -25.00
CA LEU F 85 -19.07 6.31 -25.29
C LEU F 85 -20.05 6.84 -24.27
N PHE F 86 -19.75 6.66 -22.99
CA PHE F 86 -20.66 7.13 -21.96
C PHE F 86 -20.69 8.65 -21.80
N ASN F 87 -19.56 9.33 -22.00
CA ASN F 87 -19.41 10.71 -21.57
C ASN F 87 -19.51 11.68 -22.71
N PHE F 88 -19.17 11.20 -23.90
CA PHE F 88 -19.22 12.04 -25.09
C PHE F 88 -20.35 11.68 -26.08
N TYR F 89 -20.64 10.40 -26.26
CA TYR F 89 -21.62 9.95 -27.30
C TYR F 89 -23.05 9.75 -26.81
N GLY F 90 -23.28 9.87 -25.50
CA GLY F 90 -24.65 9.73 -24.98
C GLY F 90 -25.13 8.28 -24.91
N VAL F 91 -24.21 7.33 -24.93
CA VAL F 91 -24.56 5.92 -24.84
C VAL F 91 -25.13 5.61 -23.44
N LYS F 92 -26.18 4.79 -23.38
CA LYS F 92 -26.85 4.49 -22.09
C LYS F 92 -26.38 3.19 -21.46
N ARG F 93 -26.09 2.24 -22.33
CA ARG F 93 -25.87 0.81 -21.99
CA ARG F 93 -25.74 0.90 -21.88
C ARG F 93 -24.70 0.25 -22.78
N ILE F 94 -23.75 -0.39 -22.10
CA ILE F 94 -22.71 -1.14 -22.82
C ILE F 94 -22.73 -2.56 -22.31
N ILE F 95 -22.89 -3.50 -23.22
CA ILE F 95 -22.77 -4.91 -22.90
C ILE F 95 -21.47 -5.41 -23.54
N ARG F 96 -20.54 -5.87 -22.72
CA ARG F 96 -19.33 -6.45 -23.26
C ARG F 96 -19.50 -7.97 -23.32
N ILE F 97 -19.10 -8.57 -24.44
CA ILE F 97 -19.13 -10.01 -24.57
C ILE F 97 -17.72 -10.49 -24.93
N GLY F 98 -17.41 -11.74 -24.59
CA GLY F 98 -16.11 -12.31 -24.90
C GLY F 98 -15.95 -13.71 -24.37
N SER F 99 -14.73 -14.22 -24.48
CA SER F 99 -14.38 -15.55 -23.99
C SER F 99 -13.62 -15.38 -22.66
N ALA F 100 -13.49 -16.44 -21.88
CA ALA F 100 -12.83 -16.35 -20.58
C ALA F 100 -12.29 -17.71 -20.15
N GLY F 101 -11.28 -17.67 -19.28
CA GLY F 101 -10.80 -18.87 -18.60
C GLY F 101 -11.61 -19.12 -17.34
N ALA F 102 -12.09 -20.36 -17.17
CA ALA F 102 -12.84 -20.76 -15.98
C ALA F 102 -11.91 -20.99 -14.81
N PHE F 103 -12.23 -20.37 -13.69
CA PHE F 103 -11.57 -20.68 -12.42
C PHE F 103 -12.41 -21.71 -11.66
N ASP F 104 -13.73 -21.61 -11.76
CA ASP F 104 -14.64 -22.48 -11.02
C ASP F 104 -14.70 -23.84 -11.73
N GLU F 105 -14.41 -24.91 -10.99
CA GLU F 105 -14.26 -26.28 -11.55
C GLU F 105 -15.59 -26.86 -12.08
N SER F 106 -16.71 -26.30 -11.61
CA SER F 106 -18.01 -26.78 -12.06
C SER F 106 -18.48 -26.20 -13.40
N LEU F 107 -17.72 -25.24 -13.95
CA LEU F 107 -18.06 -24.65 -15.24
C LEU F 107 -17.59 -25.51 -16.40
N LYS F 108 -18.49 -25.77 -17.34
CA LYS F 108 -18.13 -26.48 -18.57
C LYS F 108 -17.79 -25.49 -19.69
N LEU F 109 -16.88 -25.88 -20.58
CA LEU F 109 -16.67 -25.17 -21.85
C LEU F 109 -18.00 -24.75 -22.49
N GLY F 110 -18.12 -23.49 -22.88
CA GLY F 110 -19.38 -22.96 -23.44
C GLY F 110 -20.44 -22.52 -22.43
N ASP F 111 -20.18 -22.70 -21.14
CA ASP F 111 -21.08 -22.11 -20.13
C ASP F 111 -21.03 -20.58 -20.23
N ILE F 112 -22.14 -19.91 -19.96
CA ILE F 112 -22.17 -18.44 -19.94
C ILE F 112 -21.89 -17.97 -18.51
N VAL F 113 -20.94 -17.05 -18.35
CA VAL F 113 -20.77 -16.39 -17.04
C VAL F 113 -21.24 -14.95 -17.15
N ILE F 114 -22.14 -14.57 -16.25
CA ILE F 114 -22.64 -13.21 -16.15
C ILE F 114 -21.87 -12.54 -15.00
N GLY F 115 -21.18 -11.46 -15.34
CA GLY F 115 -20.29 -10.82 -14.39
C GLY F 115 -20.97 -9.83 -13.49
N MET F 116 -21.59 -10.32 -12.44
CA MET F 116 -22.24 -9.47 -11.46
C MET F 116 -21.20 -8.52 -10.79
N GLY F 117 -20.01 -9.03 -10.57
CA GLY F 117 -18.98 -8.27 -9.95
C GLY F 117 -17.71 -8.55 -10.72
N ALA F 118 -16.75 -7.61 -10.65
CA ALA F 118 -15.43 -7.84 -11.23
C ALA F 118 -14.34 -7.46 -10.25
N CYS F 119 -13.57 -8.46 -9.85
CA CYS F 119 -12.28 -8.25 -9.14
C CYS F 119 -11.24 -7.73 -10.15
N TYR F 120 -10.15 -7.11 -9.68
CA TYR F 120 -9.19 -6.46 -10.62
C TYR F 120 -7.82 -6.22 -10.01
N ASP F 121 -6.82 -6.23 -10.89
CA ASP F 121 -5.49 -5.68 -10.60
C ASP F 121 -5.61 -4.19 -10.78
N SER F 122 -4.78 -3.44 -10.07
CA SER F 122 -4.91 -2.00 -10.08
C SER F 122 -4.73 -1.52 -11.50
N ASN F 123 -5.64 -0.64 -11.88
CA ASN F 123 -5.67 -0.06 -13.19
C ASN F 123 -5.62 1.47 -13.06
N PHE F 124 -6.78 2.09 -13.13
CA PHE F 124 -6.89 3.53 -13.02
C PHE F 124 -7.91 3.90 -11.95
N GLU F 125 -8.15 3.02 -10.97
CA GLU F 125 -8.95 3.45 -9.83
C GLU F 125 -8.27 4.56 -9.03
N ARG F 126 -6.92 4.61 -9.07
CA ARG F 126 -6.17 5.63 -8.30
C ARG F 126 -6.55 7.02 -8.75
N GLN F 127 -6.87 7.15 -10.02
CA GLN F 127 -7.26 8.43 -10.56
C GLN F 127 -8.62 8.97 -10.02
N TYR F 128 -9.43 8.10 -9.39
CA TYR F 128 -10.65 8.56 -8.73
C TYR F 128 -10.44 8.96 -7.27
N ASP F 129 -9.25 8.73 -6.72
CA ASP F 129 -8.91 9.14 -5.36
C ASP F 129 -9.83 8.50 -4.29
N ILE F 130 -10.05 7.20 -4.41
CA ILE F 130 -10.94 6.52 -3.51
C ILE F 130 -10.17 6.10 -2.25
N PRO F 131 -10.64 6.48 -1.07
CA PRO F 131 -9.91 6.16 0.16
C PRO F 131 -10.27 4.79 0.78
N GLY F 132 -10.32 3.73 -0.02
CA GLY F 132 -10.57 2.38 0.48
C GLY F 132 -10.63 1.49 -0.74
N LYS F 133 -11.24 0.32 -0.62
CA LYS F 133 -11.34 -0.56 -1.77
C LYS F 133 -12.70 -0.41 -2.44
N TYR F 134 -12.67 -0.12 -3.73
CA TYR F 134 -13.88 -0.02 -4.49
C TYR F 134 -14.30 -1.36 -5.09
N SER F 135 -15.56 -1.75 -4.90
CA SER F 135 -16.04 -3.01 -5.47
C SER F 135 -16.74 -2.72 -6.80
N CYS F 136 -16.23 -3.29 -7.89
CA CYS F 136 -16.78 -3.06 -9.23
C CYS F 136 -17.95 -4.00 -9.42
N ILE F 137 -19.13 -3.45 -9.63
CA ILE F 137 -20.32 -4.26 -9.96
C ILE F 137 -20.97 -3.83 -11.25
N ALA F 138 -21.67 -4.78 -11.87
CA ALA F 138 -22.54 -4.50 -13.00
C ALA F 138 -23.81 -3.75 -12.56
N ASP F 139 -24.50 -3.19 -13.54
CA ASP F 139 -25.85 -2.67 -13.34
C ASP F 139 -26.80 -3.83 -12.99
N PHE F 140 -27.54 -3.70 -11.90
CA PHE F 140 -28.49 -4.73 -11.46
C PHE F 140 -29.54 -5.07 -12.55
N GLN F 141 -30.11 -4.04 -13.16
CA GLN F 141 -31.13 -4.26 -14.19
C GLN F 141 -30.61 -5.07 -15.41
N LEU F 142 -29.43 -4.73 -15.95
CA LEU F 142 -28.87 -5.52 -17.07
C LEU F 142 -28.59 -6.94 -16.63
N CYS F 143 -28.06 -7.06 -15.43
CA CYS F 143 -27.77 -8.34 -14.84
C CYS F 143 -29.04 -9.17 -14.72
N ARG F 144 -30.10 -8.61 -14.14
CA ARG F 144 -31.41 -9.29 -14.04
C ARG F 144 -32.01 -9.67 -15.40
N GLU F 145 -31.96 -8.76 -16.37
CA GLU F 145 -32.43 -9.07 -17.73
C GLU F 145 -31.61 -10.18 -18.41
N ALA F 146 -30.30 -10.19 -18.20
CA ALA F 146 -29.41 -11.24 -18.79
C ALA F 146 -29.72 -12.62 -18.20
N VAL F 147 -29.90 -12.68 -16.88
CA VAL F 147 -30.33 -13.91 -16.22
C VAL F 147 -31.72 -14.40 -16.68
N ASP F 148 -32.74 -13.54 -16.61
CA ASP F 148 -34.08 -13.85 -17.13
C ASP F 148 -34.00 -14.39 -18.54
N ALA F 149 -33.15 -13.78 -19.36
CA ALA F 149 -33.06 -14.21 -20.78
C ALA F 149 -32.45 -15.60 -20.94
N ALA F 150 -31.36 -15.88 -20.23
CA ALA F 150 -30.73 -17.20 -20.23
C ALA F 150 -31.72 -18.26 -19.70
N GLU F 151 -32.43 -17.93 -18.63
CA GLU F 151 -33.42 -18.82 -18.02
C GLU F 151 -34.57 -19.06 -18.99
N LYS F 152 -35.05 -18.01 -19.68
CA LYS F 152 -36.12 -18.14 -20.68
C LYS F 152 -35.70 -19.02 -21.86
N LEU F 153 -34.47 -18.83 -22.34
CA LEU F 153 -33.94 -19.62 -23.45
C LEU F 153 -33.36 -20.97 -23.00
N GLY F 154 -33.40 -21.24 -21.69
CA GLY F 154 -32.88 -22.50 -21.13
C GLY F 154 -31.39 -22.82 -21.31
N TYR F 155 -30.56 -21.78 -21.39
CA TYR F 155 -29.11 -21.95 -21.52
C TYR F 155 -28.43 -22.09 -20.16
N ARG F 156 -27.30 -22.77 -20.13
CA ARG F 156 -26.57 -22.90 -18.88
C ARG F 156 -25.72 -21.67 -18.55
N TYR F 157 -25.88 -21.14 -17.34
CA TYR F 157 -25.15 -19.94 -16.98
C TYR F 157 -24.82 -19.98 -15.49
N LYS F 158 -23.87 -19.15 -15.07
CA LYS F 158 -23.66 -18.88 -13.64
C LYS F 158 -23.49 -17.35 -13.52
N VAL F 159 -24.04 -16.74 -12.48
CA VAL F 159 -23.79 -15.32 -12.25
C VAL F 159 -22.96 -15.17 -10.98
N GLY F 160 -21.92 -14.35 -11.06
CA GLY F 160 -21.07 -14.11 -9.88
C GLY F 160 -19.87 -13.23 -10.20
N ASN F 161 -18.74 -13.51 -9.56
CA ASN F 161 -17.58 -12.62 -9.62
C ASN F 161 -16.69 -13.07 -10.75
N ILE F 162 -16.23 -12.15 -11.58
CA ILE F 162 -15.14 -12.43 -12.49
C ILE F 162 -13.90 -11.67 -12.09
N TYR F 163 -12.78 -11.96 -12.76
CA TYR F 163 -11.51 -11.29 -12.46
C TYR F 163 -10.92 -10.67 -13.69
N SER F 164 -10.67 -9.37 -13.60
CA SER F 164 -10.14 -8.59 -14.72
C SER F 164 -8.63 -8.42 -14.47
N ALA F 165 -7.83 -9.29 -15.10
CA ALA F 165 -6.38 -9.29 -14.87
C ALA F 165 -5.66 -8.30 -15.79
N ASN F 166 -4.46 -7.88 -15.42
CA ASN F 166 -3.60 -7.09 -16.29
C ASN F 166 -2.65 -7.95 -17.15
N TYR F 167 -2.68 -9.25 -16.95
CA TYR F 167 -1.77 -10.17 -17.63
C TYR F 167 -2.54 -11.31 -18.26
N PHE F 168 -2.02 -11.81 -19.36
CA PHE F 168 -2.51 -13.02 -19.97
C PHE F 168 -1.52 -14.11 -19.56
N TYR F 169 -0.22 -13.81 -19.65
CA TYR F 169 0.83 -14.74 -19.25
C TYR F 169 1.27 -14.45 -17.82
N ASP F 170 1.15 -15.46 -16.96
CA ASP F 170 1.46 -15.27 -15.53
C ASP F 170 2.93 -15.63 -15.27
N ASP F 171 3.71 -14.69 -14.72
CA ASP F 171 5.11 -14.97 -14.35
C ASP F 171 5.18 -15.97 -13.18
N GLY F 172 4.11 -16.05 -12.39
CA GLY F 172 4.01 -17.08 -11.35
C GLY F 172 2.79 -17.98 -11.53
N ASP F 173 2.14 -18.34 -10.43
CA ASP F 173 0.77 -18.83 -10.48
C ASP F 173 0.01 -18.10 -9.39
N HIS F 174 -0.81 -17.15 -9.83
CA HIS F 174 -1.49 -16.25 -8.95
C HIS F 174 -2.96 -16.51 -8.96
N SER F 175 -3.38 -17.66 -9.46
CA SER F 175 -4.81 -17.92 -9.62
C SER F 175 -5.45 -18.50 -8.37
N GLY F 176 -4.62 -19.14 -7.54
CA GLY F 176 -5.10 -19.87 -6.34
C GLY F 176 -5.94 -19.04 -5.39
N ALA F 177 -5.49 -17.84 -5.09
CA ALA F 177 -6.28 -16.99 -4.18
C ALA F 177 -7.67 -16.62 -4.74
N TRP F 178 -7.76 -16.41 -6.05
CA TRP F 178 -9.03 -15.99 -6.64
C TRP F 178 -9.99 -17.17 -6.64
N LYS F 179 -9.45 -18.33 -6.95
CA LYS F 179 -10.22 -19.58 -6.90
C LYS F 179 -10.80 -19.82 -5.50
N LYS F 180 -9.97 -19.67 -4.48
CA LYS F 180 -10.44 -19.80 -3.09
C LYS F 180 -11.57 -18.81 -2.74
N MET F 181 -11.55 -17.61 -3.33
CA MET F 181 -12.57 -16.58 -3.10
C MET F 181 -13.88 -16.80 -3.87
N GLY F 182 -13.93 -17.84 -4.69
CA GLY F 182 -15.15 -18.11 -5.45
C GLY F 182 -15.26 -17.40 -6.77
N VAL F 183 -14.19 -16.75 -7.22
CA VAL F 183 -14.25 -16.09 -8.53
C VAL F 183 -14.50 -17.13 -9.66
N LEU F 184 -15.39 -16.80 -10.60
CA LEU F 184 -15.83 -17.78 -11.61
C LEU F 184 -14.89 -17.93 -12.79
N ALA F 185 -14.29 -16.83 -13.24
CA ALA F 185 -13.62 -16.78 -14.54
C ALA F 185 -12.71 -15.56 -14.65
N VAL F 186 -11.72 -15.63 -15.55
CA VAL F 186 -10.76 -14.54 -15.73
C VAL F 186 -10.84 -13.96 -17.14
N GLU F 187 -10.82 -12.63 -17.20
CA GLU F 187 -10.69 -11.92 -18.46
C GLU F 187 -9.80 -10.68 -18.19
N MET F 188 -9.90 -9.62 -18.99
CA MET F 188 -8.97 -8.49 -18.80
C MET F 188 -9.54 -7.09 -18.86
N GLU F 189 -10.87 -6.96 -18.81
CA GLU F 189 -11.52 -5.68 -19.12
C GLU F 189 -12.65 -5.21 -18.22
N ALA F 190 -13.47 -6.14 -17.73
CA ALA F 190 -14.77 -5.82 -17.13
C ALA F 190 -14.70 -4.74 -16.06
N ALA F 191 -13.70 -4.85 -15.17
CA ALA F 191 -13.68 -3.96 -14.01
C ALA F 191 -13.58 -2.48 -14.41
N ALA F 192 -12.78 -2.19 -15.45
CA ALA F 192 -12.66 -0.82 -15.96
C ALA F 192 -14.00 -0.32 -16.48
N LEU F 193 -14.66 -1.14 -17.28
CA LEU F 193 -15.99 -0.80 -17.76
C LEU F 193 -17.00 -0.44 -16.62
N TYR F 194 -17.01 -1.28 -15.58
CA TYR F 194 -17.98 -1.15 -14.46
C TYR F 194 -17.71 0.12 -13.75
N MET F 195 -16.45 0.43 -13.51
CA MET F 195 -16.07 1.67 -12.81
C MET F 195 -16.47 2.93 -13.54
N ILE F 196 -16.15 2.95 -14.85
CA ILE F 196 -16.48 4.08 -15.70
C ILE F 196 -17.99 4.24 -15.78
N ALA F 197 -18.72 3.12 -15.96
CA ALA F 197 -20.20 3.16 -15.98
C ALA F 197 -20.77 3.74 -14.69
N ALA F 198 -20.24 3.28 -13.56
CA ALA F 198 -20.74 3.70 -12.26
C ALA F 198 -20.52 5.22 -12.08
N ARG F 199 -19.35 5.71 -12.49
CA ARG F 199 -19.02 7.12 -12.33
C ARG F 199 -19.97 7.95 -13.21
N ALA F 200 -20.27 7.43 -14.42
CA ALA F 200 -21.17 8.12 -15.35
C ALA F 200 -22.68 7.96 -15.05
N ARG F 201 -23.05 7.11 -14.09
CA ARG F 201 -24.44 6.74 -13.81
C ARG F 201 -25.11 6.08 -15.03
N LYS F 202 -24.38 5.17 -15.68
CA LYS F 202 -24.84 4.50 -16.87
C LYS F 202 -24.75 3.00 -16.57
N GLN F 203 -25.23 2.18 -17.48
CA GLN F 203 -25.37 0.75 -17.22
C GLN F 203 -24.33 -0.04 -18.02
N ALA F 204 -23.68 -1.00 -17.36
CA ALA F 204 -22.78 -1.88 -18.03
C ALA F 204 -22.96 -3.28 -17.50
N LEU F 205 -22.63 -4.24 -18.34
CA LEU F 205 -22.60 -5.64 -17.97
C LEU F 205 -21.57 -6.35 -18.85
N CYS F 206 -20.84 -7.29 -18.25
CA CYS F 206 -19.97 -8.15 -19.01
C CYS F 206 -20.51 -9.58 -18.97
N MET F 207 -20.62 -10.18 -20.17
CA MET F 207 -20.99 -11.58 -20.33
C MET F 207 -19.90 -12.32 -21.03
N LEU F 208 -19.68 -13.58 -20.66
CA LEU F 208 -18.55 -14.31 -21.13
C LEU F 208 -18.95 -15.73 -21.48
N THR F 209 -18.33 -16.28 -22.52
CA THR F 209 -18.42 -17.73 -22.78
C THR F 209 -17.12 -18.42 -22.35
N ILE F 210 -17.23 -19.56 -21.67
CA ILE F 210 -16.02 -20.22 -21.18
C ILE F 210 -15.40 -20.97 -22.36
N SER F 211 -14.13 -20.71 -22.63
CA SER F 211 -13.41 -21.31 -23.76
C SER F 211 -12.10 -22.04 -23.32
N ASP F 212 -11.59 -21.72 -22.13
CA ASP F 212 -10.40 -22.38 -21.57
C ASP F 212 -10.75 -22.80 -20.14
N LEU F 213 -10.14 -23.90 -19.67
CA LEU F 213 -10.33 -24.36 -18.28
C LEU F 213 -9.08 -24.22 -17.38
N CYS F 214 -8.94 -23.09 -16.69
CA CYS F 214 -7.79 -22.86 -15.80
C CYS F 214 -7.93 -23.63 -14.47
N ARG F 226 -18.04 -24.45 -30.35
CA ARG F 226 -17.66 -23.11 -29.90
C ARG F 226 -18.49 -22.02 -30.59
N ARG F 227 -18.77 -22.22 -31.87
CA ARG F 227 -19.60 -21.29 -32.65
C ARG F 227 -21.06 -21.33 -32.16
N THR F 228 -21.59 -22.55 -31.96
CA THR F 228 -22.91 -22.76 -31.39
C THR F 228 -23.01 -22.25 -29.94
N LYS F 229 -21.98 -22.54 -29.13
CA LYS F 229 -21.93 -22.06 -27.75
C LYS F 229 -21.91 -20.52 -27.76
N PHE F 230 -20.91 -19.93 -28.44
CA PHE F 230 -20.79 -18.47 -28.58
C PHE F 230 -22.06 -17.76 -29.08
N THR F 231 -22.70 -18.35 -30.08
CA THR F 231 -23.98 -17.86 -30.61
C THR F 231 -25.04 -17.79 -29.53
N GLN F 232 -25.07 -18.80 -28.65
CA GLN F 232 -25.99 -18.76 -27.52
C GLN F 232 -25.70 -17.55 -26.60
N MET F 233 -24.44 -17.27 -26.28
CA MET F 233 -24.10 -16.05 -25.53
C MET F 233 -24.62 -14.80 -26.25
N MET F 234 -24.53 -14.79 -27.58
CA MET F 234 -25.05 -13.67 -28.36
C MET F 234 -26.54 -13.41 -28.18
N GLU F 235 -27.33 -14.48 -28.18
CA GLU F 235 -28.78 -14.37 -28.02
C GLU F 235 -29.14 -13.79 -26.65
N VAL F 236 -28.37 -14.12 -25.62
CA VAL F 236 -28.60 -13.51 -24.31
C VAL F 236 -28.27 -12.01 -24.39
N ALA F 237 -27.11 -11.68 -24.95
CA ALA F 237 -26.63 -10.31 -25.00
C ALA F 237 -27.54 -9.41 -25.82
N LEU F 238 -27.93 -9.91 -27.00
CA LEU F 238 -28.73 -9.13 -27.94
C LEU F 238 -30.11 -8.85 -27.37
N SER F 239 -30.61 -9.74 -26.52
CA SER F 239 -31.91 -9.53 -25.89
C SER F 239 -31.89 -8.33 -24.94
N LEU F 240 -30.70 -7.76 -24.71
CA LEU F 240 -30.57 -6.60 -23.87
C LEU F 240 -30.56 -5.28 -24.66
N ALA F 241 -30.62 -5.36 -25.98
CA ALA F 241 -30.54 -4.15 -26.82
C ALA F 241 -31.76 -3.25 -26.65
N LYS F 242 -31.53 -1.95 -26.45
CA LYS F 242 -32.67 -1.01 -26.30
C LYS F 242 -32.48 0.32 -27.05
O5' ADN G . -4.46 7.63 -27.65
C5' ADN G . -3.72 7.13 -26.52
C4' ADN G . -2.46 6.49 -27.06
O4' ADN G . -1.53 7.46 -27.53
C3' ADN G . -1.78 5.68 -25.97
O3' ADN G . -1.63 4.37 -26.53
C2' ADN G . -0.49 6.43 -25.64
O2' ADN G . 0.67 5.62 -25.81
C1' ADN G . -0.39 7.61 -26.63
N9 ADN G . -0.47 8.98 -26.03
C8 ADN G . -0.16 10.12 -26.69
N7 ADN G . -0.40 11.22 -25.92
C5 ADN G . -0.89 10.81 -24.73
C6 ADN G . -1.35 11.44 -23.46
N6 ADN G . -1.33 12.79 -23.30
N1 ADN G . -1.80 10.64 -22.46
C2 ADN G . -1.83 9.29 -22.58
N3 ADN G . -1.42 8.66 -23.71
C4 ADN G . -0.95 9.33 -24.81
N NO3 H . 14.38 -15.58 -35.52
O1 NO3 H . 14.67 -16.39 -34.42
O2 NO3 H . 14.07 -14.22 -35.35
O3 NO3 H . 14.41 -16.08 -36.63
O5' ADN I . 28.43 -1.21 4.87
C5' ADN I . 27.24 -0.59 4.33
C4' ADN I . 27.62 0.18 3.07
O4' ADN I . 28.17 -0.72 2.09
C3' ADN I . 26.39 0.84 2.43
O3' ADN I . 26.52 2.28 2.49
C2' ADN I . 26.32 0.32 1.01
O2' ADN I . 26.46 1.40 0.10
C1' ADN I . 27.50 -0.65 0.82
N9 ADN I . 27.18 -2.08 0.55
C8 ADN I . 28.08 -2.95 0.05
N7 ADN I . 27.56 -4.18 -0.06
C5 ADN I . 26.29 -4.14 0.39
C6 ADN I . 25.18 -5.11 0.54
N6 ADN I . 25.32 -6.41 0.20
N1 ADN I . 23.99 -4.67 1.03
C2 ADN I . 23.83 -3.38 1.37
N3 ADN I . 24.80 -2.45 1.25
C4 ADN I . 26.03 -2.76 0.79
N NO3 J . 29.29 27.40 -6.96
O1 NO3 J . 30.27 26.68 -6.78
O2 NO3 J . 28.85 27.65 -8.27
O3 NO3 J . 28.62 27.99 -5.88
O5' ADN K . 20.05 16.72 11.49
C5' ADN K . 19.26 15.53 11.43
C4' ADN K . 19.60 14.71 12.66
O4' ADN K . 19.14 15.39 13.83
C3' ADN K . 18.86 13.39 12.61
O3' ADN K . 19.79 12.33 12.87
C2' ADN K . 17.76 13.51 13.65
O2' ADN K . 17.84 12.43 14.58
C1' ADN K . 17.91 14.87 14.35
N9 ADN K . 16.88 15.92 14.10
C8 ADN K . 16.80 17.10 14.76
N7 ADN K . 15.77 17.87 14.33
C5 ADN K . 15.17 17.19 13.32
C6 ADN K . 14.04 17.44 12.39
N6 ADN K . 13.32 18.58 12.45
N1 ADN K . 13.72 16.49 11.50
C2 ADN K . 14.42 15.33 11.39
N3 ADN K . 15.45 15.04 12.21
C4 ADN K . 15.88 15.91 13.17
N NO3 L . 29.94 -8.11 26.99
O1 NO3 L . 30.36 -6.99 27.70
O2 NO3 L . 30.82 -8.76 26.13
O3 NO3 L . 28.81 -8.54 27.15
O5' ADN M . -13.21 -13.82 21.31
C5' ADN M . -12.99 -12.52 20.74
C4' ADN M . -12.90 -11.45 21.84
O4' ADN M . -12.07 -11.88 22.91
C3' ADN M . -12.27 -10.19 21.27
O3' ADN M . -13.09 -9.06 21.62
C2' ADN M . -10.85 -10.18 21.81
O2' ADN M . -10.57 -8.93 22.42
C1' ADN M . -10.78 -11.29 22.88
N9 ADN M . -9.84 -12.42 22.61
C8 ADN M . -9.45 -13.32 23.56
N7 ADN M . -8.59 -14.23 23.05
C5 ADN M . -8.46 -13.95 21.73
C6 ADN M . -7.69 -14.51 20.61
N6 ADN M . -6.94 -15.63 20.79
N1 ADN M . -7.77 -13.91 19.39
C2 ADN M . -8.54 -12.82 19.18
N3 ADN M . -9.26 -12.26 20.18
C4 ADN M . -9.26 -12.76 21.45
P PO4 N . -12.74 -9.04 25.55
O1 PO4 N . -11.33 -8.93 24.96
O2 PO4 N . -12.94 -7.94 26.61
O3 PO4 N . -12.82 -10.41 26.24
O4 PO4 N . -13.80 -8.90 24.46
N NO3 O . -18.18 14.42 33.44
O1 NO3 O . -19.53 14.82 33.50
O2 NO3 O . -17.29 15.14 32.64
O3 NO3 O . -17.75 13.47 34.09
N NO3 P . -20.96 20.76 28.62
O1 NO3 P . -19.84 21.09 29.01
O2 NO3 P . -21.14 20.10 27.37
O3 NO3 P . -22.05 21.09 29.45
O5' ADN Q . -24.76 2.90 14.56
C5' ADN Q . -23.91 1.89 14.00
C4' ADN Q . -24.61 0.85 13.18
O4' ADN Q . -25.50 1.51 12.28
C3' ADN Q . -23.53 0.17 12.36
O3' ADN Q . -23.38 -1.22 12.69
C2' ADN Q . -23.88 0.47 10.90
O2' ADN Q . -24.13 -0.76 10.22
C1' ADN Q . -25.14 1.38 10.89
N9 ADN Q . -25.04 2.79 10.38
C8 ADN Q . -26.09 3.64 10.26
N7 ADN Q . -25.73 4.87 9.80
C5 ADN Q . -24.38 4.83 9.59
C6 ADN Q . -23.34 5.78 9.13
N6 ADN Q . -23.64 7.06 8.75
N1 ADN Q . -22.06 5.33 9.07
C2 ADN Q . -21.72 4.07 9.43
N3 ADN Q . -22.63 3.18 9.86
C4 ADN Q . -23.94 3.48 9.97
N NO3 R . -28.58 -26.95 10.02
O1 NO3 R . -29.92 -26.74 10.37
O2 NO3 R . -27.86 -25.88 9.46
O3 NO3 R . -28.05 -28.03 10.22
O5' ADN S . -6.47 -12.94 -25.30
C5' ADN S . -6.72 -11.87 -24.37
C4' ADN S . -8.16 -11.42 -24.45
O4' ADN S . -9.05 -12.52 -24.24
C3' ADN S . -8.38 -10.44 -23.32
O3' ADN S . -8.80 -9.23 -23.95
C2' ADN S . -9.40 -11.12 -22.39
O2' ADN S . -10.63 -10.39 -22.31
C1' ADN S . -9.73 -12.49 -22.97
N9 ADN S . -9.26 -13.72 -22.22
C8 ADN S . -9.69 -14.97 -22.54
N7 ADN S . -9.11 -15.91 -21.73
C5 ADN S . -8.28 -15.28 -20.87
C6 ADN S . -7.37 -15.68 -19.77
N6 ADN S . -7.22 -16.99 -19.42
N1 ADN S . -6.65 -14.73 -19.10
C2 ADN S . -6.80 -13.45 -19.45
N3 ADN S . -7.61 -13.03 -20.44
C4 ADN S . -8.38 -13.84 -21.19
N NO3 T . -27.66 9.31 -28.89
O1 NO3 T . -28.67 9.07 -27.95
O2 NO3 T . -26.95 10.52 -28.85
O3 NO3 T . -27.41 8.49 -29.75
#